data_8SUN
#
_entry.id   8SUN
#
loop_
_entity.id
_entity.type
_entity.pdbx_description
1 polymer Anoctamin-6
2 non-polymer 2-acetamido-2-deoxy-beta-D-glucopyranose
3 non-polymer 'CALCIUM ION'
4 non-polymer 1-Hydroxy-3-(trifluoromethyl)pyrido[1,2-a]benzimidazole-4-carbonitrile
#
_entity_poly.entity_id   1
_entity_poly.type   'polypeptide(L)'
_entity_poly.pdbx_seq_one_letter_code
;FEEFNGKPDSLFFTDGQRRIDFILVYEDESKKENNKKGTNEKQKRKRQAYESNLICHGLQLEATRSVSDDKLVFVKVHAP
WEVLCYYAEIMHIKLPLKPNDLKTRSPFGNLNWFTKVLRVNESVIKPEQEFFTAPFEKSRMNDFYILDRDSFFNPATRSR
IVYFILSRVKYQVMNNVNKFGINRLVSSGIYKAAFPLHDCRFNYESEDISCPSERYLLYREWAHPRSIYKKQPLDLIRKY
YGEKIGIYFAWLGYYTQMLLLAAVVGVACFLYGYLDQDNCTWSKEVCDPDIGGQILMCPQCDRLCPFWRLNITCESSKKL
CIFDSFGTLIFAVFMGVWVTLFLEFWKRRQAELEYEWDTVELQQEEQARPEYEAQCNHVVINEITQEEERIPFTTCGKCI
RVTLCASAVFFWILLIIASVIGIIVYRLSVFIVFSTTLPKNPNGTDPIQKYLTPQMATSITASIISFIIIMILNTIYEKV
AIMITNFELPRTQTDYENSLTMKMFLFQFVNYYSSCFYIAFFKGKFVGYPGDPVYLLGKYRSEECDPGGCLLELTTQLTI
IMGGKAIWNNIQEVLLPWVMNLIGRYKRVSGSEKITPRWEQDYHLQPMGKLGLFYEYLEMIIQFGFVTLFVASFPLAPLL
ALVNNILEIRVDAWKLTTQFRRMVPEKAQDIGAWQPIMQGIAILAVVTNAMIIAFTSDMIPRLVYYWSFSIPPYGDHTYY
TMDGYINNTLSVFNITDFKNTDKENPYIGLGNYTLCRYRDFRNPPGHPQEYKHNIYYWHVIAAKLAFIIVMEHIIYSVKF
FISYAIPDVSKITKSKIKRE
;
_entity_poly.pdbx_strand_id   A,B
#
# COMPACT_ATOMS: atom_id res chain seq x y z
N PRO A 8 -15.46 -39.87 -45.22
CA PRO A 8 -16.26 -38.66 -45.37
C PRO A 8 -15.82 -37.54 -44.43
N ASP A 9 -14.51 -37.47 -44.17
CA ASP A 9 -13.96 -36.49 -43.25
C ASP A 9 -14.61 -36.58 -41.87
N SER A 10 -14.88 -37.81 -41.44
CA SER A 10 -15.54 -38.04 -40.16
C SER A 10 -14.56 -37.83 -39.01
N LEU A 11 -15.12 -37.55 -37.83
CA LEU A 11 -14.30 -37.35 -36.64
C LEU A 11 -14.04 -38.65 -35.90
N PHE A 12 -14.50 -39.78 -36.43
CA PHE A 12 -14.33 -41.08 -35.82
C PHE A 12 -13.62 -42.03 -36.77
N PHE A 13 -13.13 -43.13 -36.21
CA PHE A 13 -12.43 -44.13 -37.01
C PHE A 13 -13.38 -44.77 -38.01
N THR A 14 -12.80 -45.24 -39.12
CA THR A 14 -13.60 -45.90 -40.15
C THR A 14 -14.34 -47.10 -39.56
N ASP A 15 -15.61 -47.23 -39.94
CA ASP A 15 -16.50 -48.28 -39.44
C ASP A 15 -16.28 -48.53 -37.95
N GLY A 16 -16.11 -47.45 -37.19
CA GLY A 16 -15.92 -47.54 -35.76
C GLY A 16 -16.34 -46.28 -35.05
N GLN A 17 -17.15 -46.41 -33.99
CA GLN A 17 -17.65 -45.26 -33.25
C GLN A 17 -16.66 -44.90 -32.14
N ARG A 18 -15.45 -44.54 -32.58
CA ARG A 18 -14.38 -44.15 -31.66
C ARG A 18 -13.74 -42.87 -32.18
N ARG A 19 -13.60 -41.89 -31.30
CA ARG A 19 -13.19 -40.54 -31.69
C ARG A 19 -11.68 -40.36 -31.50
N ILE A 20 -11.10 -39.53 -32.38
CA ILE A 20 -9.66 -39.33 -32.44
C ILE A 20 -9.23 -38.32 -31.39
N ASP A 21 -7.94 -38.36 -31.02
CA ASP A 21 -7.42 -37.38 -30.07
C ASP A 21 -6.05 -36.84 -30.50
N PHE A 22 -5.30 -37.60 -31.30
CA PHE A 22 -4.07 -37.12 -31.90
C PHE A 22 -3.80 -37.83 -33.22
N ILE A 23 -2.97 -37.18 -34.04
CA ILE A 23 -2.47 -37.73 -35.30
C ILE A 23 -0.96 -37.80 -35.17
N LEU A 24 -0.41 -39.01 -35.26
CA LEU A 24 1.02 -39.23 -35.22
C LEU A 24 1.50 -39.48 -36.65
N VAL A 25 1.90 -38.42 -37.33
CA VAL A 25 2.37 -38.49 -38.71
C VAL A 25 3.81 -38.99 -38.72
N TYR A 26 4.06 -40.06 -39.46
CA TYR A 26 5.40 -40.63 -39.58
C TYR A 26 5.69 -40.92 -41.05
N GLU A 27 6.89 -40.54 -41.48
CA GLU A 27 7.34 -40.78 -42.84
C GLU A 27 8.19 -42.04 -42.87
N ASP A 28 7.81 -42.98 -43.74
CA ASP A 28 8.58 -44.22 -43.88
C ASP A 28 10.00 -43.91 -44.30
N GLU A 29 10.97 -44.55 -43.62
CA GLU A 29 12.37 -44.35 -43.93
C GLU A 29 12.74 -44.91 -45.30
N SER A 30 11.94 -45.82 -45.86
CA SER A 30 12.21 -46.35 -47.18
C SER A 30 12.00 -45.32 -48.28
N LYS A 31 11.41 -44.17 -47.97
CA LYS A 31 11.17 -43.13 -48.96
C LYS A 31 10.23 -43.62 -50.04
N ASN A 40 21.44 -45.63 -39.63
CA ASN A 40 20.56 -45.04 -38.64
C ASN A 40 19.29 -45.88 -38.47
N GLU A 41 19.41 -47.18 -38.76
CA GLU A 41 18.27 -48.08 -38.59
C GLU A 41 17.84 -48.20 -37.14
N LYS A 42 18.72 -47.86 -36.20
CA LYS A 42 18.34 -47.90 -34.79
C LYS A 42 17.20 -46.92 -34.50
N GLN A 43 17.17 -45.81 -35.22
CA GLN A 43 16.03 -44.89 -35.09
C GLN A 43 14.71 -45.52 -35.55
N LYS A 44 14.73 -46.24 -36.67
CA LYS A 44 13.53 -46.93 -37.12
C LYS A 44 13.11 -48.00 -36.11
N ARG A 45 14.09 -48.74 -35.57
CA ARG A 45 13.77 -49.74 -34.56
C ARG A 45 13.15 -49.10 -33.33
N LYS A 46 13.68 -47.94 -32.91
CA LYS A 46 13.12 -47.24 -31.75
C LYS A 46 11.70 -46.77 -32.03
N ARG A 47 11.46 -46.27 -33.25
CA ARG A 47 10.11 -45.86 -33.61
C ARG A 47 9.15 -47.04 -33.56
N GLN A 48 9.57 -48.18 -34.12
CA GLN A 48 8.71 -49.37 -34.11
C GLN A 48 8.44 -49.83 -32.67
N ALA A 49 9.46 -49.82 -31.83
CA ALA A 49 9.28 -50.22 -30.43
C ALA A 49 8.33 -49.27 -29.71
N TYR A 50 8.47 -47.97 -29.94
CA TYR A 50 7.58 -47.01 -29.29
C TYR A 50 6.14 -47.21 -29.75
N GLU A 51 5.93 -47.43 -31.05
CA GLU A 51 4.58 -47.68 -31.53
C GLU A 51 4.01 -48.96 -30.92
N SER A 52 4.82 -50.01 -30.85
CA SER A 52 4.36 -51.26 -30.26
C SER A 52 3.97 -51.06 -28.79
N ASN A 53 4.80 -50.32 -28.04
CA ASN A 53 4.48 -50.05 -26.65
C ASN A 53 3.19 -49.25 -26.53
N LEU A 54 3.02 -48.23 -27.36
CA LEU A 54 1.81 -47.42 -27.32
C LEU A 54 0.58 -48.28 -27.58
N ILE A 55 0.66 -49.18 -28.56
CA ILE A 55 -0.45 -50.09 -28.83
C ILE A 55 -0.69 -51.00 -27.63
N CYS A 56 0.40 -51.48 -27.02
CA CYS A 56 0.28 -52.45 -25.92
C CYS A 56 -0.34 -51.82 -24.68
N HIS A 57 -0.13 -50.52 -24.46
CA HIS A 57 -0.70 -49.87 -23.28
C HIS A 57 -2.22 -49.87 -23.30
N GLY A 58 -2.84 -50.16 -24.43
CA GLY A 58 -4.29 -50.21 -24.51
C GLY A 58 -4.87 -49.05 -25.28
N LEU A 59 -4.16 -48.61 -26.32
CA LEU A 59 -4.60 -47.51 -27.16
C LEU A 59 -4.85 -48.03 -28.56
N GLN A 60 -6.06 -47.79 -29.08
CA GLN A 60 -6.38 -48.23 -30.43
C GLN A 60 -5.70 -47.33 -31.45
N LEU A 61 -5.27 -47.94 -32.56
CA LEU A 61 -4.46 -47.25 -33.55
C LEU A 61 -4.86 -47.69 -34.94
N GLU A 62 -4.92 -46.75 -35.88
CA GLU A 62 -5.11 -47.05 -37.29
C GLU A 62 -4.01 -46.35 -38.08
N ALA A 63 -3.63 -46.96 -39.20
CA ALA A 63 -2.61 -46.41 -40.09
C ALA A 63 -3.27 -46.00 -41.41
N THR A 64 -3.03 -44.76 -41.82
CA THR A 64 -3.60 -44.23 -43.05
C THR A 64 -2.51 -43.56 -43.87
N ARG A 65 -2.47 -43.85 -45.16
CA ARG A 65 -1.53 -43.21 -46.06
C ARG A 65 -2.13 -41.93 -46.64
N SER A 66 -1.31 -40.88 -46.70
CA SER A 66 -1.79 -39.60 -47.21
C SER A 66 -2.32 -39.75 -48.62
N VAL A 67 -3.48 -39.13 -48.88
CA VAL A 67 -4.10 -39.22 -50.21
C VAL A 67 -3.20 -38.57 -51.25
N SER A 68 -2.68 -37.38 -50.94
CA SER A 68 -1.82 -36.69 -51.90
C SER A 68 -0.54 -37.45 -52.17
N ASP A 69 0.10 -37.97 -51.12
CA ASP A 69 1.36 -38.70 -51.23
C ASP A 69 1.24 -40.01 -50.46
N ASP A 70 1.58 -41.12 -51.11
CA ASP A 70 1.52 -42.42 -50.46
C ASP A 70 2.70 -42.64 -49.52
N LYS A 71 3.79 -41.88 -49.68
CA LYS A 71 4.97 -42.08 -48.85
C LYS A 71 4.66 -41.79 -47.38
N LEU A 72 3.91 -40.73 -47.11
CA LEU A 72 3.61 -40.34 -45.74
C LEU A 72 2.44 -41.17 -45.21
N VAL A 73 2.61 -41.69 -43.99
CA VAL A 73 1.59 -42.50 -43.32
C VAL A 73 1.31 -41.87 -41.96
N PHE A 74 0.02 -41.72 -41.65
CA PHE A 74 -0.40 -41.12 -40.39
C PHE A 74 -0.77 -42.20 -39.39
N VAL A 75 -0.37 -42.00 -38.13
CA VAL A 75 -0.67 -42.92 -37.04
C VAL A 75 -1.71 -42.26 -36.15
N LYS A 76 -2.87 -42.90 -36.01
CA LYS A 76 -3.98 -42.36 -35.24
C LYS A 76 -4.05 -43.02 -33.87
N VAL A 77 -4.64 -42.31 -32.92
CA VAL A 77 -4.86 -42.83 -31.57
C VAL A 77 -6.26 -42.45 -31.12
N HIS A 78 -6.76 -43.17 -30.13
CA HIS A 78 -8.09 -42.95 -29.57
C HIS A 78 -7.99 -43.10 -28.06
N ALA A 79 -9.15 -43.21 -27.41
CA ALA A 79 -9.21 -43.32 -25.94
C ALA A 79 -10.33 -44.29 -25.56
N PRO A 80 -10.01 -45.55 -25.24
CA PRO A 80 -11.04 -46.45 -24.72
C PRO A 80 -11.67 -45.89 -23.45
N TRP A 81 -12.98 -46.09 -23.31
CA TRP A 81 -13.71 -45.43 -22.23
C TRP A 81 -13.24 -45.89 -20.86
N GLU A 82 -13.19 -47.20 -20.64
CA GLU A 82 -12.88 -47.71 -19.31
C GLU A 82 -11.48 -47.30 -18.86
N VAL A 83 -10.47 -47.58 -19.71
CA VAL A 83 -9.09 -47.31 -19.33
C VAL A 83 -8.86 -45.79 -19.21
N LEU A 84 -9.39 -45.02 -20.17
CA LEU A 84 -9.21 -43.57 -20.11
C LEU A 84 -9.86 -42.99 -18.86
N CYS A 85 -11.07 -43.44 -18.53
CA CYS A 85 -11.74 -42.95 -17.32
C CYS A 85 -10.96 -43.33 -16.07
N TYR A 86 -10.45 -44.57 -16.01
CA TYR A 86 -9.68 -44.99 -14.84
C TYR A 86 -8.42 -44.15 -14.68
N TYR A 87 -7.71 -43.91 -15.78
CA TYR A 87 -6.48 -43.14 -15.71
C TYR A 87 -6.73 -41.66 -15.45
N ALA A 88 -7.89 -41.14 -15.86
CA ALA A 88 -8.23 -39.77 -15.51
C ALA A 88 -8.59 -39.65 -14.04
N GLU A 89 -9.34 -40.62 -13.51
CA GLU A 89 -9.70 -40.61 -12.10
C GLU A 89 -8.51 -40.97 -11.21
N ILE A 90 -7.43 -41.50 -11.79
CA ILE A 90 -6.25 -41.83 -11.00
C ILE A 90 -5.73 -40.58 -10.28
N MET A 91 -5.67 -39.46 -11.00
CA MET A 91 -5.22 -38.21 -10.43
C MET A 91 -6.40 -37.25 -10.28
N HIS A 92 -6.09 -36.02 -9.85
CA HIS A 92 -7.12 -35.03 -9.54
C HIS A 92 -7.66 -34.36 -10.80
N ILE A 93 -8.62 -35.01 -11.46
CA ILE A 93 -9.33 -34.43 -12.60
C ILE A 93 -10.81 -34.56 -12.33
N LYS A 94 -11.50 -33.43 -12.26
CA LYS A 94 -12.92 -33.39 -11.94
C LYS A 94 -13.75 -33.12 -13.19
N LEU A 95 -15.05 -33.00 -13.03
CA LEU A 95 -15.93 -32.74 -14.17
C LEU A 95 -15.60 -31.37 -14.76
N PRO A 96 -15.62 -31.22 -16.10
CA PRO A 96 -15.31 -29.91 -16.70
C PRO A 96 -16.21 -28.80 -16.18
N ALA A 134 -22.07 -32.77 -12.17
CA ALA A 134 -21.75 -33.33 -10.88
C ALA A 134 -20.36 -33.98 -10.90
N PRO A 135 -19.76 -34.20 -9.72
CA PRO A 135 -18.42 -34.80 -9.70
C PRO A 135 -18.40 -36.17 -10.35
N PHE A 136 -17.29 -36.46 -11.01
CA PHE A 136 -17.10 -37.74 -11.67
C PHE A 136 -16.42 -38.72 -10.72
N GLU A 137 -16.98 -39.92 -10.61
CA GLU A 137 -16.43 -40.95 -9.74
C GLU A 137 -16.96 -42.30 -10.19
N LYS A 138 -16.05 -43.28 -10.29
CA LYS A 138 -16.42 -44.58 -10.83
C LYS A 138 -17.32 -45.36 -9.88
N SER A 139 -17.67 -44.77 -8.73
CA SER A 139 -18.64 -45.39 -7.84
C SER A 139 -20.05 -44.83 -8.05
N ARG A 140 -20.21 -43.82 -8.90
CA ARG A 140 -21.47 -43.10 -9.05
C ARG A 140 -21.90 -42.98 -10.51
N MET A 141 -21.86 -44.08 -11.26
CA MET A 141 -22.29 -44.03 -12.66
C MET A 141 -23.77 -43.66 -12.76
N ASN A 142 -24.63 -44.36 -12.01
CA ASN A 142 -26.07 -44.16 -12.13
C ASN A 142 -26.57 -42.98 -11.30
N ASP A 143 -25.78 -42.47 -10.35
CA ASP A 143 -26.26 -41.37 -9.52
C ASP A 143 -26.52 -40.12 -10.36
N PHE A 144 -25.63 -39.81 -11.30
CA PHE A 144 -25.77 -38.64 -12.15
C PHE A 144 -25.99 -39.07 -13.59
N TYR A 145 -26.99 -38.47 -14.24
CA TYR A 145 -27.29 -38.81 -15.62
C TYR A 145 -26.11 -38.47 -16.52
N ILE A 146 -25.88 -39.31 -17.52
CA ILE A 146 -24.82 -39.12 -18.50
C ILE A 146 -25.47 -38.94 -19.86
N LEU A 147 -25.08 -37.88 -20.58
CA LEU A 147 -25.66 -37.62 -21.89
C LEU A 147 -25.38 -38.78 -22.84
N ASP A 148 -24.18 -39.35 -22.78
CA ASP A 148 -23.83 -40.52 -23.57
C ASP A 148 -22.57 -41.14 -22.96
N ARG A 149 -22.61 -42.46 -22.80
CA ARG A 149 -21.50 -43.15 -22.13
C ARG A 149 -20.24 -43.20 -22.98
N ASP A 150 -20.30 -42.76 -24.24
CA ASP A 150 -19.14 -42.75 -25.12
C ASP A 150 -18.62 -41.36 -25.42
N SER A 151 -19.44 -40.31 -25.25
CA SER A 151 -19.03 -38.95 -25.57
C SER A 151 -19.41 -37.96 -24.47
N PHE A 152 -19.56 -38.42 -23.24
CA PHE A 152 -19.88 -37.50 -22.15
C PHE A 152 -18.75 -36.52 -21.91
N PHE A 153 -17.52 -37.01 -21.90
CA PHE A 153 -16.37 -36.14 -21.65
C PHE A 153 -16.23 -35.11 -22.77
N ASN A 154 -15.95 -33.88 -22.40
CA ASN A 154 -15.74 -32.83 -23.38
C ASN A 154 -14.57 -33.23 -24.28
N PRO A 155 -14.70 -33.11 -25.61
CA PRO A 155 -13.58 -33.51 -26.47
C PRO A 155 -12.27 -32.84 -26.09
N ALA A 156 -12.32 -31.58 -25.67
CA ALA A 156 -11.11 -30.90 -25.20
C ALA A 156 -10.52 -31.63 -23.99
N THR A 157 -11.37 -32.05 -23.07
CA THR A 157 -10.89 -32.75 -21.88
C THR A 157 -10.28 -34.10 -22.23
N ARG A 158 -10.90 -34.84 -23.15
CA ARG A 158 -10.33 -36.11 -23.58
C ARG A 158 -8.98 -35.89 -24.26
N SER A 159 -8.88 -34.85 -25.09
CA SER A 159 -7.59 -34.51 -25.68
C SER A 159 -6.56 -34.20 -24.61
N ARG A 160 -6.96 -33.46 -23.58
CA ARG A 160 -6.03 -33.13 -22.50
C ARG A 160 -5.53 -34.39 -21.80
N ILE A 161 -6.44 -35.30 -21.47
CA ILE A 161 -6.04 -36.49 -20.71
C ILE A 161 -5.11 -37.36 -21.55
N VAL A 162 -5.47 -37.59 -22.82
CA VAL A 162 -4.59 -38.40 -23.65
C VAL A 162 -3.26 -37.69 -23.87
N TYR A 163 -3.25 -36.36 -23.93
CA TYR A 163 -1.99 -35.64 -24.02
C TYR A 163 -1.13 -35.92 -22.81
N PHE A 164 -1.75 -35.92 -21.63
CA PHE A 164 -1.02 -36.25 -20.42
C PHE A 164 -0.44 -37.65 -20.50
N ILE A 165 -1.23 -38.60 -21.00
CA ILE A 165 -0.75 -39.97 -21.13
C ILE A 165 0.46 -40.03 -22.05
N LEU A 166 0.37 -39.36 -23.21
CA LEU A 166 1.52 -39.34 -24.11
C LEU A 166 2.72 -38.66 -23.47
N SER A 167 2.48 -37.60 -22.69
CA SER A 167 3.58 -36.93 -22.00
C SER A 167 4.28 -37.88 -21.05
N ARG A 168 3.51 -38.71 -20.34
CA ARG A 168 4.12 -39.70 -19.44
C ARG A 168 4.94 -40.73 -20.20
N VAL A 169 4.72 -40.88 -21.50
CA VAL A 169 5.40 -41.93 -22.26
C VAL A 169 6.88 -41.60 -22.41
N LYS A 170 7.72 -42.62 -22.30
CA LYS A 170 9.15 -42.51 -22.55
C LYS A 170 9.57 -43.66 -23.46
N TYR A 171 10.66 -43.44 -24.19
CA TYR A 171 11.14 -44.43 -25.16
C TYR A 171 11.32 -45.80 -24.51
N GLY A 181 8.95 -39.41 -25.44
CA GLY A 181 8.97 -37.99 -25.71
C GLY A 181 8.39 -37.65 -27.07
N ILE A 182 7.14 -37.17 -27.08
CA ILE A 182 6.48 -36.85 -28.33
C ILE A 182 7.22 -35.71 -29.03
N ASN A 183 7.46 -34.61 -28.31
CA ASN A 183 8.23 -33.51 -28.88
C ASN A 183 9.68 -33.94 -29.10
N ARG A 184 10.22 -34.75 -28.19
CA ARG A 184 11.55 -35.33 -28.44
C ARG A 184 11.60 -36.22 -29.68
N LEU A 185 10.56 -37.03 -29.90
CA LEU A 185 10.52 -37.84 -31.12
C LEU A 185 10.43 -36.96 -32.36
N VAL A 186 9.63 -35.89 -32.29
CA VAL A 186 9.54 -34.96 -33.42
C VAL A 186 10.89 -34.33 -33.71
N SER A 187 11.59 -33.90 -32.66
CA SER A 187 12.92 -33.32 -32.85
C SER A 187 13.88 -34.34 -33.46
N SER A 188 13.84 -35.58 -32.97
CA SER A 188 14.72 -36.64 -33.45
C SER A 188 14.16 -37.36 -34.66
N GLY A 189 12.94 -37.05 -35.09
CA GLY A 189 12.35 -37.70 -36.24
C GLY A 189 11.68 -39.03 -35.97
N ILE A 190 11.59 -39.44 -34.71
CA ILE A 190 10.91 -40.70 -34.39
C ILE A 190 9.44 -40.61 -34.81
N TYR A 191 8.78 -39.52 -34.45
CA TYR A 191 7.41 -39.25 -34.87
C TYR A 191 7.33 -37.76 -35.17
N LYS A 192 6.99 -37.43 -36.43
CA LYS A 192 7.19 -36.07 -36.91
C LYS A 192 6.38 -35.06 -36.10
N ALA A 193 5.13 -35.37 -35.78
CA ALA A 193 4.28 -34.41 -35.09
C ALA A 193 3.18 -35.15 -34.36
N ALA A 194 2.50 -34.43 -33.47
CA ALA A 194 1.35 -34.95 -32.73
C ALA A 194 0.45 -33.78 -32.39
N PHE A 195 -0.80 -33.83 -32.84
CA PHE A 195 -1.72 -32.72 -32.67
C PHE A 195 -3.14 -33.21 -32.90
N PRO A 196 -4.11 -32.76 -32.09
CA PRO A 196 -5.50 -33.18 -32.29
C PRO A 196 -6.07 -32.58 -33.58
N LEU A 197 -7.35 -32.84 -33.80
CA LEU A 197 -8.05 -32.37 -34.99
C LEU A 197 -9.20 -31.46 -34.59
N HIS A 198 -9.45 -30.45 -35.42
CA HIS A 198 -10.60 -29.57 -35.20
C HIS A 198 -11.90 -30.30 -35.50
N ASP A 199 -12.99 -29.79 -34.92
CA ASP A 199 -14.29 -30.42 -35.13
C ASP A 199 -14.69 -30.40 -36.60
N CYS A 200 -14.47 -29.27 -37.27
CA CYS A 200 -14.87 -29.14 -38.67
C CYS A 200 -14.05 -28.04 -39.32
N ARG A 201 -13.72 -28.25 -40.59
CA ARG A 201 -13.07 -27.21 -41.38
C ARG A 201 -14.00 -26.02 -41.53
N PHE A 202 -13.45 -24.82 -41.33
CA PHE A 202 -14.26 -23.64 -41.07
C PHE A 202 -14.96 -23.10 -42.30
N ASN A 203 -14.52 -23.47 -43.51
CA ASN A 203 -15.07 -22.86 -44.71
C ASN A 203 -16.57 -23.07 -44.79
N TYR A 204 -17.03 -24.29 -44.52
CA TYR A 204 -18.46 -24.59 -44.46
C TYR A 204 -18.70 -25.65 -43.39
N GLU A 205 -19.93 -25.66 -42.87
CA GLU A 205 -20.29 -26.55 -41.78
C GLU A 205 -20.17 -28.01 -42.24
N SER A 206 -19.75 -28.86 -41.31
CA SER A 206 -19.47 -30.26 -41.64
C SER A 206 -20.75 -30.99 -42.02
N GLU A 207 -20.61 -31.94 -42.95
CA GLU A 207 -21.74 -32.74 -43.39
C GLU A 207 -22.26 -33.63 -42.26
N ASP A 208 -21.35 -34.21 -41.48
CA ASP A 208 -21.73 -35.15 -40.43
C ASP A 208 -22.71 -34.49 -39.47
N ILE A 209 -23.84 -35.16 -39.23
CA ILE A 209 -24.83 -34.64 -38.30
C ILE A 209 -24.33 -34.74 -36.87
N SER A 210 -23.63 -35.82 -36.53
CA SER A 210 -23.20 -36.03 -35.16
C SER A 210 -22.25 -34.93 -34.70
N CYS A 211 -21.31 -34.53 -35.55
CA CYS A 211 -20.37 -33.49 -35.17
C CYS A 211 -21.08 -32.14 -35.10
N PRO A 212 -21.07 -31.46 -33.95
CA PRO A 212 -21.71 -30.14 -33.89
C PRO A 212 -21.03 -29.07 -34.72
N SER A 213 -19.88 -29.37 -35.33
CA SER A 213 -19.14 -28.39 -36.11
C SER A 213 -18.87 -27.13 -35.29
N GLU A 214 -18.36 -27.33 -34.08
CA GLU A 214 -18.18 -26.22 -33.15
C GLU A 214 -17.24 -25.17 -33.72
N ARG A 215 -16.26 -25.59 -34.53
CA ARG A 215 -15.31 -24.63 -35.08
C ARG A 215 -16.01 -23.63 -35.99
N TYR A 216 -16.82 -24.10 -36.93
CA TYR A 216 -17.55 -23.21 -37.82
C TYR A 216 -18.52 -22.33 -37.04
N LEU A 217 -19.22 -22.91 -36.07
CA LEU A 217 -20.19 -22.15 -35.30
C LEU A 217 -19.50 -21.00 -34.56
N LEU A 218 -18.41 -21.29 -33.87
CA LEU A 218 -17.67 -20.25 -33.16
C LEU A 218 -17.11 -19.22 -34.13
N TYR A 219 -16.56 -19.68 -35.26
CA TYR A 219 -16.07 -18.75 -36.27
C TYR A 219 -17.14 -17.75 -36.66
N ARG A 220 -18.28 -18.24 -37.14
CA ARG A 220 -19.34 -17.35 -37.57
C ARG A 220 -19.81 -16.44 -36.45
N GLU A 221 -19.99 -17.00 -35.25
CA GLU A 221 -20.55 -16.21 -34.16
C GLU A 221 -19.61 -15.07 -33.74
N TRP A 222 -18.31 -15.35 -33.61
CA TRP A 222 -17.45 -14.46 -32.84
C TRP A 222 -16.17 -14.07 -33.55
N ALA A 223 -15.67 -14.92 -34.46
CA ALA A 223 -14.41 -14.62 -35.14
C ALA A 223 -14.62 -13.78 -36.40
N HIS A 224 -15.76 -13.91 -37.06
CA HIS A 224 -16.04 -13.10 -38.24
C HIS A 224 -16.30 -11.66 -37.81
N PRO A 225 -15.84 -10.68 -38.59
CA PRO A 225 -16.06 -9.27 -38.21
C PRO A 225 -17.53 -8.87 -38.16
N ARG A 226 -18.44 -9.65 -38.76
CA ARG A 226 -19.85 -9.28 -38.72
C ARG A 226 -20.38 -9.19 -37.30
N SER A 227 -19.71 -9.85 -36.35
CA SER A 227 -20.10 -9.82 -34.94
C SER A 227 -19.32 -8.77 -34.15
N ILE A 228 -18.93 -7.68 -34.80
CA ILE A 228 -18.06 -6.70 -34.15
C ILE A 228 -18.75 -6.11 -32.92
N TYR A 229 -20.02 -5.76 -33.04
CA TYR A 229 -20.76 -5.20 -31.92
C TYR A 229 -21.27 -6.26 -30.95
N LYS A 230 -21.22 -7.53 -31.35
CA LYS A 230 -21.73 -8.59 -30.49
C LYS A 230 -20.84 -8.79 -29.27
N LYS A 231 -21.48 -9.04 -28.13
CA LYS A 231 -20.76 -9.23 -26.89
C LYS A 231 -19.95 -10.53 -26.95
N GLN A 232 -19.02 -10.66 -26.01
CA GLN A 232 -18.07 -11.77 -26.05
C GLN A 232 -18.76 -13.08 -25.67
N PRO A 233 -18.81 -14.09 -26.56
CA PRO A 233 -19.32 -15.42 -26.18
C PRO A 233 -18.24 -16.34 -25.62
N LEU A 234 -17.88 -16.11 -24.35
CA LEU A 234 -16.81 -16.89 -23.73
C LEU A 234 -17.18 -18.36 -23.58
N ASP A 235 -18.47 -18.69 -23.67
CA ASP A 235 -18.89 -20.08 -23.47
C ASP A 235 -18.15 -21.07 -24.36
N LEU A 236 -18.36 -20.97 -25.68
CA LEU A 236 -17.66 -21.85 -26.60
C LEU A 236 -16.16 -21.66 -26.51
N ILE A 237 -15.71 -20.45 -26.17
CA ILE A 237 -14.26 -20.21 -26.14
C ILE A 237 -13.59 -21.11 -25.12
N ARG A 238 -14.08 -21.12 -23.88
CA ARG A 238 -13.40 -22.02 -22.93
C ARG A 238 -13.90 -23.45 -23.04
N LYS A 239 -15.03 -23.70 -23.70
CA LYS A 239 -15.45 -25.07 -23.93
C LYS A 239 -14.61 -25.76 -24.99
N TYR A 240 -14.05 -25.00 -25.93
CA TYR A 240 -13.31 -25.56 -27.05
C TYR A 240 -11.80 -25.40 -26.91
N TYR A 241 -11.32 -24.19 -26.62
CA TYR A 241 -9.89 -23.94 -26.63
C TYR A 241 -9.25 -24.26 -25.27
N GLY A 242 -9.73 -23.61 -24.21
CA GLY A 242 -9.20 -23.87 -22.89
C GLY A 242 -9.35 -22.64 -22.01
N GLU A 243 -8.96 -22.81 -20.76
CA GLU A 243 -9.07 -21.71 -19.80
C GLU A 243 -8.10 -20.58 -20.14
N LYS A 244 -6.92 -20.92 -20.68
CA LYS A 244 -5.95 -19.88 -21.02
C LYS A 244 -6.54 -18.89 -22.00
N ILE A 245 -7.05 -19.38 -23.13
CA ILE A 245 -7.59 -18.49 -24.14
C ILE A 245 -8.84 -17.78 -23.63
N GLY A 246 -9.66 -18.49 -22.85
CA GLY A 246 -10.86 -17.87 -22.32
C GLY A 246 -10.55 -16.68 -21.42
N ILE A 247 -9.62 -16.87 -20.48
CA ILE A 247 -9.27 -15.78 -19.57
C ILE A 247 -8.57 -14.67 -20.33
N TYR A 248 -7.74 -15.02 -21.32
CA TYR A 248 -7.07 -14.00 -22.11
C TYR A 248 -8.09 -13.12 -22.82
N PHE A 249 -9.10 -13.75 -23.43
CA PHE A 249 -10.09 -12.97 -24.19
C PHE A 249 -11.02 -12.20 -23.27
N ALA A 250 -11.35 -12.76 -22.10
CA ALA A 250 -12.15 -12.00 -21.15
C ALA A 250 -11.40 -10.77 -20.66
N TRP A 251 -10.12 -10.94 -20.35
CA TRP A 251 -9.30 -9.80 -19.94
C TRP A 251 -9.22 -8.76 -21.04
N LEU A 252 -9.00 -9.19 -22.28
CA LEU A 252 -8.93 -8.25 -23.40
C LEU A 252 -10.25 -7.50 -23.54
N GLY A 253 -11.36 -8.22 -23.46
CA GLY A 253 -12.66 -7.58 -23.65
C GLY A 253 -12.97 -6.57 -22.57
N TYR A 254 -12.67 -6.90 -21.31
CA TYR A 254 -13.04 -5.98 -20.24
C TYR A 254 -12.06 -4.79 -20.21
N TYR A 255 -10.81 -5.03 -20.58
CA TYR A 255 -9.86 -3.95 -20.83
C TYR A 255 -10.41 -2.98 -21.87
N THR A 256 -10.94 -3.51 -22.98
CA THR A 256 -11.56 -2.65 -23.99
C THR A 256 -12.77 -1.92 -23.42
N GLN A 257 -13.57 -2.62 -22.63
CA GLN A 257 -14.77 -2.02 -22.05
C GLN A 257 -14.42 -0.76 -21.27
N MET A 258 -13.40 -0.84 -20.41
CA MET A 258 -13.00 0.32 -19.64
C MET A 258 -12.18 1.32 -20.45
N LEU A 259 -11.46 0.87 -21.47
CA LEU A 259 -10.83 1.82 -22.38
C LEU A 259 -11.86 2.68 -23.07
N LEU A 260 -13.09 2.20 -23.22
CA LEU A 260 -14.16 3.04 -23.75
C LEU A 260 -14.41 4.24 -22.84
N LEU A 261 -14.51 3.99 -21.53
CA LEU A 261 -14.70 5.08 -20.58
C LEU A 261 -13.50 6.03 -20.61
N ALA A 262 -12.29 5.47 -20.62
CA ALA A 262 -11.11 6.31 -20.68
C ALA A 262 -11.11 7.18 -21.92
N ALA A 263 -11.50 6.59 -23.06
CA ALA A 263 -11.49 7.33 -24.33
C ALA A 263 -12.53 8.44 -24.33
N VAL A 264 -13.72 8.18 -23.79
CA VAL A 264 -14.73 9.24 -23.77
C VAL A 264 -14.28 10.38 -22.87
N VAL A 265 -13.69 10.06 -21.71
CA VAL A 265 -13.20 11.14 -20.85
C VAL A 265 -12.09 11.92 -21.53
N GLY A 266 -11.16 11.20 -22.19
CA GLY A 266 -10.10 11.88 -22.91
C GLY A 266 -10.62 12.77 -24.02
N VAL A 267 -11.66 12.32 -24.72
CA VAL A 267 -12.24 13.12 -25.78
C VAL A 267 -12.91 14.36 -25.20
N ALA A 268 -13.57 14.22 -24.05
CA ALA A 268 -14.14 15.39 -23.39
C ALA A 268 -13.06 16.42 -23.05
N CYS A 269 -11.95 15.95 -22.49
CA CYS A 269 -10.85 16.86 -22.16
C CYS A 269 -10.26 17.48 -23.43
N PHE A 270 -10.14 16.68 -24.50
CA PHE A 270 -9.56 17.19 -25.73
C PHE A 270 -10.45 18.27 -26.34
N LEU A 271 -11.76 18.09 -26.30
CA LEU A 271 -12.65 19.14 -26.78
C LEU A 271 -12.61 20.36 -25.86
N TYR A 272 -12.47 20.15 -24.55
CA TYR A 272 -12.26 21.28 -23.65
C TYR A 272 -11.08 22.11 -24.10
N GLY A 273 -9.96 21.46 -24.42
CA GLY A 273 -8.81 22.19 -24.94
C GLY A 273 -9.05 22.79 -26.31
N TYR A 274 -9.82 22.09 -27.14
CA TYR A 274 -9.97 22.48 -28.55
C TYR A 274 -10.87 23.70 -28.70
N LEU A 275 -11.89 23.82 -27.86
CA LEU A 275 -12.86 24.90 -28.00
C LEU A 275 -12.39 26.21 -27.37
N ASP A 276 -11.21 26.22 -26.75
CA ASP A 276 -10.66 27.42 -26.13
C ASP A 276 -9.50 28.00 -26.93
N GLN A 277 -9.47 27.74 -28.24
CA GLN A 277 -8.39 28.27 -29.07
C GLN A 277 -8.41 29.80 -29.09
N ASP A 278 -9.60 30.40 -29.16
CA ASP A 278 -9.68 31.85 -29.26
C ASP A 278 -9.09 32.53 -28.04
N ASN A 279 -9.36 31.99 -26.84
CA ASN A 279 -8.93 32.61 -25.59
C ASN A 279 -7.58 32.08 -25.12
N CYS A 280 -6.73 31.62 -26.03
CA CYS A 280 -5.39 31.13 -25.68
C CYS A 280 -4.44 32.31 -25.86
N THR A 281 -4.33 33.13 -24.81
CA THR A 281 -3.71 34.44 -24.93
C THR A 281 -2.24 34.35 -25.31
N TRP A 282 -1.50 33.44 -24.69
CA TRP A 282 -0.07 33.39 -24.92
C TRP A 282 0.25 33.04 -26.38
N SER A 283 -0.51 32.11 -26.97
CA SER A 283 -0.33 31.81 -28.37
C SER A 283 -0.68 33.00 -29.25
N LYS A 284 -1.78 33.69 -28.93
CA LYS A 284 -2.16 34.88 -29.67
C LYS A 284 -1.02 35.89 -29.70
N GLU A 285 -0.40 36.12 -28.54
CA GLU A 285 0.72 37.05 -28.47
C GLU A 285 1.92 36.51 -29.25
N VAL A 286 2.16 35.20 -29.18
CA VAL A 286 3.26 34.60 -29.93
C VAL A 286 3.07 34.84 -31.42
N CYS A 287 1.83 34.94 -31.88
CA CYS A 287 1.56 35.11 -33.30
C CYS A 287 1.55 36.56 -33.75
N ASP A 288 0.89 37.43 -32.99
CA ASP A 288 0.80 38.84 -33.34
C ASP A 288 2.20 39.37 -33.66
N PRO A 289 2.46 39.79 -34.91
CA PRO A 289 3.84 40.20 -35.25
C PRO A 289 4.40 41.27 -34.33
N ASP A 290 3.57 42.24 -33.94
CA ASP A 290 4.04 43.32 -33.09
C ASP A 290 4.62 42.81 -31.78
N ILE A 291 4.20 41.64 -31.32
CA ILE A 291 4.66 41.05 -30.07
C ILE A 291 5.63 39.90 -30.33
N GLY A 292 5.22 38.94 -31.16
CA GLY A 292 6.06 37.76 -31.38
C GLY A 292 7.29 38.05 -32.23
N GLY A 293 7.12 38.82 -33.31
CA GLY A 293 8.22 39.02 -34.23
C GLY A 293 9.39 39.77 -33.61
N GLN A 294 9.09 40.78 -32.79
CA GLN A 294 10.16 41.61 -32.23
C GLN A 294 11.15 40.79 -31.40
N ILE A 295 10.75 39.61 -30.94
CA ILE A 295 11.61 38.77 -30.10
C ILE A 295 12.55 38.01 -31.04
N LEU A 296 13.78 38.51 -31.17
CA LEU A 296 14.80 37.87 -32.01
C LEU A 296 15.54 36.86 -31.16
N MET A 297 15.19 35.58 -31.31
CA MET A 297 15.73 34.54 -30.45
C MET A 297 17.18 34.22 -30.81
N CYS A 298 17.85 33.58 -29.87
CA CYS A 298 19.23 33.13 -30.07
C CYS A 298 19.24 31.84 -30.89
N PRO A 299 20.39 31.49 -31.48
CA PRO A 299 20.47 30.22 -32.21
C PRO A 299 20.56 29.05 -31.26
N GLN A 300 19.93 27.93 -31.64
CA GLN A 300 19.83 26.75 -30.81
C GLN A 300 20.76 25.62 -31.24
N CYS A 301 21.67 25.88 -32.18
CA CYS A 301 22.65 24.89 -32.59
C CYS A 301 24.02 25.57 -32.60
N ASP A 302 25.01 24.88 -33.13
CA ASP A 302 26.39 25.36 -33.05
C ASP A 302 26.84 26.07 -34.34
N ARG A 303 26.79 25.37 -35.47
CA ARG A 303 27.41 25.86 -36.69
C ARG A 303 26.41 26.23 -37.80
N LEU A 304 25.14 25.87 -37.67
CA LEU A 304 24.18 26.01 -38.77
C LEU A 304 22.87 26.63 -38.31
N CYS A 305 22.94 27.72 -37.55
CA CYS A 305 21.74 28.46 -37.18
C CYS A 305 21.86 29.96 -36.93
N PRO A 306 21.06 30.78 -37.61
CA PRO A 306 21.11 32.22 -37.39
C PRO A 306 20.07 32.67 -36.37
N PHE A 307 20.13 33.96 -36.03
CA PHE A 307 19.12 34.56 -35.18
C PHE A 307 17.76 34.40 -35.83
N TRP A 308 16.82 33.78 -35.12
CA TRP A 308 15.52 33.44 -35.69
C TRP A 308 14.41 34.09 -34.89
N ARG A 309 13.39 34.57 -35.60
CA ARG A 309 12.23 35.15 -34.96
C ARG A 309 11.40 34.06 -34.28
N LEU A 310 10.54 34.48 -33.36
CA LEU A 310 9.75 33.53 -32.58
C LEU A 310 8.35 33.32 -33.14
N ASN A 311 7.84 34.22 -33.97
CA ASN A 311 6.50 34.04 -34.52
C ASN A 311 6.47 33.07 -35.68
N ILE A 312 7.59 32.38 -35.96
CA ILE A 312 7.60 31.32 -36.97
C ILE A 312 6.92 30.06 -36.47
N THR A 313 6.42 30.04 -35.24
CA THR A 313 5.89 28.84 -34.60
C THR A 313 4.43 29.00 -34.20
N CYS A 314 3.62 29.70 -35.01
CA CYS A 314 2.19 29.74 -34.74
C CYS A 314 1.55 28.36 -34.82
N GLU A 315 1.89 27.56 -35.84
CA GLU A 315 1.29 26.24 -35.92
C GLU A 315 1.66 25.41 -34.71
N SER A 316 2.92 25.45 -34.31
CA SER A 316 3.36 24.68 -33.15
C SER A 316 2.66 25.16 -31.89
N SER A 317 2.56 26.47 -31.68
CA SER A 317 1.93 26.99 -30.48
C SER A 317 0.45 26.66 -30.44
N LYS A 318 -0.24 26.76 -31.59
CA LYS A 318 -1.66 26.46 -31.62
C LYS A 318 -1.91 24.97 -31.36
N LYS A 319 -1.06 24.10 -31.91
CA LYS A 319 -1.19 22.68 -31.61
C LYS A 319 -0.90 22.40 -30.14
N LEU A 320 0.09 23.10 -29.58
CA LEU A 320 0.48 22.87 -28.19
C LEU A 320 -0.57 23.36 -27.22
N CYS A 321 -1.27 24.44 -27.55
CA CYS A 321 -2.33 24.94 -26.70
C CYS A 321 -3.50 23.97 -26.59
N ILE A 322 -3.54 22.96 -27.46
CA ILE A 322 -4.57 21.93 -27.37
C ILE A 322 -4.22 20.91 -26.29
N PHE A 323 -3.00 20.35 -26.35
CA PHE A 323 -2.57 19.31 -25.44
C PHE A 323 -1.95 19.84 -24.16
N ASP A 324 -1.84 21.16 -24.01
CA ASP A 324 -1.15 21.78 -22.88
C ASP A 324 -2.05 22.78 -22.18
N SER A 325 -3.28 22.37 -21.91
CA SER A 325 -4.26 23.19 -21.18
C SER A 325 -4.72 22.44 -19.94
N PHE A 326 -5.61 23.08 -19.18
CA PHE A 326 -6.12 22.46 -17.96
C PHE A 326 -6.80 21.13 -18.25
N GLY A 327 -7.29 20.94 -19.47
CA GLY A 327 -7.90 19.67 -19.82
C GLY A 327 -6.93 18.52 -19.65
N THR A 328 -5.68 18.72 -20.05
CA THR A 328 -4.68 17.67 -19.90
C THR A 328 -4.45 17.32 -18.43
N LEU A 329 -4.37 18.34 -17.57
CA LEU A 329 -4.17 18.09 -16.15
C LEU A 329 -5.36 17.34 -15.56
N ILE A 330 -6.57 17.76 -15.90
CA ILE A 330 -7.76 17.07 -15.42
C ILE A 330 -7.76 15.63 -15.90
N PHE A 331 -7.36 15.40 -17.16
CA PHE A 331 -7.36 14.05 -17.69
C PHE A 331 -6.33 13.17 -16.98
N ALA A 332 -5.15 13.73 -16.69
CA ALA A 332 -4.16 12.97 -15.94
C ALA A 332 -4.68 12.61 -14.55
N VAL A 333 -5.32 13.57 -13.88
CA VAL A 333 -5.92 13.28 -12.58
C VAL A 333 -6.94 12.15 -12.71
N PHE A 334 -7.79 12.21 -13.74
CA PHE A 334 -8.82 11.20 -13.92
C PHE A 334 -8.20 9.83 -14.18
N MET A 335 -7.19 9.76 -15.04
CA MET A 335 -6.50 8.49 -15.29
C MET A 335 -5.88 7.96 -14.01
N GLY A 336 -5.50 8.85 -13.10
CA GLY A 336 -4.96 8.40 -11.83
C GLY A 336 -5.88 7.43 -11.11
N VAL A 337 -7.18 7.72 -11.10
CA VAL A 337 -8.13 6.82 -10.46
C VAL A 337 -8.63 5.75 -11.44
N TRP A 338 -8.61 6.05 -12.74
CA TRP A 338 -9.04 5.05 -13.72
C TRP A 338 -8.15 3.83 -13.69
N VAL A 339 -6.84 4.02 -13.50
CA VAL A 339 -5.92 2.88 -13.48
C VAL A 339 -6.25 1.96 -12.31
N THR A 340 -6.45 2.54 -11.12
CA THR A 340 -6.75 1.70 -9.96
C THR A 340 -8.11 1.03 -10.11
N LEU A 341 -9.10 1.73 -10.68
CA LEU A 341 -10.38 1.09 -10.94
C LEU A 341 -10.20 -0.10 -11.89
N PHE A 342 -9.41 0.09 -12.95
CA PHE A 342 -9.09 -1.00 -13.86
C PHE A 342 -8.54 -2.20 -13.10
N LEU A 343 -7.51 -1.97 -12.30
CA LEU A 343 -6.86 -3.07 -11.60
C LEU A 343 -7.83 -3.79 -10.67
N GLU A 344 -8.58 -3.02 -9.88
CA GLU A 344 -9.45 -3.62 -8.87
C GLU A 344 -10.58 -4.40 -9.51
N PHE A 345 -11.27 -3.79 -10.48
CA PHE A 345 -12.35 -4.50 -11.13
C PHE A 345 -11.84 -5.70 -11.92
N TRP A 346 -10.62 -5.66 -12.45
CA TRP A 346 -10.08 -6.85 -13.09
C TRP A 346 -9.80 -7.95 -12.08
N LYS A 347 -9.30 -7.59 -10.89
CA LYS A 347 -9.17 -8.60 -9.84
C LYS A 347 -10.52 -9.24 -9.56
N ARG A 348 -11.57 -8.42 -9.49
CA ARG A 348 -12.89 -8.95 -9.18
C ARG A 348 -13.41 -9.86 -10.29
N ARG A 349 -13.24 -9.46 -11.54
CA ARG A 349 -13.63 -10.32 -12.65
C ARG A 349 -12.82 -11.62 -12.65
N GLN A 350 -11.54 -11.53 -12.28
CA GLN A 350 -10.71 -12.73 -12.18
C GLN A 350 -11.29 -13.69 -11.15
N ALA A 351 -11.65 -13.17 -9.97
CA ALA A 351 -12.23 -14.02 -8.94
C ALA A 351 -13.56 -14.61 -9.41
N GLU A 352 -14.39 -13.81 -10.06
CA GLU A 352 -15.68 -14.30 -10.53
C GLU A 352 -15.50 -15.42 -11.55
N LEU A 353 -14.57 -15.24 -12.49
CA LEU A 353 -14.29 -16.30 -13.46
C LEU A 353 -13.74 -17.54 -12.78
N GLU A 354 -12.87 -17.35 -11.79
CA GLU A 354 -12.32 -18.49 -11.06
C GLU A 354 -13.44 -19.30 -10.42
N TYR A 355 -14.41 -18.62 -9.80
CA TYR A 355 -15.53 -19.32 -9.19
C TYR A 355 -16.38 -20.01 -10.24
N GLU A 356 -16.79 -19.26 -11.27
CA GLU A 356 -17.77 -19.79 -12.22
C GLU A 356 -17.22 -20.96 -13.02
N TRP A 357 -16.03 -20.81 -13.57
CA TRP A 357 -15.49 -21.81 -14.48
C TRP A 357 -14.75 -22.91 -13.70
N ASP A 358 -14.33 -23.93 -14.43
CA ASP A 358 -13.67 -25.10 -13.84
C ASP A 358 -12.26 -24.69 -13.43
N THR A 359 -12.16 -24.01 -12.29
CA THR A 359 -10.89 -23.53 -11.76
C THR A 359 -10.65 -24.04 -10.34
N VAL A 360 -11.30 -25.15 -9.98
CA VAL A 360 -11.14 -25.73 -8.65
C VAL A 360 -10.30 -27.00 -8.79
N GLU A 361 -9.47 -27.05 -9.82
CA GLU A 361 -8.62 -28.21 -10.08
C GLU A 361 -7.35 -28.10 -9.25
N LEU A 362 -6.83 -29.24 -8.81
CA LEU A 362 -5.61 -29.25 -8.02
C LEU A 362 -4.44 -28.72 -8.83
N GLN A 363 -3.50 -28.08 -8.14
CA GLN A 363 -2.33 -27.48 -8.76
C GLN A 363 -1.18 -28.47 -8.78
N GLN A 364 -0.61 -28.66 -9.97
CA GLN A 364 0.47 -29.62 -10.13
C GLN A 364 1.75 -29.09 -9.49
N GLU A 365 2.50 -29.98 -8.86
CA GLU A 365 3.67 -29.55 -8.08
C GLU A 365 4.85 -29.23 -9.00
N GLU A 366 5.34 -30.24 -9.73
CA GLU A 366 6.53 -30.08 -10.56
C GLU A 366 6.40 -30.89 -11.83
N GLN A 367 7.12 -30.46 -12.86
CA GLN A 367 7.20 -31.19 -14.12
C GLN A 367 8.60 -31.07 -14.68
N ALA A 368 8.97 -32.00 -15.55
CA ALA A 368 10.25 -31.99 -16.24
C ALA A 368 10.19 -31.04 -17.43
N ARG A 369 11.37 -30.76 -17.99
CA ARG A 369 11.50 -29.88 -19.14
C ARG A 369 12.23 -30.62 -20.25
N PRO A 370 11.78 -30.49 -21.50
CA PRO A 370 12.47 -31.20 -22.59
C PRO A 370 13.95 -30.90 -22.67
N GLU A 371 14.35 -29.65 -22.44
CA GLU A 371 15.76 -29.26 -22.45
C GLU A 371 16.16 -28.81 -21.06
N TYR A 372 17.18 -29.46 -20.50
CA TYR A 372 17.62 -29.17 -19.14
C TYR A 372 18.94 -29.87 -18.85
N ALA A 406 27.15 -15.02 -11.02
CA ALA A 406 25.77 -14.62 -11.32
C ALA A 406 25.72 -13.72 -12.56
N SER A 407 24.95 -14.13 -13.56
CA SER A 407 24.82 -13.39 -14.80
C SER A 407 23.67 -12.40 -14.78
N ALA A 408 23.01 -12.21 -13.64
CA ALA A 408 21.89 -11.27 -13.57
C ALA A 408 22.35 -9.85 -13.90
N VAL A 409 23.51 -9.45 -13.40
CA VAL A 409 24.03 -8.11 -13.68
C VAL A 409 24.37 -7.98 -15.17
N PHE A 410 24.88 -9.06 -15.77
CA PHE A 410 25.18 -9.05 -17.20
C PHE A 410 23.95 -8.63 -18.01
N PHE A 411 22.77 -9.03 -17.57
CA PHE A 411 21.52 -8.63 -18.22
C PHE A 411 21.31 -7.12 -18.11
N TRP A 412 21.57 -6.55 -16.93
CA TRP A 412 21.36 -5.13 -16.73
C TRP A 412 22.26 -4.30 -17.64
N ILE A 413 23.48 -4.77 -17.89
CA ILE A 413 24.36 -4.07 -18.82
C ILE A 413 23.72 -4.02 -20.20
N LEU A 414 23.08 -5.11 -20.61
CA LEU A 414 22.37 -5.12 -21.89
C LEU A 414 21.22 -4.12 -21.88
N LEU A 415 20.50 -4.02 -20.76
CA LEU A 415 19.46 -3.01 -20.66
C LEU A 415 20.02 -1.61 -20.87
N ILE A 416 21.14 -1.30 -20.21
CA ILE A 416 21.73 0.03 -20.33
C ILE A 416 22.15 0.30 -21.77
N ILE A 417 22.79 -0.70 -22.39
CA ILE A 417 23.24 -0.53 -23.77
C ILE A 417 22.04 -0.30 -24.69
N ALA A 418 20.95 -1.04 -24.47
CA ALA A 418 19.77 -0.88 -25.31
C ALA A 418 19.16 0.51 -25.17
N SER A 419 19.07 1.00 -23.93
CA SER A 419 18.53 2.34 -23.71
C SER A 419 19.40 3.39 -24.41
N VAL A 420 20.73 3.27 -24.26
CA VAL A 420 21.63 4.22 -24.90
C VAL A 420 21.49 4.14 -26.41
N ILE A 421 21.34 2.92 -26.95
CA ILE A 421 21.20 2.77 -28.39
C ILE A 421 19.93 3.42 -28.89
N GLY A 422 18.83 3.25 -28.16
CA GLY A 422 17.59 3.91 -28.56
C GLY A 422 17.72 5.42 -28.55
N ILE A 423 18.33 5.97 -27.50
CA ILE A 423 18.51 7.42 -27.42
C ILE A 423 19.37 7.90 -28.59
N ILE A 424 20.47 7.20 -28.86
CA ILE A 424 21.35 7.57 -29.96
C ILE A 424 20.61 7.51 -31.29
N VAL A 425 19.78 6.47 -31.48
CA VAL A 425 19.07 6.32 -32.73
C VAL A 425 18.12 7.49 -32.94
N TYR A 426 17.36 7.85 -31.91
CA TYR A 426 16.45 8.98 -32.07
C TYR A 426 17.23 10.26 -32.36
N ARG A 427 18.31 10.50 -31.63
CA ARG A 427 19.06 11.74 -31.80
C ARG A 427 19.65 11.82 -33.20
N LEU A 428 20.25 10.74 -33.69
CA LEU A 428 20.85 10.78 -35.01
C LEU A 428 19.78 10.87 -36.10
N SER A 429 18.61 10.25 -35.88
CA SER A 429 17.54 10.37 -36.86
C SER A 429 17.09 11.82 -37.00
N VAL A 430 16.85 12.49 -35.86
CA VAL A 430 16.44 13.89 -35.94
C VAL A 430 17.56 14.72 -36.55
N PHE A 431 18.82 14.40 -36.22
CA PHE A 431 19.95 15.13 -36.78
C PHE A 431 19.95 15.04 -38.30
N ILE A 432 19.87 13.82 -38.84
CA ILE A 432 19.95 13.65 -40.29
C ILE A 432 18.75 14.27 -40.98
N VAL A 433 17.56 14.16 -40.38
CA VAL A 433 16.38 14.74 -41.00
C VAL A 433 16.49 16.26 -41.02
N PHE A 434 17.02 16.86 -39.96
CA PHE A 434 17.18 18.31 -39.93
C PHE A 434 18.24 18.76 -40.92
N SER A 435 19.34 18.01 -41.04
CA SER A 435 20.43 18.35 -41.94
C SER A 435 20.10 17.85 -43.35
N THR A 436 19.16 18.56 -43.98
CA THR A 436 18.74 18.23 -45.33
C THR A 436 19.60 18.94 -46.36
N LEU A 452 4.18 25.52 -41.79
CA LEU A 452 3.12 24.67 -41.29
C LEU A 452 3.59 23.21 -41.22
N THR A 453 3.50 22.53 -42.36
CA THR A 453 3.89 21.11 -42.40
C THR A 453 5.38 20.87 -42.19
N PRO A 454 6.30 21.58 -42.87
CA PRO A 454 7.66 21.03 -43.03
C PRO A 454 8.33 20.53 -41.76
N GLN A 455 8.35 21.33 -40.70
CA GLN A 455 8.98 20.89 -39.47
C GLN A 455 8.26 19.67 -38.88
N MET A 456 6.94 19.68 -38.91
CA MET A 456 6.18 18.54 -38.42
C MET A 456 6.46 17.29 -39.24
N ALA A 457 6.59 17.46 -40.57
CA ALA A 457 6.90 16.33 -41.43
C ALA A 457 8.29 15.78 -41.14
N THR A 458 9.25 16.65 -40.87
CA THR A 458 10.58 16.19 -40.49
C THR A 458 10.55 15.42 -39.17
N SER A 459 9.80 15.94 -38.19
CA SER A 459 9.65 15.22 -36.93
C SER A 459 9.00 13.86 -37.15
N ILE A 460 7.99 13.80 -38.03
CA ILE A 460 7.32 12.54 -38.33
C ILE A 460 8.29 11.58 -38.98
N THR A 461 9.13 12.08 -39.89
CA THR A 461 10.12 11.21 -40.54
C THR A 461 11.11 10.67 -39.52
N ALA A 462 11.57 11.50 -38.60
CA ALA A 462 12.48 11.02 -37.57
C ALA A 462 11.81 9.97 -36.70
N SER A 463 10.55 10.19 -36.34
CA SER A 463 9.82 9.19 -35.55
C SER A 463 9.68 7.89 -36.32
N ILE A 464 9.40 7.97 -37.61
CA ILE A 464 9.23 6.77 -38.42
C ILE A 464 10.53 6.00 -38.50
N ILE A 465 11.65 6.70 -38.70
CA ILE A 465 12.94 6.02 -38.75
C ILE A 465 13.25 5.37 -37.41
N SER A 466 12.97 6.08 -36.31
CA SER A 466 13.19 5.49 -35.00
C SER A 466 12.35 4.24 -34.79
N PHE A 467 11.09 4.28 -35.21
CA PHE A 467 10.23 3.10 -35.07
C PHE A 467 10.73 1.95 -35.93
N ILE A 468 11.23 2.26 -37.12
CA ILE A 468 11.79 1.22 -37.97
C ILE A 468 12.96 0.55 -37.28
N ILE A 469 13.85 1.35 -36.67
CA ILE A 469 14.98 0.77 -35.96
C ILE A 469 14.51 -0.05 -34.76
N ILE A 470 13.48 0.43 -34.07
CA ILE A 470 12.91 -0.34 -32.95
C ILE A 470 12.44 -1.70 -33.42
N MET A 471 11.68 -1.72 -34.52
CA MET A 471 11.17 -3.00 -35.03
C MET A 471 12.30 -3.90 -35.48
N ILE A 472 13.34 -3.33 -36.10
CA ILE A 472 14.47 -4.14 -36.54
C ILE A 472 15.18 -4.75 -35.35
N LEU A 473 15.38 -3.97 -34.28
CA LEU A 473 16.12 -4.43 -33.12
C LEU A 473 15.30 -5.37 -32.23
N ASN A 474 13.98 -5.37 -32.38
CA ASN A 474 13.15 -6.23 -31.54
C ASN A 474 13.51 -7.70 -31.73
N THR A 475 13.78 -8.11 -32.97
CA THR A 475 14.13 -9.50 -33.22
C THR A 475 15.44 -9.87 -32.52
N ILE A 476 16.44 -8.99 -32.60
CA ILE A 476 17.70 -9.25 -31.92
C ILE A 476 17.49 -9.33 -30.41
N TYR A 477 16.67 -8.42 -29.88
CA TYR A 477 16.42 -8.43 -28.43
C TYR A 477 15.76 -9.74 -28.00
N GLU A 478 14.75 -10.19 -28.74
CA GLU A 478 14.10 -11.44 -28.36
C GLU A 478 15.05 -12.62 -28.49
N LYS A 479 15.86 -12.66 -29.54
CA LYS A 479 16.81 -13.75 -29.70
C LYS A 479 17.79 -13.79 -28.53
N VAL A 480 18.38 -12.65 -28.19
CA VAL A 480 19.36 -12.61 -27.11
C VAL A 480 18.70 -12.99 -25.80
N ALA A 481 17.48 -12.50 -25.55
CA ALA A 481 16.77 -12.87 -24.33
C ALA A 481 16.58 -14.38 -24.25
N ILE A 482 16.15 -15.00 -25.35
CA ILE A 482 15.91 -16.43 -25.34
C ILE A 482 17.19 -17.19 -25.04
N MET A 483 18.29 -16.83 -25.71
CA MET A 483 19.53 -17.57 -25.49
C MET A 483 20.02 -17.41 -24.06
N ILE A 484 20.00 -16.18 -23.53
CA ILE A 484 20.51 -15.97 -22.18
C ILE A 484 19.64 -16.69 -21.16
N THR A 485 18.32 -16.72 -21.39
CA THR A 485 17.44 -17.47 -20.50
C THR A 485 17.75 -18.96 -20.57
N ASN A 486 17.98 -19.47 -21.77
CA ASN A 486 18.29 -20.90 -21.91
C ASN A 486 19.61 -21.26 -21.25
N PHE A 487 20.58 -20.34 -21.25
CA PHE A 487 21.87 -20.64 -20.64
C PHE A 487 21.73 -20.95 -19.15
N GLU A 488 20.71 -20.41 -18.49
CA GLU A 488 20.52 -20.68 -17.07
C GLU A 488 19.90 -22.04 -16.81
N LEU A 489 19.29 -22.65 -17.81
CA LEU A 489 18.69 -23.98 -17.67
C LEU A 489 17.66 -24.00 -16.54
N PRO A 490 16.51 -23.34 -16.69
CA PRO A 490 15.48 -23.42 -15.65
C PRO A 490 15.06 -24.86 -15.40
N ARG A 491 14.82 -25.19 -14.14
CA ARG A 491 14.50 -26.56 -13.77
C ARG A 491 13.21 -27.03 -14.45
N THR A 492 12.19 -26.20 -14.46
CA THR A 492 10.90 -26.52 -15.05
C THR A 492 10.58 -25.53 -16.16
N GLN A 493 9.37 -25.64 -16.71
CA GLN A 493 8.92 -24.77 -17.78
C GLN A 493 8.22 -23.52 -17.27
N THR A 494 7.53 -23.59 -16.14
CA THR A 494 6.89 -22.39 -15.59
C THR A 494 7.93 -21.34 -15.21
N ASP A 495 9.03 -21.77 -14.57
CA ASP A 495 10.09 -20.84 -14.24
C ASP A 495 10.72 -20.26 -15.49
N TYR A 496 10.90 -21.09 -16.52
CA TYR A 496 11.44 -20.60 -17.79
C TYR A 496 10.53 -19.53 -18.38
N GLU A 497 9.22 -19.78 -18.38
CA GLU A 497 8.29 -18.77 -18.89
C GLU A 497 8.34 -17.50 -18.07
N ASN A 498 8.43 -17.61 -16.74
CA ASN A 498 8.48 -16.41 -15.91
C ASN A 498 9.73 -15.60 -16.19
N SER A 499 10.88 -16.26 -16.26
CA SER A 499 12.12 -15.54 -16.54
C SER A 499 12.09 -14.91 -17.93
N LEU A 500 11.57 -15.63 -18.92
CA LEU A 500 11.44 -15.05 -20.25
C LEU A 500 10.51 -13.87 -20.24
N THR A 501 9.40 -13.95 -19.50
CA THR A 501 8.50 -12.82 -19.39
C THR A 501 9.25 -11.60 -18.88
N MET A 502 9.99 -11.77 -17.77
CA MET A 502 10.71 -10.63 -17.21
C MET A 502 11.71 -10.05 -18.20
N LYS A 503 12.57 -10.91 -18.77
CA LYS A 503 13.64 -10.40 -19.62
C LYS A 503 13.08 -9.77 -20.90
N MET A 504 12.13 -10.44 -21.54
CA MET A 504 11.52 -9.89 -22.75
C MET A 504 10.81 -8.57 -22.46
N PHE A 505 10.07 -8.51 -21.35
CA PHE A 505 9.37 -7.27 -21.03
C PHE A 505 10.36 -6.15 -20.77
N LEU A 506 11.50 -6.45 -20.13
CA LEU A 506 12.46 -5.39 -19.87
C LEU A 506 13.13 -4.90 -21.16
N PHE A 507 13.53 -5.82 -22.04
CA PHE A 507 14.04 -5.37 -23.34
C PHE A 507 13.02 -4.53 -24.08
N GLN A 508 11.77 -4.98 -24.14
CA GLN A 508 10.72 -4.22 -24.81
C GLN A 508 10.57 -2.86 -24.15
N PHE A 509 10.49 -2.85 -22.83
CA PHE A 509 10.28 -1.60 -22.10
C PHE A 509 11.35 -0.59 -22.45
N VAL A 510 12.62 -0.99 -22.34
CA VAL A 510 13.70 -0.06 -22.66
C VAL A 510 13.61 0.35 -24.13
N ASN A 511 13.50 -0.63 -25.02
CA ASN A 511 13.56 -0.35 -26.46
C ASN A 511 12.45 0.59 -26.89
N TYR A 512 11.27 0.50 -26.25
CA TYR A 512 10.13 1.30 -26.67
C TYR A 512 10.00 2.61 -25.91
N TYR A 513 10.56 2.71 -24.70
CA TYR A 513 10.36 3.89 -23.87
C TYR A 513 11.61 4.73 -23.69
N SER A 514 12.77 4.28 -24.13
CA SER A 514 13.93 5.12 -24.03
C SER A 514 13.64 6.44 -24.70
N SER A 515 13.36 6.44 -25.98
CA SER A 515 13.17 7.69 -26.71
C SER A 515 12.16 8.59 -26.01
N CYS A 516 11.06 7.99 -25.53
CA CYS A 516 10.02 8.77 -24.88
C CYS A 516 10.55 9.44 -23.61
N PHE A 517 11.25 8.67 -22.77
CA PHE A 517 11.80 9.23 -21.55
C PHE A 517 12.82 10.32 -21.86
N TYR A 518 13.68 10.08 -22.86
CA TYR A 518 14.66 11.08 -23.24
C TYR A 518 13.98 12.39 -23.63
N ILE A 519 13.03 12.31 -24.56
CA ILE A 519 12.36 13.52 -25.02
C ILE A 519 11.63 14.21 -23.87
N ALA A 520 11.04 13.42 -22.97
CA ALA A 520 10.24 14.00 -21.91
C ALA A 520 11.09 14.73 -20.88
N PHE A 521 12.21 14.14 -20.48
CA PHE A 521 12.95 14.63 -19.32
C PHE A 521 14.35 15.12 -19.64
N PHE A 522 15.12 14.38 -20.43
CA PHE A 522 16.55 14.65 -20.58
C PHE A 522 16.86 15.45 -21.84
N LYS A 523 15.90 16.21 -22.35
CA LYS A 523 16.09 17.01 -23.56
C LYS A 523 15.69 18.45 -23.25
N GLY A 524 16.67 19.34 -23.21
CA GLY A 524 16.43 20.73 -22.90
C GLY A 524 16.37 21.05 -21.42
N LYS A 525 16.65 20.09 -20.56
CA LYS A 525 16.52 20.28 -19.12
C LYS A 525 17.85 20.58 -18.44
N PHE A 526 18.98 20.37 -19.11
CA PHE A 526 20.28 20.59 -18.51
C PHE A 526 21.21 21.31 -19.48
N VAL A 527 20.72 22.36 -20.13
CA VAL A 527 21.51 23.18 -21.04
C VAL A 527 21.76 24.52 -20.37
N GLY A 528 23.00 24.98 -20.42
CA GLY A 528 23.37 26.24 -19.82
C GLY A 528 22.97 27.42 -20.68
N TYR A 529 23.30 28.61 -20.19
CA TYR A 529 23.00 29.84 -20.91
C TYR A 529 23.94 29.99 -22.10
N PRO A 530 23.59 30.85 -23.05
CA PRO A 530 24.39 30.93 -24.29
C PRO A 530 25.85 31.22 -24.05
N GLY A 531 26.18 31.97 -23.01
CA GLY A 531 27.58 32.26 -22.74
C GLY A 531 28.40 31.02 -22.46
N ASP A 532 27.85 30.11 -21.65
CA ASP A 532 28.55 28.89 -21.24
C ASP A 532 27.64 27.68 -21.43
N PRO A 533 27.47 27.23 -22.67
CA PRO A 533 26.66 26.02 -22.91
C PRO A 533 27.30 24.80 -22.29
N VAL A 534 26.62 23.67 -22.44
CA VAL A 534 27.00 22.41 -21.80
C VAL A 534 27.46 21.42 -22.85
N TYR A 535 28.63 20.82 -22.63
CA TYR A 535 29.15 19.73 -23.46
C TYR A 535 29.65 18.66 -22.48
N LEU A 536 28.75 17.74 -22.11
CA LEU A 536 29.09 16.78 -21.07
C LEU A 536 30.24 15.88 -21.49
N LEU A 537 30.20 15.38 -22.72
CA LEU A 537 31.23 14.49 -23.24
C LEU A 537 32.22 15.19 -24.17
N GLY A 538 31.98 16.47 -24.46
CA GLY A 538 32.85 17.19 -25.37
C GLY A 538 32.39 17.09 -26.80
N LYS A 539 32.07 18.22 -27.42
CA LYS A 539 31.58 18.28 -28.78
C LYS A 539 30.20 17.61 -28.93
N TYR A 540 29.54 17.35 -27.81
CA TYR A 540 28.19 16.77 -27.81
C TYR A 540 27.29 17.74 -27.05
N ARG A 541 26.77 18.72 -27.77
CA ARG A 541 25.93 19.74 -27.14
C ARG A 541 24.56 19.17 -26.79
N SER A 542 23.96 19.71 -25.74
CA SER A 542 22.62 19.31 -25.33
C SER A 542 21.58 20.11 -26.11
N GLU A 543 20.67 19.40 -26.79
CA GLU A 543 19.64 20.06 -27.56
C GLU A 543 18.65 20.76 -26.64
N GLU A 544 18.11 21.88 -27.11
CA GLU A 544 17.20 22.70 -26.33
C GLU A 544 15.84 22.78 -27.02
N CYS A 545 14.79 22.65 -26.23
CA CYS A 545 13.43 22.79 -26.74
C CYS A 545 13.11 24.26 -27.00
N ASP A 546 12.18 24.49 -27.91
CA ASP A 546 11.69 25.84 -28.20
C ASP A 546 10.97 26.36 -26.96
N PRO A 547 10.55 27.63 -26.94
CA PRO A 547 9.92 28.16 -25.72
C PRO A 547 8.75 27.33 -25.21
N GLY A 548 7.92 26.82 -26.12
CA GLY A 548 6.78 26.01 -25.68
C GLY A 548 7.21 24.73 -24.99
N GLY A 549 8.28 24.13 -25.46
CA GLY A 549 8.80 22.90 -24.90
C GLY A 549 8.74 21.76 -25.90
N CYS A 550 9.25 20.61 -25.45
CA CYS A 550 9.28 19.39 -26.25
C CYS A 550 8.05 18.51 -26.01
N LEU A 551 6.99 19.06 -25.42
CA LEU A 551 5.78 18.27 -25.20
C LEU A 551 5.14 17.86 -26.53
N LEU A 552 5.08 18.78 -27.49
CA LEU A 552 4.45 18.46 -28.77
C LEU A 552 5.25 17.41 -29.51
N GLU A 553 6.58 17.54 -29.50
CA GLU A 553 7.41 16.50 -30.11
C GLU A 553 7.23 15.16 -29.40
N LEU A 554 7.14 15.17 -28.07
CA LEU A 554 6.93 13.92 -27.35
C LEU A 554 5.63 13.26 -27.75
N THR A 555 4.55 14.04 -27.81
CA THR A 555 3.26 13.44 -28.18
C THR A 555 3.26 12.94 -29.61
N THR A 556 3.90 13.67 -30.54
CA THR A 556 4.00 13.18 -31.91
C THR A 556 4.77 11.86 -31.95
N GLN A 557 5.90 11.80 -31.25
CA GLN A 557 6.67 10.56 -31.21
C GLN A 557 5.83 9.41 -30.67
N LEU A 558 5.11 9.66 -29.57
CA LEU A 558 4.35 8.61 -28.93
C LEU A 558 3.23 8.10 -29.83
N THR A 559 2.46 9.02 -30.43
CA THR A 559 1.38 8.60 -31.29
C THR A 559 1.91 7.83 -32.50
N ILE A 560 3.01 8.31 -33.09
CA ILE A 560 3.58 7.61 -34.24
C ILE A 560 4.00 6.21 -33.84
N ILE A 561 4.68 6.07 -32.70
CA ILE A 561 5.15 4.76 -32.28
C ILE A 561 3.98 3.81 -32.05
N MET A 562 2.97 4.26 -31.30
CA MET A 562 1.84 3.40 -30.99
C MET A 562 1.11 2.97 -32.26
N GLY A 563 0.77 3.94 -33.11
CA GLY A 563 0.13 3.63 -34.37
C GLY A 563 0.96 2.61 -35.13
N GLY A 564 2.13 3.03 -35.61
CA GLY A 564 2.99 2.14 -36.35
C GLY A 564 3.05 0.75 -35.78
N LYS A 565 3.14 0.59 -34.47
CA LYS A 565 3.30 -0.74 -33.92
C LYS A 565 2.08 -1.49 -34.16
N ALA A 566 0.99 -0.99 -33.63
CA ALA A 566 -0.25 -1.76 -33.72
C ALA A 566 -0.57 -2.09 -35.17
N ILE A 567 -0.58 -1.06 -36.03
CA ILE A 567 -1.01 -1.24 -37.41
C ILE A 567 -0.11 -2.26 -38.12
N TRP A 568 1.19 -1.98 -38.17
CA TRP A 568 2.08 -2.83 -38.94
C TRP A 568 2.11 -4.25 -38.37
N ASN A 569 2.16 -4.38 -37.05
CA ASN A 569 2.20 -5.71 -36.44
C ASN A 569 0.97 -6.52 -36.84
N ASN A 570 -0.22 -5.97 -36.62
CA ASN A 570 -1.43 -6.71 -36.94
C ASN A 570 -1.49 -7.06 -38.42
N ILE A 571 -1.24 -6.07 -39.28
CA ILE A 571 -1.28 -6.32 -40.72
C ILE A 571 -0.36 -7.48 -41.07
N GLN A 572 0.94 -7.30 -40.83
CA GLN A 572 1.93 -8.27 -41.29
C GLN A 572 1.75 -9.63 -40.63
N GLU A 573 1.16 -9.70 -39.43
CA GLU A 573 1.07 -10.98 -38.76
C GLU A 573 -0.17 -11.78 -39.17
N VAL A 574 -1.29 -11.12 -39.49
CA VAL A 574 -2.48 -11.86 -39.89
C VAL A 574 -3.11 -11.37 -41.18
N LEU A 575 -3.33 -10.06 -41.29
CA LEU A 575 -4.42 -9.56 -42.12
C LEU A 575 -4.18 -9.67 -43.62
N LEU A 576 -3.02 -10.15 -44.08
CA LEU A 576 -2.76 -10.19 -45.52
C LEU A 576 -3.78 -11.06 -46.25
N PRO A 577 -3.98 -12.33 -45.90
CA PRO A 577 -5.07 -13.10 -46.53
C PRO A 577 -6.43 -12.43 -46.37
N TRP A 578 -6.73 -11.89 -45.19
CA TRP A 578 -8.05 -11.33 -44.96
C TRP A 578 -8.24 -10.04 -45.75
N VAL A 579 -7.20 -9.20 -45.84
CA VAL A 579 -7.34 -7.97 -46.61
C VAL A 579 -7.46 -8.26 -48.09
N MET A 580 -6.74 -9.27 -48.60
CA MET A 580 -6.92 -9.59 -50.02
C MET A 580 -8.30 -10.18 -50.27
N ASN A 581 -8.83 -10.96 -49.33
CA ASN A 581 -10.21 -11.44 -49.46
C ASN A 581 -11.19 -10.27 -49.46
N LEU A 582 -10.98 -9.29 -48.59
CA LEU A 582 -11.86 -8.12 -48.56
C LEU A 582 -11.78 -7.34 -49.86
N ILE A 583 -10.57 -7.21 -50.41
CA ILE A 583 -10.41 -6.54 -51.70
C ILE A 583 -11.18 -7.30 -52.77
N THR A 596 -9.21 -33.95 -49.53
CA THR A 596 -8.21 -34.48 -48.61
C THR A 596 -8.83 -34.70 -47.25
N PRO A 597 -8.28 -35.62 -46.46
CA PRO A 597 -8.88 -35.93 -45.15
C PRO A 597 -8.60 -34.83 -44.13
N ARG A 598 -9.27 -34.95 -42.99
CA ARG A 598 -9.11 -33.94 -41.93
C ARG A 598 -7.68 -33.91 -41.42
N TRP A 599 -7.07 -35.07 -41.19
CA TRP A 599 -5.73 -35.08 -40.59
C TRP A 599 -4.72 -34.43 -41.52
N GLU A 600 -4.79 -34.72 -42.82
CA GLU A 600 -3.87 -34.09 -43.76
C GLU A 600 -4.06 -32.58 -43.80
N GLN A 601 -5.32 -32.14 -43.84
CA GLN A 601 -5.58 -30.69 -43.87
C GLN A 601 -5.04 -30.02 -42.63
N ASP A 602 -5.24 -30.62 -41.46
CA ASP A 602 -4.74 -30.02 -40.22
C ASP A 602 -3.23 -30.05 -40.20
N TYR A 603 -2.61 -31.10 -40.73
CA TYR A 603 -1.16 -31.13 -40.84
C TYR A 603 -0.65 -29.99 -41.71
N HIS A 604 -1.38 -29.66 -42.78
CA HIS A 604 -0.97 -28.55 -43.63
C HIS A 604 -0.91 -27.24 -42.86
N LEU A 605 -1.61 -27.13 -41.73
CA LEU A 605 -1.50 -25.98 -40.87
C LEU A 605 -0.23 -26.08 -40.03
N GLN A 606 0.04 -25.05 -39.23
CA GLN A 606 1.23 -24.96 -38.41
C GLN A 606 0.86 -24.58 -36.99
N PRO A 607 1.71 -24.89 -36.02
CA PRO A 607 1.40 -24.56 -34.63
C PRO A 607 1.79 -23.13 -34.30
N MET A 608 1.43 -22.72 -33.08
CA MET A 608 1.84 -21.43 -32.54
C MET A 608 3.03 -21.53 -31.60
N GLY A 609 3.66 -22.71 -31.52
CA GLY A 609 4.78 -22.85 -30.61
C GLY A 609 4.32 -22.87 -29.16
N LYS A 610 5.16 -22.32 -28.29
CA LYS A 610 4.89 -22.27 -26.86
C LYS A 610 4.83 -20.84 -26.32
N LEU A 611 4.91 -19.83 -27.20
CA LEU A 611 4.96 -18.45 -26.74
C LEU A 611 4.09 -17.53 -27.60
N GLY A 612 3.07 -18.08 -28.26
CA GLY A 612 2.14 -17.23 -29.01
C GLY A 612 1.26 -16.41 -28.09
N LEU A 613 0.61 -17.07 -27.12
CA LEU A 613 -0.11 -16.35 -26.09
C LEU A 613 0.82 -15.40 -25.35
N PHE A 614 2.07 -15.81 -25.16
CA PHE A 614 3.06 -14.91 -24.56
C PHE A 614 3.22 -13.65 -25.37
N TYR A 615 3.33 -13.78 -26.70
CA TYR A 615 3.53 -12.61 -27.53
C TYR A 615 2.29 -11.72 -27.54
N GLU A 616 1.10 -12.31 -27.55
CA GLU A 616 -0.11 -11.50 -27.48
C GLU A 616 -0.18 -10.73 -26.17
N TYR A 617 0.13 -11.39 -25.06
CA TYR A 617 0.16 -10.71 -23.77
C TYR A 617 1.21 -9.59 -23.78
N LEU A 618 2.36 -9.84 -24.39
CA LEU A 618 3.41 -8.82 -24.43
C LEU A 618 2.95 -7.59 -25.21
N GLU A 619 2.31 -7.82 -26.37
CA GLU A 619 1.80 -6.70 -27.16
C GLU A 619 0.78 -5.90 -26.36
N MET A 620 -0.15 -6.60 -25.70
CA MET A 620 -1.17 -5.90 -24.91
C MET A 620 -0.54 -5.12 -23.76
N ILE A 621 0.48 -5.70 -23.11
CA ILE A 621 1.13 -5.02 -22.01
C ILE A 621 1.85 -3.77 -22.49
N ILE A 622 2.52 -3.86 -23.63
CA ILE A 622 3.20 -2.68 -24.18
C ILE A 622 2.18 -1.60 -24.51
N GLN A 623 1.05 -1.99 -25.10
CA GLN A 623 0.00 -1.02 -25.40
C GLN A 623 -0.52 -0.36 -24.13
N PHE A 624 -0.73 -1.15 -23.08
CA PHE A 624 -1.20 -0.60 -21.82
C PHE A 624 -0.19 0.38 -21.24
N GLY A 625 1.09 0.02 -21.29
CA GLY A 625 2.12 0.94 -20.81
C GLY A 625 2.12 2.24 -21.60
N PHE A 626 2.00 2.15 -22.92
CA PHE A 626 1.95 3.37 -23.73
C PHE A 626 0.77 4.24 -23.34
N VAL A 627 -0.41 3.63 -23.15
CA VAL A 627 -1.59 4.42 -22.88
C VAL A 627 -1.56 5.03 -21.49
N THR A 628 -0.91 4.38 -20.52
CA THR A 628 -0.95 4.85 -19.14
C THR A 628 0.22 5.73 -18.76
N LEU A 629 1.46 5.38 -19.15
CA LEU A 629 2.62 6.12 -18.71
C LEU A 629 2.61 7.57 -19.19
N PHE A 630 2.68 7.77 -20.51
CA PHE A 630 2.71 9.11 -21.10
C PHE A 630 1.33 9.57 -21.52
N VAL A 631 0.36 9.49 -20.61
CA VAL A 631 -1.02 9.81 -20.97
C VAL A 631 -1.30 11.31 -20.87
N ALA A 632 -0.52 12.06 -20.09
CA ALA A 632 -0.74 13.49 -20.00
C ALA A 632 -0.46 14.17 -21.34
N SER A 633 0.62 13.77 -22.01
CA SER A 633 1.00 14.43 -23.26
C SER A 633 -0.07 14.27 -24.32
N PHE A 634 -0.61 13.06 -24.46
CA PHE A 634 -1.57 12.74 -25.52
C PHE A 634 -2.87 12.22 -24.89
N PRO A 635 -3.90 13.06 -24.76
CA PRO A 635 -5.15 12.58 -24.15
C PRO A 635 -5.95 11.63 -25.03
N LEU A 636 -5.55 11.42 -26.28
CA LEU A 636 -6.28 10.55 -27.19
C LEU A 636 -5.74 9.13 -27.23
N ALA A 637 -4.71 8.82 -26.44
CA ALA A 637 -4.15 7.47 -26.44
C ALA A 637 -5.20 6.41 -26.13
N PRO A 638 -6.07 6.58 -25.13
CA PRO A 638 -7.08 5.54 -24.87
C PRO A 638 -7.96 5.25 -26.08
N LEU A 639 -8.30 6.25 -26.88
CA LEU A 639 -9.13 6.00 -28.05
C LEU A 639 -8.41 5.11 -29.07
N LEU A 640 -7.14 5.42 -29.34
CA LEU A 640 -6.39 4.60 -30.27
C LEU A 640 -6.21 3.18 -29.74
N ALA A 641 -5.97 3.03 -28.44
CA ALA A 641 -5.86 1.69 -27.87
C ALA A 641 -7.20 0.96 -27.94
N LEU A 642 -8.30 1.68 -27.77
CA LEU A 642 -9.62 1.06 -27.89
C LEU A 642 -9.82 0.51 -29.28
N VAL A 643 -9.52 1.31 -30.30
CA VAL A 643 -9.67 0.84 -31.68
C VAL A 643 -8.74 -0.33 -31.94
N ASN A 644 -7.49 -0.23 -31.47
CA ASN A 644 -6.55 -1.32 -31.67
C ASN A 644 -7.04 -2.62 -31.05
N ASN A 645 -7.61 -2.54 -29.85
CA ASN A 645 -8.10 -3.75 -29.19
C ASN A 645 -9.34 -4.29 -29.87
N ILE A 646 -10.23 -3.41 -30.33
CA ILE A 646 -11.40 -3.87 -31.06
C ILE A 646 -10.95 -4.66 -32.29
N LEU A 647 -9.95 -4.17 -32.99
CA LEU A 647 -9.40 -4.94 -34.11
C LEU A 647 -8.73 -6.23 -33.63
N GLU A 648 -7.95 -6.14 -32.55
CA GLU A 648 -7.05 -7.22 -32.17
C GLU A 648 -7.81 -8.44 -31.66
N ILE A 649 -8.90 -8.23 -30.94
CA ILE A 649 -9.65 -9.38 -30.40
C ILE A 649 -10.13 -10.25 -31.56
N ARG A 650 -10.75 -9.65 -32.56
CA ARG A 650 -11.24 -10.42 -33.70
C ARG A 650 -10.10 -10.97 -34.54
N VAL A 651 -9.01 -10.20 -34.68
CA VAL A 651 -7.88 -10.67 -35.46
C VAL A 651 -7.30 -11.93 -34.83
N ASP A 652 -7.14 -11.92 -33.52
CA ASP A 652 -6.58 -13.07 -32.83
C ASP A 652 -7.53 -14.25 -32.89
N ALA A 653 -8.83 -13.99 -32.71
CA ALA A 653 -9.81 -15.07 -32.84
C ALA A 653 -9.69 -15.74 -34.20
N TRP A 654 -9.70 -14.93 -35.26
CA TRP A 654 -9.65 -15.48 -36.62
C TRP A 654 -8.36 -16.25 -36.84
N LYS A 655 -7.22 -15.67 -36.47
CA LYS A 655 -5.95 -16.34 -36.72
C LYS A 655 -5.88 -17.67 -35.99
N LEU A 656 -6.27 -17.68 -34.70
CA LEU A 656 -6.19 -18.90 -33.92
C LEU A 656 -7.13 -19.97 -34.47
N THR A 657 -8.35 -19.59 -34.86
CA THR A 657 -9.32 -20.58 -35.30
C THR A 657 -9.18 -20.95 -36.77
N THR A 658 -8.34 -20.25 -37.53
CA THR A 658 -8.20 -20.51 -38.96
C THR A 658 -6.82 -21.05 -39.33
N GLN A 659 -5.75 -20.33 -39.03
CA GLN A 659 -4.46 -20.62 -39.64
C GLN A 659 -3.54 -21.44 -38.76
N PHE A 660 -3.98 -21.85 -37.57
CA PHE A 660 -3.14 -22.57 -36.63
C PHE A 660 -3.82 -23.87 -36.20
N ARG A 661 -3.03 -24.94 -36.13
CA ARG A 661 -3.55 -26.23 -35.71
C ARG A 661 -4.17 -26.13 -34.32
N ARG A 662 -4.96 -27.14 -33.97
CA ARG A 662 -5.55 -27.18 -32.64
C ARG A 662 -4.46 -27.35 -31.58
N MET A 663 -4.74 -26.82 -30.39
CA MET A 663 -3.81 -26.84 -29.28
C MET A 663 -4.40 -27.60 -28.11
N VAL A 664 -3.54 -28.29 -27.36
CA VAL A 664 -4.01 -29.00 -26.17
C VAL A 664 -4.45 -27.97 -25.13
N PRO A 665 -5.67 -28.07 -24.59
CA PRO A 665 -6.12 -27.08 -23.61
C PRO A 665 -5.26 -27.11 -22.35
N GLU A 666 -5.17 -25.95 -21.70
CA GLU A 666 -4.48 -25.81 -20.43
C GLU A 666 -5.35 -24.97 -19.49
N LYS A 667 -5.13 -25.15 -18.20
CA LYS A 667 -5.87 -24.45 -17.16
C LYS A 667 -5.00 -23.37 -16.53
N ALA A 668 -5.55 -22.17 -16.42
CA ALA A 668 -4.89 -21.07 -15.75
C ALA A 668 -5.93 -20.24 -15.01
N GLN A 669 -5.59 -19.80 -13.81
CA GLN A 669 -6.52 -19.03 -13.00
C GLN A 669 -6.51 -17.55 -13.37
N ASP A 670 -5.33 -16.95 -13.43
CA ASP A 670 -5.17 -15.55 -13.79
C ASP A 670 -4.34 -15.44 -15.07
N ILE A 671 -4.11 -14.20 -15.50
CA ILE A 671 -3.30 -13.98 -16.70
C ILE A 671 -1.89 -14.53 -16.50
N GLY A 672 -1.34 -14.40 -15.30
CA GLY A 672 -0.05 -14.98 -14.99
C GLY A 672 0.93 -14.00 -14.39
N ALA A 673 2.14 -13.96 -14.93
CA ALA A 673 3.20 -13.10 -14.43
C ALA A 673 3.06 -11.66 -14.91
N TRP A 674 1.93 -11.30 -15.50
CA TRP A 674 1.76 -9.95 -16.05
C TRP A 674 1.11 -8.99 -15.06
N GLN A 675 0.28 -9.47 -14.15
CA GLN A 675 -0.35 -8.58 -13.16
C GLN A 675 0.68 -7.77 -12.37
N PRO A 676 1.78 -8.35 -11.88
CA PRO A 676 2.80 -7.50 -11.25
C PRO A 676 3.30 -6.42 -12.18
N ILE A 677 3.44 -6.72 -13.47
CA ILE A 677 3.86 -5.71 -14.42
C ILE A 677 2.82 -4.60 -14.51
N MET A 678 1.54 -4.96 -14.44
CA MET A 678 0.49 -3.94 -14.46
C MET A 678 0.59 -3.03 -13.25
N GLN A 679 0.77 -3.61 -12.06
CA GLN A 679 0.87 -2.78 -10.86
C GLN A 679 2.10 -1.89 -10.91
N GLY A 680 3.23 -2.43 -11.34
CA GLY A 680 4.43 -1.63 -11.49
C GLY A 680 4.24 -0.50 -12.48
N ILE A 681 3.58 -0.79 -13.61
CA ILE A 681 3.37 0.23 -14.62
C ILE A 681 2.49 1.34 -14.08
N ALA A 682 1.48 0.99 -13.27
CA ALA A 682 0.63 2.03 -12.70
C ALA A 682 1.40 2.90 -11.70
N ILE A 683 2.15 2.26 -10.81
CA ILE A 683 2.90 3.02 -9.81
C ILE A 683 3.97 3.88 -10.48
N LEU A 684 4.49 3.44 -11.63
CA LEU A 684 5.43 4.27 -12.38
C LEU A 684 4.70 5.36 -13.16
N ALA A 685 3.47 5.08 -13.61
CA ALA A 685 2.76 6.03 -14.44
C ALA A 685 2.31 7.25 -13.64
N VAL A 686 1.95 7.05 -12.38
CA VAL A 686 1.59 8.21 -11.57
C VAL A 686 2.76 9.18 -11.48
N VAL A 687 3.94 8.67 -11.16
CA VAL A 687 5.13 9.52 -11.06
C VAL A 687 5.47 10.13 -12.41
N THR A 688 5.39 9.33 -13.48
CA THR A 688 5.75 9.83 -14.80
C THR A 688 4.82 10.95 -15.23
N ASN A 689 3.51 10.81 -14.98
CA ASN A 689 2.58 11.87 -15.32
C ASN A 689 2.84 13.12 -14.51
N ALA A 690 3.09 12.98 -13.21
CA ALA A 690 3.41 14.14 -12.40
C ALA A 690 4.64 14.85 -12.95
N MET A 691 5.69 14.09 -13.24
CA MET A 691 6.93 14.68 -13.75
C MET A 691 6.70 15.35 -15.09
N ILE A 692 5.92 14.72 -15.98
CA ILE A 692 5.66 15.29 -17.29
C ILE A 692 4.96 16.63 -17.14
N ILE A 693 3.88 16.66 -16.36
CA ILE A 693 3.11 17.89 -16.24
C ILE A 693 3.94 18.98 -15.58
N ALA A 694 4.81 18.60 -14.64
CA ALA A 694 5.62 19.61 -13.97
C ALA A 694 6.70 20.17 -14.89
N PHE A 695 7.51 19.29 -15.49
CA PHE A 695 8.71 19.69 -16.22
C PHE A 695 8.48 19.78 -17.73
N THR A 696 8.04 18.69 -18.36
CA THR A 696 7.97 18.66 -19.82
C THR A 696 7.05 19.75 -20.35
N SER A 697 5.89 19.91 -19.75
CA SER A 697 4.98 20.97 -20.15
C SER A 697 5.43 22.29 -19.56
N ASP A 698 4.78 23.36 -19.99
CA ASP A 698 5.05 24.71 -19.52
C ASP A 698 3.76 25.37 -19.03
N MET A 699 3.01 24.65 -18.20
CA MET A 699 1.80 25.22 -17.62
C MET A 699 2.09 25.86 -16.26
N ILE A 700 3.03 25.29 -15.51
CA ILE A 700 3.37 25.79 -14.18
C ILE A 700 3.96 27.20 -14.31
N PRO A 701 4.90 27.44 -15.24
CA PRO A 701 5.37 28.83 -15.41
C PRO A 701 4.27 29.79 -15.76
N ARG A 702 3.32 29.40 -16.61
CA ARG A 702 2.22 30.28 -16.94
C ARG A 702 1.36 30.58 -15.73
N LEU A 703 1.05 29.56 -14.93
CA LEU A 703 0.26 29.79 -13.72
C LEU A 703 0.98 30.72 -12.76
N VAL A 704 2.28 30.48 -12.56
CA VAL A 704 3.03 31.30 -11.61
C VAL A 704 3.08 32.74 -12.08
N TYR A 705 3.35 32.95 -13.37
CA TYR A 705 3.33 34.31 -13.90
C TYR A 705 1.97 34.96 -13.67
N TYR A 706 0.91 34.28 -14.09
CA TYR A 706 -0.43 34.85 -13.97
C TYR A 706 -0.73 35.26 -12.54
N TRP A 707 -0.38 34.40 -11.58
CA TRP A 707 -0.80 34.64 -10.20
C TRP A 707 0.16 35.50 -9.39
N SER A 708 1.40 35.69 -9.86
CA SER A 708 2.37 36.41 -9.03
C SER A 708 3.07 37.56 -9.73
N PHE A 709 3.40 37.42 -11.02
CA PHE A 709 4.27 38.36 -11.69
C PHE A 709 3.54 39.31 -12.64
N SER A 710 2.21 39.37 -12.57
CA SER A 710 1.42 40.30 -13.37
C SER A 710 0.80 41.39 -12.51
N ILE A 711 1.49 41.76 -11.43
CA ILE A 711 0.94 42.67 -10.42
C ILE A 711 1.99 43.73 -10.09
N PRO A 712 1.56 44.85 -9.52
CA PRO A 712 2.46 46.01 -9.39
C PRO A 712 3.73 45.69 -8.63
N PRO A 713 3.68 44.84 -7.59
CA PRO A 713 4.93 44.48 -6.90
C PRO A 713 6.00 43.93 -7.84
N TYR A 714 5.62 43.14 -8.84
CA TYR A 714 6.57 42.64 -9.84
C TYR A 714 6.19 43.03 -11.25
N GLY A 715 4.92 42.97 -11.61
CA GLY A 715 4.46 43.32 -12.94
C GLY A 715 3.95 44.74 -13.01
N ASP A 716 3.07 44.98 -13.98
CA ASP A 716 2.50 46.31 -14.18
C ASP A 716 1.01 46.30 -14.46
N HIS A 717 0.35 45.15 -14.44
CA HIS A 717 -1.09 45.06 -14.70
C HIS A 717 -1.88 45.20 -13.41
N THR A 718 -3.03 45.86 -13.50
CA THR A 718 -3.86 46.11 -12.33
C THR A 718 -4.63 44.88 -11.88
N TYR A 719 -4.70 43.83 -12.70
CA TYR A 719 -5.41 42.62 -12.34
C TYR A 719 -4.70 41.43 -12.98
N TYR A 720 -4.94 40.25 -12.42
CA TYR A 720 -4.27 39.05 -12.92
C TYR A 720 -4.65 38.82 -14.37
N THR A 721 -3.67 39.00 -15.26
CA THR A 721 -3.88 38.79 -16.69
C THR A 721 -2.59 38.30 -17.30
N MET A 722 -2.71 37.51 -18.36
CA MET A 722 -1.58 36.88 -19.00
C MET A 722 -0.94 37.74 -20.08
N ASP A 723 -1.38 38.98 -20.24
CA ASP A 723 -0.78 39.85 -21.25
C ASP A 723 0.71 40.04 -20.97
N GLY A 724 1.52 39.90 -22.02
CA GLY A 724 2.95 40.11 -21.89
C GLY A 724 3.70 38.96 -21.25
N TYR A 725 3.13 37.77 -21.20
CA TYR A 725 3.79 36.65 -20.55
C TYR A 725 5.11 36.30 -21.24
N ILE A 726 5.07 36.10 -22.56
CA ILE A 726 6.28 35.68 -23.26
C ILE A 726 7.34 36.77 -23.21
N ASN A 727 6.93 37.95 -23.52
CA ASN A 727 7.86 38.99 -23.50
C ASN A 727 8.52 39.00 -22.12
N ASN A 728 7.79 39.16 -21.02
CA ASN A 728 8.30 39.35 -19.67
C ASN A 728 8.91 38.10 -19.07
N THR A 729 8.88 36.97 -19.78
CA THR A 729 9.44 35.72 -19.27
C THR A 729 10.77 35.34 -19.90
N LEU A 730 11.09 35.85 -21.09
CA LEU A 730 12.30 35.43 -21.80
C LEU A 730 13.51 36.23 -21.30
N SER A 731 14.60 35.52 -21.06
CA SER A 731 15.83 36.13 -20.57
C SER A 731 16.73 36.57 -21.71
N VAL A 732 17.39 37.71 -21.52
CA VAL A 732 18.20 38.33 -22.56
C VAL A 732 19.65 37.86 -22.42
N PHE A 733 20.37 37.87 -23.54
CA PHE A 733 21.77 37.50 -23.58
C PHE A 733 22.56 38.56 -24.34
N ASN A 734 23.82 38.72 -23.95
CA ASN A 734 24.72 39.70 -24.56
C ASN A 734 25.77 38.96 -25.37
N ILE A 735 25.89 39.31 -26.65
CA ILE A 735 26.84 38.62 -27.53
C ILE A 735 28.27 38.88 -27.08
N THR A 736 28.53 40.07 -26.53
CA THR A 736 29.89 40.43 -26.13
C THR A 736 30.45 39.47 -25.09
N ASP A 737 29.60 38.74 -24.39
CA ASP A 737 30.02 37.70 -23.45
C ASP A 737 29.84 36.32 -24.05
N PHE A 738 30.17 36.17 -25.34
CA PHE A 738 29.85 34.95 -26.08
C PHE A 738 30.39 33.72 -25.36
N LYS A 739 31.62 33.78 -24.86
CA LYS A 739 32.23 32.63 -24.20
C LYS A 739 33.05 33.07 -23.01
N ASN A 740 33.00 32.25 -21.95
CA ASN A 740 33.97 32.35 -20.87
C ASN A 740 35.26 31.60 -21.18
N THR A 741 35.22 30.70 -22.16
CA THR A 741 36.40 29.94 -22.56
C THR A 741 37.20 30.62 -23.67
N ASP A 742 36.71 31.73 -24.20
CA ASP A 742 37.43 32.49 -25.22
C ASP A 742 37.66 31.66 -26.47
N LYS A 743 36.62 30.98 -26.93
CA LYS A 743 36.67 30.16 -28.13
C LYS A 743 35.84 30.82 -29.24
N GLU A 744 35.81 30.17 -30.40
CA GLU A 744 35.03 30.69 -31.52
C GLU A 744 33.55 30.71 -31.17
N ASN A 745 32.86 31.74 -31.65
CA ASN A 745 31.45 31.93 -31.36
C ASN A 745 30.62 31.79 -32.62
N PRO A 746 29.39 31.26 -32.52
CA PRO A 746 28.50 31.24 -33.69
C PRO A 746 27.77 32.55 -33.92
N TYR A 747 27.84 33.50 -32.99
CA TYR A 747 27.17 34.77 -33.13
C TYR A 747 27.96 35.77 -33.98
N ILE A 748 29.13 35.37 -34.47
CA ILE A 748 29.90 36.25 -35.36
C ILE A 748 29.06 36.59 -36.57
N GLY A 749 29.11 37.85 -36.98
CA GLY A 749 28.29 38.29 -38.10
C GLY A 749 26.81 38.17 -37.76
N LEU A 750 26.07 37.50 -38.63
CA LEU A 750 24.63 37.32 -38.45
C LEU A 750 23.94 38.67 -38.24
N GLY A 751 24.33 39.65 -39.04
CA GLY A 751 23.74 40.97 -38.97
C GLY A 751 24.36 41.83 -37.87
N ASN A 752 23.78 43.02 -37.71
CA ASN A 752 24.22 43.98 -36.72
C ASN A 752 23.51 43.80 -35.38
N TYR A 753 22.86 42.66 -35.16
CA TYR A 753 22.17 42.42 -33.91
C TYR A 753 23.17 42.29 -32.76
N THR A 754 22.74 42.69 -31.58
CA THR A 754 23.59 42.71 -30.39
C THR A 754 23.05 41.89 -29.24
N LEU A 755 21.73 41.86 -29.04
CA LEU A 755 21.11 41.14 -27.93
C LEU A 755 20.08 40.16 -28.48
N CYS A 756 20.08 38.95 -27.93
CA CYS A 756 19.13 37.91 -28.31
C CYS A 756 18.52 37.30 -27.05
N ARG A 757 17.26 36.89 -27.15
CA ARG A 757 16.51 36.36 -26.02
C ARG A 757 16.41 34.84 -26.15
N TYR A 758 16.56 34.15 -25.03
CA TYR A 758 16.62 32.69 -25.04
C TYR A 758 15.66 32.13 -24.00
N ARG A 759 15.44 30.82 -24.07
CA ARG A 759 14.48 30.13 -23.23
C ARG A 759 15.17 29.73 -21.93
N ASP A 760 15.15 30.65 -20.96
CA ASP A 760 15.71 30.37 -19.65
C ASP A 760 15.37 31.52 -18.72
N PHE A 761 15.37 31.23 -17.42
CA PHE A 761 15.11 32.21 -16.39
C PHE A 761 16.45 32.61 -15.78
N ARG A 762 16.99 33.74 -16.23
CA ARG A 762 18.29 34.20 -15.77
C ARG A 762 18.32 35.71 -15.74
N ASN A 763 19.17 36.26 -14.88
CA ASN A 763 19.27 37.70 -14.74
C ASN A 763 19.90 38.31 -15.99
N PRO A 764 19.43 39.48 -16.40
CA PRO A 764 19.96 40.11 -17.62
C PRO A 764 21.34 40.68 -17.40
N PRO A 765 22.05 41.02 -18.47
CA PRO A 765 23.32 41.75 -18.31
C PRO A 765 23.09 43.12 -17.71
N GLY A 766 24.07 43.58 -16.94
CA GLY A 766 23.93 44.81 -16.17
C GLY A 766 23.37 44.61 -14.78
N HIS A 767 23.04 43.38 -14.40
CA HIS A 767 22.60 43.09 -13.05
C HIS A 767 23.81 42.74 -12.17
N PRO A 768 23.71 42.96 -10.86
CA PRO A 768 24.84 42.55 -9.99
C PRO A 768 25.22 41.09 -10.15
N GLN A 769 24.25 40.20 -10.33
CA GLN A 769 24.52 38.79 -10.59
C GLN A 769 24.36 38.54 -12.08
N GLU A 770 25.46 38.28 -12.75
CA GLU A 770 25.51 38.22 -14.21
C GLU A 770 25.12 36.83 -14.67
N TYR A 771 23.93 36.70 -15.26
CA TYR A 771 23.48 35.45 -15.86
C TYR A 771 23.35 34.32 -14.84
N LYS A 772 22.85 34.66 -13.66
CA LYS A 772 22.51 33.68 -12.63
C LYS A 772 20.99 33.60 -12.50
N HIS A 773 20.52 32.44 -12.03
CA HIS A 773 19.08 32.25 -11.88
C HIS A 773 18.49 33.32 -10.98
N ASN A 774 17.40 33.93 -11.42
CA ASN A 774 16.78 35.02 -10.70
C ASN A 774 15.64 34.49 -9.84
N ILE A 775 14.86 35.41 -9.26
CA ILE A 775 13.79 35.02 -8.34
C ILE A 775 12.73 34.20 -9.07
N TYR A 776 12.46 34.54 -10.33
CA TYR A 776 11.40 33.85 -11.08
C TYR A 776 11.73 32.38 -11.26
N TYR A 777 12.99 32.06 -11.51
CA TYR A 777 13.39 30.66 -11.67
C TYR A 777 13.03 29.86 -10.43
N TRP A 778 13.39 30.36 -9.25
CA TRP A 778 13.15 29.62 -8.03
C TRP A 778 11.68 29.62 -7.65
N HIS A 779 10.96 30.70 -7.94
CA HIS A 779 9.52 30.69 -7.77
C HIS A 779 8.89 29.56 -8.58
N VAL A 780 9.30 29.45 -9.85
CA VAL A 780 8.72 28.44 -10.73
C VAL A 780 9.12 27.04 -10.30
N ILE A 781 10.36 26.86 -9.85
CA ILE A 781 10.79 25.52 -9.44
C ILE A 781 10.09 25.10 -8.15
N ALA A 782 9.87 26.06 -7.24
CA ALA A 782 9.10 25.77 -6.04
C ALA A 782 7.67 25.38 -6.42
N ALA A 783 7.07 26.09 -7.37
CA ALA A 783 5.73 25.73 -7.82
C ALA A 783 5.72 24.33 -8.44
N LYS A 784 6.73 24.02 -9.25
CA LYS A 784 6.81 22.69 -9.86
C LYS A 784 6.86 21.60 -8.81
N LEU A 785 7.73 21.76 -7.82
CA LEU A 785 7.88 20.73 -6.80
C LEU A 785 6.64 20.64 -5.91
N ALA A 786 6.00 21.78 -5.62
CA ALA A 786 4.75 21.74 -4.87
C ALA A 786 3.67 21.01 -5.64
N PHE A 787 3.57 21.25 -6.96
CA PHE A 787 2.62 20.51 -7.77
C PHE A 787 2.90 19.03 -7.75
N ILE A 788 4.17 18.65 -7.89
CA ILE A 788 4.52 17.24 -7.86
C ILE A 788 4.08 16.62 -6.55
N ILE A 789 4.42 17.27 -5.44
CA ILE A 789 4.10 16.70 -4.13
C ILE A 789 2.59 16.58 -3.95
N VAL A 790 1.85 17.66 -4.25
CA VAL A 790 0.42 17.65 -3.99
C VAL A 790 -0.29 16.63 -4.86
N MET A 791 0.03 16.60 -6.15
CA MET A 791 -0.63 15.64 -7.04
C MET A 791 -0.28 14.22 -6.65
N GLU A 792 1.00 13.95 -6.35
CA GLU A 792 1.40 12.60 -5.99
C GLU A 792 0.67 12.13 -4.73
N HIS A 793 0.66 12.98 -3.70
CA HIS A 793 0.03 12.58 -2.45
C HIS A 793 -1.47 12.39 -2.62
N ILE A 794 -2.13 13.31 -3.33
CA ILE A 794 -3.58 13.20 -3.53
C ILE A 794 -3.91 11.92 -4.28
N ILE A 795 -3.18 11.64 -5.36
CA ILE A 795 -3.50 10.48 -6.18
C ILE A 795 -3.23 9.19 -5.41
N TYR A 796 -2.11 9.14 -4.68
CA TYR A 796 -1.82 7.93 -3.92
C TYR A 796 -2.84 7.73 -2.80
N SER A 797 -3.27 8.81 -2.15
CA SER A 797 -4.29 8.70 -1.12
C SER A 797 -5.59 8.16 -1.69
N VAL A 798 -6.01 8.68 -2.85
CA VAL A 798 -7.25 8.21 -3.46
C VAL A 798 -7.10 6.74 -3.87
N LYS A 799 -5.94 6.36 -4.41
CA LYS A 799 -5.71 4.98 -4.79
C LYS A 799 -5.83 4.06 -3.58
N PHE A 800 -5.21 4.45 -2.46
CA PHE A 800 -5.26 3.62 -1.27
C PHE A 800 -6.69 3.54 -0.73
N PHE A 801 -7.43 4.65 -0.76
CA PHE A 801 -8.81 4.61 -0.28
C PHE A 801 -9.65 3.68 -1.15
N ILE A 802 -9.48 3.73 -2.46
CA ILE A 802 -10.25 2.87 -3.35
C ILE A 802 -9.86 1.41 -3.15
N SER A 803 -8.59 1.14 -2.86
CA SER A 803 -8.18 -0.24 -2.58
C SER A 803 -8.68 -0.72 -1.23
N TYR A 804 -8.86 0.21 -0.28
CA TYR A 804 -9.36 -0.14 1.04
C TYR A 804 -10.89 -0.23 1.09
N ALA A 805 -11.57 0.31 0.07
CA ALA A 805 -13.03 0.34 0.03
C ALA A 805 -13.62 -0.80 -0.79
N ILE A 806 -12.90 -1.92 -0.92
CA ILE A 806 -13.47 -3.08 -1.62
C ILE A 806 -14.71 -3.60 -0.91
N PRO A 807 -14.67 -3.90 0.39
CA PRO A 807 -15.91 -4.34 1.07
C PRO A 807 -17.00 -3.29 1.10
N ASP A 808 -16.65 -2.01 1.11
CA ASP A 808 -17.63 -0.93 1.25
C ASP A 808 -18.26 -0.53 -0.08
N VAL A 809 -17.85 -1.14 -1.19
CA VAL A 809 -18.40 -0.84 -2.50
C VAL A 809 -19.14 -2.05 -3.02
N SER A 810 -18.56 -3.24 -2.83
CA SER A 810 -19.03 -4.47 -3.46
C SER A 810 -19.74 -5.41 -2.48
N LYS A 811 -20.58 -4.88 -1.60
CA LYS A 811 -21.40 -5.73 -0.74
C LYS A 811 -22.16 -6.80 -1.53
N ILE A 812 -22.35 -6.59 -2.83
CA ILE A 812 -23.09 -7.55 -3.64
C ILE A 812 -22.33 -8.86 -3.76
N THR A 813 -21.06 -8.79 -4.16
CA THR A 813 -20.38 -9.99 -4.65
C THR A 813 -20.18 -11.03 -3.55
N LYS A 814 -19.65 -10.62 -2.39
CA LYS A 814 -19.39 -11.60 -1.34
C LYS A 814 -20.68 -12.24 -0.83
N SER A 815 -21.71 -11.44 -0.60
CA SER A 815 -22.98 -11.99 -0.14
C SER A 815 -23.57 -12.94 -1.17
N LYS A 816 -23.53 -12.56 -2.45
CA LYS A 816 -24.05 -13.43 -3.49
C LYS A 816 -23.30 -14.75 -3.54
N ILE A 817 -21.97 -14.69 -3.42
CA ILE A 817 -21.16 -15.90 -3.54
C ILE A 817 -21.40 -16.82 -2.35
N LYS A 818 -21.37 -16.28 -1.13
CA LYS A 818 -21.42 -17.13 0.05
C LYS A 818 -22.84 -17.49 0.47
N ARG A 819 -23.87 -16.83 -0.06
CA ARG A 819 -25.23 -17.24 0.26
C ARG A 819 -25.62 -18.52 -0.47
N GLU A 820 -25.23 -18.65 -1.73
CA GLU A 820 -25.50 -19.86 -2.51
C GLU A 820 -24.39 -20.10 -3.52
N PHE B 1 -27.68 -29.77 48.42
CA PHE B 1 -26.39 -29.10 48.59
C PHE B 1 -26.22 -28.58 50.02
N GLU B 2 -25.01 -28.14 50.34
CA GLU B 2 -24.66 -27.73 51.69
C GLU B 2 -23.90 -26.41 51.63
N GLU B 3 -23.35 -26.02 52.79
CA GLU B 3 -22.57 -24.79 52.91
C GLU B 3 -21.08 -25.13 52.80
N PHE B 4 -20.25 -24.13 53.09
CA PHE B 4 -18.81 -24.29 53.01
C PHE B 4 -18.37 -25.44 53.91
N ASN B 5 -17.59 -26.37 53.34
CA ASN B 5 -17.19 -27.56 54.10
C ASN B 5 -16.12 -27.24 55.12
N GLY B 6 -15.13 -26.42 54.77
CA GLY B 6 -14.07 -26.07 55.70
C GLY B 6 -12.70 -25.90 55.07
N LYS B 7 -12.51 -26.40 53.86
CA LYS B 7 -11.25 -26.22 53.15
C LYS B 7 -11.31 -24.94 52.32
N PRO B 8 -10.52 -23.90 52.66
CA PRO B 8 -10.71 -22.61 51.99
C PRO B 8 -10.18 -22.57 50.57
N ASP B 9 -8.99 -23.13 50.34
CA ASP B 9 -8.35 -23.08 49.03
C ASP B 9 -8.65 -24.30 48.18
N SER B 10 -9.50 -25.21 48.64
CA SER B 10 -9.83 -26.38 47.82
C SER B 10 -10.52 -25.94 46.54
N LEU B 11 -10.07 -26.49 45.42
CA LEU B 11 -10.61 -26.18 44.11
C LEU B 11 -11.50 -27.30 43.57
N PHE B 12 -11.79 -28.31 44.39
CA PHE B 12 -12.58 -29.46 43.97
C PHE B 12 -14.00 -29.35 44.53
N PHE B 13 -14.81 -30.35 44.25
CA PHE B 13 -16.15 -30.45 44.82
C PHE B 13 -16.07 -30.97 46.26
N THR B 14 -17.22 -30.98 46.92
CA THR B 14 -17.27 -31.43 48.32
C THR B 14 -16.72 -32.85 48.44
N ASP B 15 -16.97 -33.70 47.45
CA ASP B 15 -16.42 -35.05 47.48
C ASP B 15 -14.90 -35.02 47.44
N GLY B 16 -14.33 -34.14 46.62
CA GLY B 16 -12.90 -34.00 46.51
C GLY B 16 -12.28 -34.67 45.29
N GLN B 17 -13.08 -35.32 44.45
CA GLN B 17 -12.58 -35.96 43.24
C GLN B 17 -12.95 -35.23 41.98
N ARG B 18 -13.81 -34.21 42.04
CA ARG B 18 -14.29 -33.48 40.89
C ARG B 18 -13.78 -32.05 40.93
N ARG B 19 -13.45 -31.51 39.76
CA ARG B 19 -12.89 -30.16 39.63
C ARG B 19 -13.97 -29.18 39.20
N ILE B 20 -13.83 -27.94 39.66
CA ILE B 20 -14.76 -26.86 39.36
C ILE B 20 -14.31 -26.13 38.10
N ASP B 21 -15.29 -25.65 37.32
CA ASP B 21 -14.98 -24.90 36.10
C ASP B 21 -15.57 -23.51 36.06
N PHE B 22 -16.79 -23.28 36.55
CA PHE B 22 -17.31 -21.94 36.74
C PHE B 22 -18.12 -21.86 38.00
N ILE B 23 -18.36 -20.63 38.43
CA ILE B 23 -19.18 -20.32 39.59
C ILE B 23 -20.33 -19.49 39.08
N LEU B 24 -21.55 -20.02 39.19
CA LEU B 24 -22.75 -19.29 38.80
C LEU B 24 -23.35 -18.67 40.05
N VAL B 25 -23.53 -17.36 40.04
CA VAL B 25 -23.93 -16.60 41.21
C VAL B 25 -25.25 -15.91 40.92
N TYR B 26 -26.19 -16.02 41.87
CA TYR B 26 -27.50 -15.41 41.75
C TYR B 26 -27.96 -15.00 43.15
N GLU B 27 -29.07 -14.25 43.18
CA GLU B 27 -29.65 -13.79 44.43
C GLU B 27 -30.89 -14.62 44.75
N ASP B 28 -30.95 -15.14 45.97
CA ASP B 28 -32.04 -16.00 46.37
C ASP B 28 -33.32 -15.20 46.58
N GLU B 29 -34.45 -15.91 46.59
CA GLU B 29 -35.75 -15.27 46.79
C GLU B 29 -35.87 -14.66 48.18
N SER B 30 -34.99 -15.01 49.11
CA SER B 30 -35.08 -14.48 50.46
C SER B 30 -34.88 -12.97 50.51
N LYS B 31 -34.36 -12.37 49.43
CA LYS B 31 -34.22 -10.94 49.37
C LYS B 31 -35.60 -10.27 49.32
N LYS B 32 -35.63 -8.99 49.69
CA LYS B 32 -36.88 -8.24 49.69
C LYS B 32 -37.26 -7.84 48.27
N GLU B 33 -37.98 -8.71 47.58
CA GLU B 33 -38.38 -8.43 46.20
C GLU B 33 -39.31 -7.22 46.16
N ASN B 34 -39.18 -6.43 45.10
CA ASN B 34 -39.94 -5.19 44.93
C ASN B 34 -40.52 -5.14 43.53
N ASN B 35 -41.14 -4.00 43.21
CA ASN B 35 -41.74 -3.77 41.89
C ASN B 35 -42.84 -4.80 41.62
N LYS B 36 -42.54 -5.83 40.83
CA LYS B 36 -43.51 -6.86 40.49
C LYS B 36 -42.91 -8.21 40.84
N LYS B 37 -43.68 -9.03 41.58
CA LYS B 37 -43.24 -10.38 41.89
C LYS B 37 -43.36 -11.32 40.69
N GLY B 38 -44.17 -10.96 39.70
CA GLY B 38 -44.23 -11.76 38.48
C GLY B 38 -42.89 -11.76 37.75
N THR B 39 -42.25 -10.60 37.65
CA THR B 39 -40.94 -10.54 37.03
C THR B 39 -39.93 -11.38 37.81
N ASN B 40 -39.98 -11.31 39.14
CA ASN B 40 -39.09 -12.12 39.96
C ASN B 40 -39.30 -13.60 39.70
N GLU B 41 -40.58 -14.01 39.61
CA GLU B 41 -40.88 -15.41 39.33
C GLU B 41 -40.39 -15.81 37.94
N LYS B 42 -40.48 -14.91 36.97
CA LYS B 42 -39.94 -15.19 35.64
C LYS B 42 -38.43 -15.41 35.70
N GLN B 43 -37.72 -14.56 36.46
CA GLN B 43 -36.29 -14.75 36.62
C GLN B 43 -35.98 -16.10 37.27
N LYS B 44 -36.73 -16.45 38.31
CA LYS B 44 -36.56 -17.75 38.93
C LYS B 44 -36.72 -18.86 37.91
N ARG B 45 -37.83 -18.83 37.16
CA ARG B 45 -38.13 -19.90 36.22
C ARG B 45 -37.04 -20.01 35.16
N LYS B 46 -36.54 -18.86 34.68
CA LYS B 46 -35.39 -18.88 33.79
C LYS B 46 -34.21 -19.58 34.45
N ARG B 47 -34.01 -19.36 35.75
CA ARG B 47 -32.86 -19.96 36.42
C ARG B 47 -33.01 -21.48 36.56
N GLN B 48 -34.20 -21.96 36.92
CA GLN B 48 -34.40 -23.40 36.97
C GLN B 48 -34.28 -24.01 35.58
N ALA B 49 -34.75 -23.30 34.54
CA ALA B 49 -34.55 -23.78 33.18
C ALA B 49 -33.07 -23.89 32.86
N TYR B 50 -32.29 -22.90 33.30
CA TYR B 50 -30.85 -22.90 33.04
C TYR B 50 -30.23 -24.15 33.64
N GLU B 51 -30.50 -24.37 34.93
CA GLU B 51 -29.91 -25.50 35.63
C GLU B 51 -30.38 -26.82 35.05
N SER B 52 -31.67 -26.92 34.69
CA SER B 52 -32.18 -28.15 34.10
C SER B 52 -31.49 -28.45 32.78
N ASN B 53 -31.33 -27.45 31.91
CA ASN B 53 -30.65 -27.68 30.65
C ASN B 53 -29.20 -28.06 30.87
N LEU B 54 -28.53 -27.41 31.82
CA LEU B 54 -27.14 -27.74 32.09
C LEU B 54 -26.98 -29.17 32.56
N ILE B 55 -27.84 -29.62 33.48
CA ILE B 55 -27.77 -31.00 33.93
C ILE B 55 -28.12 -31.95 32.80
N CYS B 56 -29.05 -31.55 31.92
CA CYS B 56 -29.43 -32.39 30.79
C CYS B 56 -28.24 -32.61 29.86
N HIS B 57 -27.47 -31.56 29.58
CA HIS B 57 -26.36 -31.68 28.65
C HIS B 57 -25.20 -32.50 29.21
N GLY B 58 -25.22 -32.83 30.50
CA GLY B 58 -24.22 -33.72 31.07
C GLY B 58 -23.18 -33.02 31.91
N LEU B 59 -23.56 -31.90 32.53
CA LEU B 59 -22.67 -31.15 33.41
C LEU B 59 -23.16 -31.32 34.84
N GLN B 60 -22.33 -31.89 35.69
CA GLN B 60 -22.67 -32.04 37.10
C GLN B 60 -22.57 -30.70 37.80
N LEU B 61 -23.51 -30.44 38.73
CA LEU B 61 -23.57 -29.18 39.45
C LEU B 61 -23.80 -29.43 40.93
N GLU B 62 -23.37 -28.45 41.73
CA GLU B 62 -23.72 -28.39 43.14
C GLU B 62 -23.66 -26.94 43.57
N ALA B 63 -24.53 -26.57 44.51
CA ALA B 63 -24.65 -25.20 44.98
C ALA B 63 -24.06 -25.08 46.37
N THR B 64 -23.96 -23.84 46.84
CA THR B 64 -23.42 -23.57 48.17
C THR B 64 -23.85 -22.18 48.60
N ARG B 65 -24.24 -22.06 49.86
CA ARG B 65 -24.66 -20.78 50.41
C ARG B 65 -23.43 -19.98 50.83
N SER B 66 -23.39 -18.72 50.43
CA SER B 66 -22.27 -17.87 50.82
C SER B 66 -22.16 -17.80 52.34
N VAL B 67 -20.94 -17.93 52.85
CA VAL B 67 -20.73 -18.04 54.29
C VAL B 67 -21.17 -16.76 54.99
N SER B 68 -20.81 -15.60 54.43
CA SER B 68 -21.09 -14.34 55.10
C SER B 68 -22.55 -13.94 54.92
N ASP B 69 -22.98 -13.73 53.68
CA ASP B 69 -24.33 -13.30 53.38
C ASP B 69 -25.14 -14.50 52.90
N ASP B 70 -26.28 -14.74 53.55
CA ASP B 70 -27.13 -15.86 53.15
C ASP B 70 -27.86 -15.60 51.85
N LYS B 71 -28.02 -14.34 51.46
CA LYS B 71 -28.76 -14.00 50.25
C LYS B 71 -28.01 -14.31 48.97
N LEU B 72 -26.72 -14.65 49.05
CA LEU B 72 -25.91 -15.00 47.89
C LEU B 72 -25.72 -16.51 47.84
N VAL B 73 -25.96 -17.09 46.67
CA VAL B 73 -25.83 -18.53 46.45
C VAL B 73 -24.79 -18.74 45.35
N PHE B 74 -23.80 -19.58 45.63
CA PHE B 74 -22.75 -19.91 44.68
C PHE B 74 -23.03 -21.29 44.10
N VAL B 75 -23.06 -21.39 42.77
CA VAL B 75 -23.33 -22.63 42.07
C VAL B 75 -22.08 -23.04 41.31
N LYS B 76 -21.54 -24.20 41.66
CA LYS B 76 -20.34 -24.71 41.00
C LYS B 76 -20.73 -25.38 39.69
N VAL B 77 -19.71 -25.85 38.96
CA VAL B 77 -19.91 -26.53 37.68
C VAL B 77 -18.80 -27.56 37.53
N HIS B 78 -19.11 -28.63 36.80
CA HIS B 78 -18.13 -29.69 36.54
C HIS B 78 -18.41 -30.28 35.18
N ALA B 79 -17.34 -30.63 34.47
CA ALA B 79 -17.44 -31.18 33.11
C ALA B 79 -16.93 -32.61 33.10
N PRO B 80 -17.81 -33.61 33.09
CA PRO B 80 -17.33 -35.00 32.99
C PRO B 80 -16.62 -35.26 31.67
N TRP B 81 -15.91 -36.39 31.58
CA TRP B 81 -15.06 -36.63 30.41
C TRP B 81 -15.88 -36.71 29.13
N GLU B 82 -17.05 -37.33 29.18
CA GLU B 82 -17.82 -37.56 27.97
C GLU B 82 -18.20 -36.26 27.29
N VAL B 83 -18.83 -35.35 28.03
CA VAL B 83 -19.26 -34.08 27.44
C VAL B 83 -18.05 -33.25 27.02
N LEU B 84 -16.99 -33.28 27.83
CA LEU B 84 -15.79 -32.53 27.50
C LEU B 84 -15.22 -32.99 26.16
N CYS B 85 -15.12 -34.32 25.97
CA CYS B 85 -14.59 -34.85 24.72
C CYS B 85 -15.52 -34.53 23.56
N TYR B 86 -16.84 -34.62 23.78
CA TYR B 86 -17.78 -34.29 22.71
C TYR B 86 -17.59 -32.86 22.23
N TYR B 87 -17.55 -31.91 23.18
CA TYR B 87 -17.45 -30.51 22.79
C TYR B 87 -16.06 -30.19 22.25
N ALA B 88 -15.02 -30.85 22.76
CA ALA B 88 -13.69 -30.66 22.18
C ALA B 88 -13.65 -31.15 20.74
N GLU B 89 -14.27 -32.29 20.46
CA GLU B 89 -14.32 -32.79 19.09
C GLU B 89 -15.07 -31.82 18.19
N ILE B 90 -16.22 -31.32 18.64
CA ILE B 90 -16.96 -30.37 17.80
C ILE B 90 -16.28 -28.99 17.69
N MET B 91 -15.36 -28.68 18.60
CA MET B 91 -14.53 -27.48 18.46
C MET B 91 -13.27 -27.72 17.64
N HIS B 92 -12.96 -28.96 17.27
CA HIS B 92 -11.75 -29.29 16.53
C HIS B 92 -10.49 -28.97 17.35
N ILE B 93 -10.58 -29.04 18.67
CA ILE B 93 -9.43 -28.69 19.51
C ILE B 93 -8.32 -29.70 19.27
N LYS B 94 -7.13 -29.19 18.96
CA LYS B 94 -5.95 -30.03 18.86
C LYS B 94 -5.37 -30.27 20.25
N LEU B 95 -4.89 -31.49 20.48
CA LEU B 95 -4.46 -31.90 21.81
C LEU B 95 -2.94 -32.09 21.83
N PRO B 96 -2.32 -31.89 22.99
CA PRO B 96 -0.85 -31.84 23.04
C PRO B 96 -0.21 -33.20 22.81
N LEU B 97 0.93 -33.20 22.12
CA LEU B 97 1.78 -34.37 21.98
C LEU B 97 3.02 -34.18 22.84
N LYS B 98 3.95 -35.14 22.77
CA LYS B 98 5.17 -35.08 23.55
C LYS B 98 4.86 -35.02 25.04
N PHE B 132 1.03 -35.51 9.13
CA PHE B 132 1.71 -35.38 10.42
C PHE B 132 0.72 -35.50 11.57
N THR B 133 -0.25 -34.59 11.61
CA THR B 133 -1.24 -34.54 12.68
C THR B 133 -2.64 -34.56 12.09
N ALA B 134 -3.56 -35.15 12.83
CA ALA B 134 -4.95 -35.30 12.44
C ALA B 134 -5.84 -34.86 13.60
N PRO B 135 -7.10 -34.56 13.34
CA PRO B 135 -7.99 -34.13 14.42
C PRO B 135 -8.07 -35.17 15.53
N PHE B 136 -8.66 -34.76 16.65
CA PHE B 136 -8.73 -35.58 17.85
C PHE B 136 -9.97 -36.46 17.84
N GLU B 137 -9.78 -37.74 18.13
CA GLU B 137 -10.88 -38.69 18.28
C GLU B 137 -10.62 -39.53 19.53
N LYS B 138 -11.70 -39.98 20.16
CA LYS B 138 -11.57 -40.76 21.39
C LYS B 138 -10.84 -42.07 21.15
N SER B 139 -10.88 -42.60 19.93
CA SER B 139 -10.37 -43.94 19.69
C SER B 139 -8.87 -44.04 19.89
N ARG B 140 -8.16 -42.90 19.88
CA ARG B 140 -6.71 -42.89 19.89
C ARG B 140 -6.14 -42.37 21.20
N MET B 141 -6.71 -42.78 22.33
CA MET B 141 -6.20 -42.35 23.63
C MET B 141 -4.78 -42.86 23.86
N ASN B 142 -4.42 -43.98 23.22
CA ASN B 142 -3.11 -44.58 23.44
C ASN B 142 -1.97 -43.77 22.84
N ASP B 143 -2.27 -42.82 21.95
CA ASP B 143 -1.25 -42.01 21.30
C ASP B 143 -1.02 -40.69 22.02
N PHE B 144 -1.67 -40.47 23.15
CA PHE B 144 -1.50 -39.26 23.94
C PHE B 144 -1.15 -39.63 25.37
N TYR B 145 -0.43 -38.72 26.04
CA TYR B 145 0.07 -38.96 27.39
C TYR B 145 -1.05 -38.69 28.40
N ILE B 146 -2.03 -39.59 28.40
CA ILE B 146 -3.19 -39.49 29.26
C ILE B 146 -2.94 -40.28 30.54
N LEU B 147 -3.11 -39.62 31.69
CA LEU B 147 -2.97 -40.26 32.99
C LEU B 147 -4.28 -40.27 33.76
N ASP B 148 -4.95 -39.12 33.85
CA ASP B 148 -6.24 -39.01 34.51
C ASP B 148 -7.07 -38.01 33.75
N ARG B 149 -8.39 -38.04 34.01
CA ARG B 149 -9.31 -37.25 33.20
C ARG B 149 -8.99 -35.76 33.30
N ASP B 150 -9.12 -35.19 34.49
CA ASP B 150 -8.91 -33.76 34.64
C ASP B 150 -7.46 -33.38 34.37
N SER B 151 -6.52 -34.22 34.80
CA SER B 151 -5.10 -33.88 34.66
C SER B 151 -4.73 -33.67 33.20
N PHE B 152 -5.31 -34.47 32.29
CA PHE B 152 -4.95 -34.37 30.88
C PHE B 152 -5.35 -33.02 30.30
N PHE B 153 -6.52 -32.51 30.65
CA PHE B 153 -7.01 -31.24 30.14
C PHE B 153 -6.62 -30.12 31.10
N ASN B 154 -5.98 -29.09 30.57
CA ASN B 154 -5.63 -27.94 31.39
C ASN B 154 -6.89 -27.15 31.75
N PRO B 155 -6.91 -26.51 32.92
CA PRO B 155 -8.14 -25.80 33.33
C PRO B 155 -8.58 -24.73 32.34
N ALA B 156 -7.65 -24.13 31.59
CA ALA B 156 -8.04 -23.07 30.64
C ALA B 156 -8.95 -23.61 29.55
N THR B 157 -8.57 -24.74 28.95
CA THR B 157 -9.39 -25.32 27.90
C THR B 157 -10.75 -25.76 28.44
N ARG B 158 -10.76 -26.34 29.63
CA ARG B 158 -12.02 -26.75 30.25
C ARG B 158 -12.94 -25.56 30.47
N SER B 159 -12.37 -24.46 30.97
CA SER B 159 -13.16 -23.25 31.18
C SER B 159 -13.70 -22.72 29.85
N ARG B 160 -12.88 -22.72 28.80
CA ARG B 160 -13.37 -22.25 27.51
C ARG B 160 -14.49 -23.14 26.99
N ILE B 161 -14.34 -24.45 27.14
CA ILE B 161 -15.35 -25.39 26.65
C ILE B 161 -16.67 -25.17 27.39
N VAL B 162 -16.61 -25.12 28.72
CA VAL B 162 -17.82 -24.91 29.49
C VAL B 162 -18.41 -23.53 29.22
N TYR B 163 -17.57 -22.53 28.92
CA TYR B 163 -18.11 -21.22 28.57
C TYR B 163 -18.90 -21.28 27.28
N PHE B 164 -18.37 -21.97 26.27
CA PHE B 164 -19.16 -22.20 25.06
C PHE B 164 -20.48 -22.92 25.36
N ILE B 165 -20.43 -23.91 26.24
CA ILE B 165 -21.65 -24.63 26.60
C ILE B 165 -22.66 -23.65 27.20
N LEU B 166 -22.21 -22.81 28.12
CA LEU B 166 -23.11 -21.80 28.69
C LEU B 166 -23.65 -20.80 27.67
N SER B 167 -22.83 -20.39 26.70
CA SER B 167 -23.29 -19.43 25.72
C SER B 167 -24.33 -20.03 24.77
N ARG B 168 -24.09 -21.26 24.29
CA ARG B 168 -24.97 -21.83 23.27
C ARG B 168 -26.30 -22.28 23.87
N VAL B 169 -26.28 -22.85 25.08
CA VAL B 169 -27.47 -23.48 25.63
C VAL B 169 -28.63 -22.48 25.67
N LYS B 170 -29.83 -22.99 25.41
CA LYS B 170 -31.06 -22.20 25.44
C LYS B 170 -31.96 -22.73 26.56
N TYR B 171 -32.91 -21.89 26.96
CA TYR B 171 -33.80 -22.23 28.08
C TYR B 171 -35.27 -22.26 27.70
N GLN B 172 -35.76 -21.24 27.00
CA GLN B 172 -37.19 -21.14 26.74
C GLN B 172 -37.40 -20.12 25.63
N VAL B 173 -38.53 -20.23 24.95
CA VAL B 173 -38.88 -19.35 23.84
C VAL B 173 -40.23 -18.72 24.13
N MET B 174 -40.30 -17.39 24.01
CA MET B 174 -41.54 -16.66 24.16
C MET B 174 -41.58 -15.58 23.09
N ASN B 175 -42.81 -15.14 22.77
CA ASN B 175 -43.02 -14.17 21.70
C ASN B 175 -42.50 -14.69 20.35
N ASN B 176 -42.46 -16.01 20.20
CA ASN B 176 -42.03 -16.64 18.96
C ASN B 176 -40.60 -16.26 18.59
N VAL B 177 -39.77 -15.97 19.59
CA VAL B 177 -38.36 -15.65 19.39
C VAL B 177 -37.54 -16.48 20.36
N ASN B 178 -36.48 -17.11 19.85
CA ASN B 178 -35.62 -17.92 20.69
C ASN B 178 -34.77 -17.03 21.59
N LYS B 179 -34.54 -17.49 22.82
CA LYS B 179 -33.79 -16.75 23.83
C LYS B 179 -32.70 -17.64 24.42
N PHE B 180 -31.52 -17.07 24.61
CA PHE B 180 -30.38 -17.81 25.13
C PHE B 180 -29.25 -16.83 25.39
N GLY B 181 -28.13 -17.35 25.89
CA GLY B 181 -26.93 -16.55 26.07
C GLY B 181 -26.63 -16.17 27.51
N ILE B 182 -25.44 -16.54 27.98
CA ILE B 182 -25.05 -16.19 29.35
C ILE B 182 -24.87 -14.69 29.49
N ASN B 183 -24.32 -14.02 28.48
CA ASN B 183 -24.15 -12.58 28.56
C ASN B 183 -25.48 -11.87 28.75
N ARG B 184 -26.52 -12.30 28.02
CA ARG B 184 -27.85 -11.76 28.26
C ARG B 184 -28.34 -11.97 29.68
N LEU B 185 -27.84 -12.99 30.38
CA LEU B 185 -28.28 -13.24 31.74
C LEU B 185 -27.78 -12.15 32.67
N VAL B 186 -26.48 -11.84 32.60
CA VAL B 186 -25.94 -10.76 33.41
C VAL B 186 -26.53 -9.43 32.96
N SER B 187 -26.80 -9.29 31.66
CA SER B 187 -27.47 -8.09 31.18
C SER B 187 -28.83 -7.91 31.85
N SER B 188 -29.58 -9.00 32.01
CA SER B 188 -30.89 -8.96 32.63
C SER B 188 -30.84 -8.91 34.15
N GLY B 189 -29.67 -9.18 34.75
CA GLY B 189 -29.53 -9.15 36.19
C GLY B 189 -29.87 -10.45 36.90
N ILE B 190 -30.29 -11.49 36.17
CA ILE B 190 -30.59 -12.76 36.81
C ILE B 190 -29.32 -13.33 37.47
N TYR B 191 -28.20 -13.26 36.77
CA TYR B 191 -26.91 -13.72 37.27
C TYR B 191 -26.01 -12.53 37.50
N LYS B 192 -25.44 -12.44 38.70
CA LYS B 192 -24.52 -11.34 38.99
C LYS B 192 -23.22 -11.50 38.21
N ALA B 193 -22.75 -12.72 38.03
CA ALA B 193 -21.48 -12.96 37.36
C ALA B 193 -21.32 -14.44 37.05
N ALA B 194 -20.24 -14.76 36.37
CA ALA B 194 -19.87 -16.14 36.07
C ALA B 194 -18.42 -16.13 35.61
N PHE B 195 -17.57 -16.93 36.25
CA PHE B 195 -16.14 -16.80 36.06
C PHE B 195 -15.46 -18.11 36.43
N PRO B 196 -14.27 -18.41 35.86
CA PRO B 196 -13.47 -19.52 36.38
C PRO B 196 -12.84 -19.18 37.72
N LEU B 197 -12.00 -20.07 38.24
CA LEU B 197 -11.39 -19.89 39.55
C LEU B 197 -9.87 -19.86 39.41
N HIS B 198 -9.23 -18.89 40.06
CA HIS B 198 -7.79 -18.87 40.13
C HIS B 198 -7.28 -20.06 40.92
N ASP B 199 -6.07 -20.51 40.58
CA ASP B 199 -5.55 -21.74 41.18
C ASP B 199 -5.43 -21.62 42.69
N CYS B 200 -4.95 -20.48 43.19
CA CYS B 200 -4.75 -20.30 44.62
C CYS B 200 -4.47 -18.82 44.86
N ARG B 201 -4.25 -18.48 46.14
CA ARG B 201 -3.86 -17.12 46.48
C ARG B 201 -2.52 -16.79 45.85
N PHE B 202 -2.41 -15.58 45.32
CA PHE B 202 -1.21 -15.20 44.58
C PHE B 202 0.03 -15.21 45.47
N ASN B 203 -0.12 -14.83 46.74
CA ASN B 203 1.03 -14.63 47.62
C ASN B 203 1.36 -15.84 48.48
N TYR B 204 0.51 -16.87 48.51
CA TYR B 204 0.79 -18.10 49.25
C TYR B 204 0.52 -19.31 48.38
N GLU B 205 1.28 -20.37 48.61
CA GLU B 205 1.01 -21.65 47.96
C GLU B 205 -0.30 -22.22 48.48
N SER B 206 -0.98 -22.99 47.62
CA SER B 206 -2.19 -23.68 48.04
C SER B 206 -1.85 -24.75 49.08
N GLU B 207 -2.72 -24.88 50.08
CA GLU B 207 -2.49 -25.89 51.12
C GLU B 207 -2.55 -27.30 50.55
N ASP B 208 -3.11 -27.49 49.36
CA ASP B 208 -3.12 -28.79 48.71
C ASP B 208 -1.76 -29.04 48.08
N ILE B 209 -1.11 -30.14 48.49
CA ILE B 209 0.22 -30.44 47.98
C ILE B 209 0.18 -30.71 46.48
N SER B 210 -0.97 -31.11 45.95
CA SER B 210 -1.09 -31.45 44.54
C SER B 210 -1.39 -30.26 43.66
N CYS B 211 -1.70 -29.10 44.23
CA CYS B 211 -2.07 -27.94 43.42
C CYS B 211 -0.83 -27.37 42.74
N PRO B 212 -0.84 -27.19 41.41
CA PRO B 212 0.31 -26.54 40.76
C PRO B 212 0.55 -25.13 41.28
N SER B 213 -0.48 -24.42 41.69
CA SER B 213 -0.34 -23.05 42.19
C SER B 213 0.36 -22.16 41.17
N GLU B 214 -0.10 -22.26 39.91
CA GLU B 214 0.50 -21.47 38.85
C GLU B 214 0.43 -19.98 39.15
N ARG B 215 -0.62 -19.54 39.85
CA ARG B 215 -0.73 -18.12 40.18
C ARG B 215 0.43 -17.67 41.06
N TYR B 216 0.81 -18.49 42.03
CA TYR B 216 1.94 -18.14 42.90
C TYR B 216 3.24 -18.06 42.11
N LEU B 217 3.45 -19.00 41.19
CA LEU B 217 4.66 -18.96 40.38
C LEU B 217 4.68 -17.71 39.50
N LEU B 218 3.56 -17.38 38.88
CA LEU B 218 3.51 -16.16 38.08
C LEU B 218 3.81 -14.94 38.93
N TYR B 219 3.25 -14.89 40.15
CA TYR B 219 3.48 -13.74 41.01
C TYR B 219 4.95 -13.63 41.41
N ARG B 220 5.59 -14.76 41.75
CA ARG B 220 6.94 -14.70 42.27
C ARG B 220 7.97 -14.43 41.17
N GLU B 221 7.80 -15.03 40.00
CA GLU B 221 8.77 -14.84 38.92
C GLU B 221 8.31 -13.87 37.83
N TRP B 222 7.02 -13.85 37.49
CA TRP B 222 6.56 -13.01 36.39
C TRP B 222 6.10 -11.63 36.87
N ALA B 223 5.12 -11.58 37.76
CA ALA B 223 4.66 -10.33 38.36
C ALA B 223 5.56 -9.96 39.54
N HIS B 224 5.10 -9.05 40.40
CA HIS B 224 5.90 -8.67 41.56
C HIS B 224 7.24 -8.11 41.11
N PRO B 225 7.31 -6.82 40.74
CA PRO B 225 8.45 -6.31 39.96
C PRO B 225 9.83 -6.64 40.51
N ARG B 226 9.92 -7.22 41.71
CA ARG B 226 11.22 -7.72 42.18
C ARG B 226 11.93 -8.45 41.05
N SER B 227 11.16 -9.13 40.20
CA SER B 227 11.68 -9.75 38.99
C SER B 227 11.54 -8.81 37.79
N ILE B 228 12.05 -7.59 37.94
CA ILE B 228 11.95 -6.58 36.89
C ILE B 228 12.78 -6.91 35.66
N TYR B 229 13.69 -7.88 35.76
CA TYR B 229 14.64 -8.16 34.69
C TYR B 229 14.48 -9.52 34.06
N LYS B 230 14.05 -10.54 34.83
CA LYS B 230 14.00 -11.89 34.30
C LYS B 230 13.04 -11.97 33.12
N LYS B 231 13.40 -12.77 32.13
CA LYS B 231 12.54 -12.96 30.96
C LYS B 231 11.22 -13.60 31.39
N GLN B 232 10.12 -12.98 31.00
CA GLN B 232 8.82 -13.49 31.40
C GLN B 232 8.58 -14.86 30.79
N PRO B 233 8.01 -15.81 31.53
CA PRO B 233 7.78 -17.15 30.97
C PRO B 233 6.51 -17.22 30.14
N LEU B 234 6.60 -16.86 28.85
CA LEU B 234 5.41 -16.79 28.03
C LEU B 234 4.66 -18.11 27.97
N ASP B 235 5.36 -19.24 28.14
CA ASP B 235 4.68 -20.52 28.09
C ASP B 235 3.68 -20.65 29.24
N LEU B 236 4.08 -20.25 30.45
CA LEU B 236 3.17 -20.33 31.59
C LEU B 236 2.04 -19.32 31.48
N ILE B 237 2.33 -18.13 30.94
CA ILE B 237 1.26 -17.14 30.72
C ILE B 237 0.22 -17.71 29.76
N ARG B 238 0.68 -18.32 28.65
CA ARG B 238 -0.25 -18.94 27.72
C ARG B 238 -1.04 -20.05 28.39
N LYS B 239 -0.37 -20.89 29.18
CA LYS B 239 -1.06 -21.99 29.84
C LYS B 239 -2.14 -21.47 30.78
N TYR B 240 -1.85 -20.40 31.51
CA TYR B 240 -2.76 -19.90 32.54
C TYR B 240 -3.86 -19.03 31.95
N TYR B 241 -3.48 -17.93 31.29
CA TYR B 241 -4.43 -16.93 30.82
C TYR B 241 -4.83 -17.11 29.36
N GLY B 242 -4.35 -18.16 28.69
CA GLY B 242 -4.72 -18.40 27.32
C GLY B 242 -3.87 -17.62 26.33
N GLU B 243 -4.13 -17.88 25.05
CA GLU B 243 -3.35 -17.26 23.99
C GLU B 243 -3.70 -15.79 23.79
N LYS B 244 -4.90 -15.35 24.19
CA LYS B 244 -5.26 -13.95 24.03
C LYS B 244 -4.34 -13.05 24.84
N ILE B 245 -4.00 -13.46 26.05
CA ILE B 245 -3.08 -12.68 26.88
C ILE B 245 -1.63 -12.99 26.51
N GLY B 246 -1.35 -14.24 26.16
CA GLY B 246 0.01 -14.61 25.80
C GLY B 246 0.52 -13.84 24.60
N ILE B 247 -0.31 -13.70 23.58
CA ILE B 247 0.10 -12.96 22.38
C ILE B 247 0.34 -11.50 22.73
N TYR B 248 -0.52 -10.91 23.55
CA TYR B 248 -0.33 -9.52 23.95
C TYR B 248 0.99 -9.34 24.69
N PHE B 249 1.31 -10.24 25.61
CA PHE B 249 2.54 -10.06 26.38
C PHE B 249 3.78 -10.37 25.56
N ALA B 250 3.69 -11.33 24.63
CA ALA B 250 4.80 -11.55 23.72
C ALA B 250 5.04 -10.34 22.84
N TRP B 251 3.95 -9.73 22.34
CA TRP B 251 4.09 -8.51 21.57
C TRP B 251 4.72 -7.40 22.40
N LEU B 252 4.31 -7.29 23.66
CA LEU B 252 4.89 -6.27 24.54
C LEU B 252 6.39 -6.50 24.73
N GLY B 253 6.80 -7.74 24.99
CA GLY B 253 8.21 -8.01 25.19
C GLY B 253 9.04 -7.75 23.95
N TYR B 254 8.56 -8.21 22.79
CA TYR B 254 9.29 -7.96 21.55
C TYR B 254 9.36 -6.47 21.25
N TYR B 255 8.27 -5.75 21.51
CA TYR B 255 8.27 -4.30 21.36
C TYR B 255 9.32 -3.67 22.26
N THR B 256 9.44 -4.17 23.49
CA THR B 256 10.47 -3.64 24.40
C THR B 256 11.86 -3.88 23.84
N GLN B 257 12.12 -5.06 23.28
CA GLN B 257 13.46 -5.33 22.76
C GLN B 257 13.79 -4.42 21.58
N MET B 258 12.86 -4.29 20.63
CA MET B 258 13.11 -3.40 19.50
C MET B 258 13.26 -1.96 19.97
N LEU B 259 12.51 -1.57 21.01
CA LEU B 259 12.68 -0.24 21.57
C LEU B 259 14.03 -0.08 22.23
N LEU B 260 14.59 -1.15 22.79
CA LEU B 260 15.94 -1.07 23.33
C LEU B 260 16.95 -0.79 22.23
N LEU B 261 16.83 -1.49 21.11
CA LEU B 261 17.71 -1.20 19.97
C LEU B 261 17.56 0.26 19.55
N ALA B 262 16.32 0.71 19.37
CA ALA B 262 16.08 2.09 18.95
C ALA B 262 16.64 3.08 19.95
N ALA B 263 16.52 2.80 21.25
CA ALA B 263 16.96 3.73 22.27
C ALA B 263 18.48 3.79 22.33
N VAL B 264 19.15 2.65 22.12
CA VAL B 264 20.61 2.68 22.05
C VAL B 264 21.05 3.56 20.90
N VAL B 265 20.44 3.39 19.72
CA VAL B 265 20.83 4.19 18.57
C VAL B 265 20.54 5.67 18.82
N GLY B 266 19.37 5.97 19.39
CA GLY B 266 19.03 7.36 19.66
C GLY B 266 19.93 8.00 20.68
N VAL B 267 20.34 7.24 21.70
CA VAL B 267 21.27 7.75 22.69
C VAL B 267 22.61 8.03 22.03
N ALA B 268 23.04 7.15 21.12
CA ALA B 268 24.29 7.41 20.40
C ALA B 268 24.20 8.72 19.63
N CYS B 269 23.09 8.93 18.91
CA CYS B 269 22.96 10.15 18.12
C CYS B 269 22.91 11.38 19.02
N PHE B 270 22.15 11.31 20.11
CA PHE B 270 22.06 12.44 21.02
C PHE B 270 23.40 12.75 21.67
N LEU B 271 24.16 11.71 22.01
CA LEU B 271 25.48 11.91 22.58
C LEU B 271 26.42 12.56 21.58
N TYR B 272 26.35 12.14 20.31
CA TYR B 272 27.16 12.79 19.29
C TYR B 272 26.81 14.27 19.19
N GLY B 273 25.50 14.57 19.17
CA GLY B 273 25.09 15.97 19.14
C GLY B 273 25.53 16.74 20.37
N TYR B 274 25.62 16.08 21.52
CA TYR B 274 26.02 16.75 22.75
C TYR B 274 27.51 17.03 22.76
N LEU B 275 28.32 16.08 22.29
CA LEU B 275 29.77 16.26 22.34
C LEU B 275 30.27 17.31 21.38
N ASP B 276 29.42 17.82 20.48
CA ASP B 276 29.79 18.88 19.54
C ASP B 276 28.83 20.06 19.77
N GLN B 277 29.15 20.91 20.73
CA GLN B 277 28.45 22.17 20.94
C GLN B 277 29.30 23.39 20.64
N ASP B 278 30.62 23.29 20.83
CA ASP B 278 31.51 24.39 20.48
C ASP B 278 31.60 24.60 18.97
N ASN B 279 31.09 23.67 18.18
CA ASN B 279 31.19 23.77 16.73
C ASN B 279 29.91 24.26 16.07
N CYS B 280 28.80 24.38 16.80
CA CYS B 280 27.62 25.00 16.22
C CYS B 280 27.85 26.50 16.09
N THR B 281 28.29 26.92 14.91
CA THR B 281 28.72 28.30 14.72
C THR B 281 27.57 29.28 14.95
N TRP B 282 26.36 28.94 14.50
CA TRP B 282 25.24 29.83 14.71
C TRP B 282 24.91 29.97 16.19
N SER B 283 25.07 28.89 16.96
CA SER B 283 24.88 28.99 18.40
C SER B 283 25.88 29.96 19.01
N LYS B 284 27.16 29.89 18.59
CA LYS B 284 28.15 30.84 19.07
C LYS B 284 27.76 32.27 18.69
N GLU B 285 27.32 32.47 17.45
CA GLU B 285 26.98 33.81 17.00
C GLU B 285 25.85 34.39 17.83
N VAL B 286 24.83 33.59 18.12
CA VAL B 286 23.71 34.10 18.92
C VAL B 286 24.14 34.30 20.37
N CYS B 287 25.06 33.47 20.88
CA CYS B 287 25.49 33.62 22.26
C CYS B 287 26.45 34.79 22.45
N ASP B 288 27.32 35.04 21.48
CA ASP B 288 28.35 36.07 21.63
C ASP B 288 27.70 37.45 21.71
N PRO B 289 27.88 38.21 22.79
CA PRO B 289 27.24 39.53 22.87
C PRO B 289 27.69 40.50 21.80
N ASP B 290 28.87 40.31 21.20
CA ASP B 290 29.36 41.20 20.18
C ASP B 290 28.64 41.04 18.85
N ILE B 291 27.87 39.96 18.67
CA ILE B 291 27.16 39.72 17.42
C ILE B 291 25.67 39.61 17.70
N GLY B 292 25.29 38.63 18.54
CA GLY B 292 23.88 38.45 18.83
C GLY B 292 23.27 39.62 19.56
N GLY B 293 23.97 40.16 20.55
CA GLY B 293 23.42 41.26 21.33
C GLY B 293 23.16 42.50 20.50
N GLN B 294 24.01 42.76 19.51
CA GLN B 294 23.84 43.93 18.67
C GLN B 294 22.57 43.88 17.85
N ILE B 295 21.98 42.70 17.67
CA ILE B 295 20.84 42.52 16.79
C ILE B 295 19.57 42.86 17.57
N LEU B 296 18.93 43.96 17.21
CA LEU B 296 17.72 44.42 17.89
C LEU B 296 16.52 43.75 17.26
N MET B 297 16.10 42.62 17.85
CA MET B 297 15.00 41.85 17.31
C MET B 297 13.70 42.65 17.38
N CYS B 298 12.63 42.12 16.78
CA CYS B 298 11.43 42.88 16.55
C CYS B 298 10.26 42.26 17.31
N PRO B 299 9.42 43.07 17.96
CA PRO B 299 8.36 42.48 18.79
C PRO B 299 7.44 41.58 17.98
N GLN B 300 7.09 40.46 18.60
CA GLN B 300 6.16 39.47 18.09
C GLN B 300 4.73 39.83 18.49
N CYS B 301 4.66 40.66 19.52
CA CYS B 301 3.49 40.99 20.31
C CYS B 301 2.81 42.29 19.84
N ASP B 302 1.82 42.73 20.62
CA ASP B 302 1.15 44.00 20.36
C ASP B 302 1.59 45.11 21.31
N ARG B 303 1.27 44.99 22.58
CA ARG B 303 1.71 45.96 23.57
C ARG B 303 2.09 45.16 24.80
N LEU B 304 2.35 43.87 24.62
CA LEU B 304 2.69 43.01 25.74
C LEU B 304 4.19 42.90 25.85
N CYS B 305 4.89 43.19 24.76
CA CYS B 305 6.34 43.07 24.76
C CYS B 305 7.02 44.25 24.08
N PRO B 306 8.17 44.68 24.60
CA PRO B 306 8.92 45.74 23.93
C PRO B 306 9.93 45.10 23.00
N PHE B 307 10.89 45.86 22.49
CA PHE B 307 11.93 45.25 21.69
C PHE B 307 12.77 44.31 22.56
N TRP B 308 13.66 43.56 21.93
CA TRP B 308 14.49 42.65 22.70
C TRP B 308 15.70 42.21 21.90
N ARG B 309 16.80 41.89 22.58
CA ARG B 309 18.08 41.50 21.93
C ARG B 309 18.15 39.98 21.80
N LEU B 310 18.52 39.45 20.64
CA LEU B 310 18.49 37.99 20.41
C LEU B 310 19.34 37.29 21.45
N ASN B 311 20.37 37.90 22.00
CA ASN B 311 21.32 37.17 22.90
C ASN B 311 20.55 36.43 23.99
N ILE B 312 19.49 37.03 24.54
CA ILE B 312 18.66 36.38 25.59
C ILE B 312 18.47 34.93 25.14
N THR B 313 18.30 34.72 23.86
CA THR B 313 18.07 33.38 23.30
C THR B 313 19.42 32.72 23.01
N CYS B 314 20.24 32.43 24.01
CA CYS B 314 21.53 31.70 23.82
C CYS B 314 21.47 30.27 24.39
N GLU B 315 20.46 29.95 25.20
CA GLU B 315 20.27 28.63 25.77
C GLU B 315 19.40 27.79 24.90
N SER B 316 18.36 28.38 24.39
CA SER B 316 17.53 27.66 23.50
C SER B 316 18.40 27.28 22.39
N SER B 317 19.31 28.15 21.99
CA SER B 317 20.10 27.86 20.84
C SER B 317 20.97 26.68 21.05
N LYS B 318 21.52 26.55 22.26
CA LYS B 318 22.35 25.41 22.59
C LYS B 318 21.54 24.14 22.49
N LYS B 319 20.36 24.13 23.12
CA LYS B 319 19.52 22.96 23.10
C LYS B 319 19.19 22.59 21.67
N LEU B 320 18.99 23.59 20.82
CA LEU B 320 18.60 23.29 19.47
C LEU B 320 19.76 22.69 18.81
N CYS B 321 20.95 23.18 18.98
CA CYS B 321 22.11 22.53 18.43
C CYS B 321 21.95 21.04 18.76
N ILE B 322 21.91 20.70 20.04
CA ILE B 322 21.72 19.26 20.45
C ILE B 322 20.60 18.44 19.77
N PHE B 323 19.39 18.96 19.61
CA PHE B 323 18.31 18.23 18.90
C PHE B 323 18.02 18.48 17.41
N ASP B 324 18.79 19.34 16.73
CA ASP B 324 18.58 19.64 15.29
C ASP B 324 19.77 19.15 14.48
N SER B 325 20.85 18.87 15.14
CA SER B 325 21.98 18.31 14.44
C SER B 325 21.76 17.33 13.33
N PHE B 326 22.79 17.09 12.52
CA PHE B 326 22.67 16.01 11.55
C PHE B 326 22.41 14.67 12.22
N GLY B 327 22.70 14.56 13.52
CA GLY B 327 22.30 13.36 14.24
C GLY B 327 20.80 13.14 14.19
N THR B 328 20.03 14.22 14.23
CA THR B 328 18.58 14.11 14.10
C THR B 328 18.20 13.51 12.75
N LEU B 329 18.82 13.98 11.67
CA LEU B 329 18.51 13.45 10.34
C LEU B 329 18.89 11.97 10.25
N ILE B 330 20.08 11.62 10.74
CA ILE B 330 20.51 10.22 10.72
C ILE B 330 19.53 9.37 11.51
N PHE B 331 19.07 9.86 12.65
CA PHE B 331 18.15 9.09 13.46
C PHE B 331 16.79 8.97 12.79
N ALA B 332 16.35 10.01 12.07
CA ALA B 332 15.08 9.92 11.35
C ALA B 332 15.15 8.84 10.28
N VAL B 333 16.26 8.79 9.53
CA VAL B 333 16.41 7.74 8.53
C VAL B 333 16.48 6.37 9.20
N PHE B 334 17.22 6.27 10.30
CA PHE B 334 17.32 4.99 11.01
C PHE B 334 15.97 4.55 11.52
N MET B 335 15.12 5.48 11.95
CA MET B 335 13.77 5.15 12.37
C MET B 335 12.94 4.68 11.19
N GLY B 336 13.07 5.34 10.04
CA GLY B 336 12.39 4.86 8.85
C GLY B 336 12.72 3.41 8.56
N VAL B 337 13.97 3.02 8.81
CA VAL B 337 14.35 1.62 8.60
C VAL B 337 13.87 0.75 9.76
N TRP B 338 13.91 1.27 10.98
CA TRP B 338 13.66 0.46 12.17
C TRP B 338 12.18 0.12 12.32
N VAL B 339 11.29 1.03 11.93
CA VAL B 339 9.86 0.71 11.98
C VAL B 339 9.57 -0.50 11.10
N THR B 340 10.15 -0.52 9.89
CA THR B 340 10.00 -1.69 9.04
C THR B 340 10.59 -2.92 9.72
N LEU B 341 11.89 -2.89 10.03
CA LEU B 341 12.50 -4.04 10.69
C LEU B 341 11.62 -4.56 11.81
N PHE B 342 11.04 -3.66 12.61
CA PHE B 342 10.17 -4.05 13.70
C PHE B 342 8.94 -4.78 13.19
N LEU B 343 8.30 -4.25 12.14
CA LEU B 343 7.08 -4.88 11.64
C LEU B 343 7.36 -6.29 11.10
N GLU B 344 8.37 -6.43 10.24
CA GLU B 344 8.64 -7.76 9.68
C GLU B 344 9.16 -8.73 10.73
N PHE B 345 9.97 -8.29 11.68
CA PHE B 345 10.40 -9.20 12.72
C PHE B 345 9.23 -9.59 13.62
N TRP B 346 8.27 -8.69 13.82
CA TRP B 346 7.07 -9.07 14.55
C TRP B 346 6.28 -10.12 13.77
N LYS B 347 6.22 -9.98 12.44
CA LYS B 347 5.55 -11.00 11.64
C LYS B 347 6.25 -12.35 11.77
N ARG B 348 7.59 -12.34 11.78
CA ARG B 348 8.33 -13.59 11.96
C ARG B 348 8.02 -14.22 13.31
N ARG B 349 8.07 -13.41 14.38
CA ARG B 349 7.74 -13.92 15.71
C ARG B 349 6.30 -14.38 15.78
N GLN B 350 5.40 -13.72 15.06
CA GLN B 350 4.00 -14.10 15.01
C GLN B 350 3.84 -15.49 14.39
N ALA B 351 4.54 -15.73 13.29
CA ALA B 351 4.50 -17.06 12.68
C ALA B 351 5.08 -18.11 13.63
N GLU B 352 6.18 -17.77 14.30
CA GLU B 352 6.75 -18.70 15.28
C GLU B 352 5.74 -19.04 16.37
N LEU B 353 5.06 -18.03 16.91
CA LEU B 353 4.09 -18.26 17.98
C LEU B 353 2.91 -19.07 17.46
N GLU B 354 2.44 -18.76 16.25
CA GLU B 354 1.33 -19.51 15.69
C GLU B 354 1.68 -20.98 15.53
N TYR B 355 2.90 -21.28 15.08
CA TYR B 355 3.30 -22.68 14.97
C TYR B 355 3.41 -23.33 16.34
N GLU B 356 4.07 -22.66 17.29
CA GLU B 356 4.36 -23.30 18.57
C GLU B 356 3.09 -23.52 19.38
N TRP B 357 2.16 -22.58 19.35
CA TRP B 357 0.94 -22.67 20.15
C TRP B 357 -0.20 -23.37 19.42
N ASP B 358 0.08 -23.95 18.25
CA ASP B 358 -0.84 -24.83 17.53
C ASP B 358 -2.29 -24.35 17.62
N THR B 359 -2.51 -23.12 17.16
CA THR B 359 -3.83 -22.51 17.14
C THR B 359 -4.53 -22.65 15.78
N VAL B 360 -3.93 -23.37 14.84
CA VAL B 360 -4.40 -23.33 13.45
C VAL B 360 -5.81 -23.88 13.33
N GLU B 361 -6.10 -25.01 13.99
CA GLU B 361 -7.39 -25.66 13.81
C GLU B 361 -8.54 -24.77 14.31
N LEU B 362 -8.41 -24.25 15.53
CA LEU B 362 -9.44 -23.37 16.07
C LEU B 362 -9.50 -22.05 15.32
N GLN B 363 -8.37 -21.57 14.78
CA GLN B 363 -8.42 -20.40 13.92
C GLN B 363 -9.27 -20.68 12.69
N GLN B 364 -9.11 -21.87 12.09
CA GLN B 364 -9.94 -22.24 10.96
C GLN B 364 -11.41 -22.33 11.35
N GLU B 365 -11.71 -22.93 12.49
CA GLU B 365 -13.09 -23.06 12.96
C GLU B 365 -13.40 -21.89 13.89
N GLU B 366 -14.00 -20.84 13.33
CA GLU B 366 -14.42 -19.68 14.11
C GLU B 366 -15.85 -19.32 13.74
N GLN B 367 -16.69 -19.15 14.76
CA GLN B 367 -18.10 -18.83 14.54
C GLN B 367 -18.57 -17.93 15.67
N ALA B 368 -19.22 -16.82 15.32
CA ALA B 368 -19.67 -15.83 16.29
C ALA B 368 -21.15 -15.56 16.07
N ARG B 369 -21.81 -15.09 17.12
CA ARG B 369 -23.24 -14.83 17.10
C ARG B 369 -23.52 -13.35 17.38
N PRO B 370 -24.62 -12.80 16.85
CA PRO B 370 -24.88 -11.38 17.05
C PRO B 370 -25.06 -11.02 18.52
N GLU B 371 -24.73 -9.77 18.85
CA GLU B 371 -24.95 -9.29 20.20
C GLU B 371 -26.41 -9.43 20.58
N TYR B 372 -26.65 -9.81 21.85
CA TYR B 372 -28.01 -9.93 22.35
C TYR B 372 -28.72 -8.58 22.41
N GLU B 373 -27.97 -7.47 22.37
CA GLU B 373 -28.60 -6.16 22.30
C GLU B 373 -29.31 -5.97 20.97
N ALA B 374 -28.74 -6.46 19.88
CA ALA B 374 -29.41 -6.36 18.59
C ALA B 374 -30.71 -7.14 18.58
N GLN B 375 -30.73 -8.33 19.16
CA GLN B 375 -31.93 -9.15 19.25
C GLN B 375 -32.98 -8.47 20.11
N LEU B 404 -27.11 4.84 8.64
CA LEU B 404 -25.72 4.44 8.78
C LEU B 404 -24.79 5.57 8.38
N CYS B 405 -24.92 6.03 7.14
CA CYS B 405 -24.10 7.15 6.68
C CYS B 405 -24.27 8.38 7.57
N ALA B 406 -25.46 8.56 8.16
CA ALA B 406 -25.65 9.65 9.10
C ALA B 406 -24.71 9.49 10.30
N SER B 407 -24.59 8.27 10.82
CA SER B 407 -23.67 8.03 11.93
C SER B 407 -22.23 8.29 11.52
N ALA B 408 -21.86 7.88 10.31
CA ALA B 408 -20.48 8.09 9.85
C ALA B 408 -20.17 9.58 9.74
N VAL B 409 -21.09 10.36 9.16
CA VAL B 409 -20.84 11.80 9.03
C VAL B 409 -20.82 12.46 10.40
N PHE B 410 -21.68 12.01 11.31
CA PHE B 410 -21.66 12.53 12.67
C PHE B 410 -20.31 12.24 13.32
N PHE B 411 -19.79 11.03 13.13
CA PHE B 411 -18.49 10.67 13.71
C PHE B 411 -17.39 11.55 13.15
N TRP B 412 -17.39 11.78 11.83
CA TRP B 412 -16.36 12.61 11.23
C TRP B 412 -16.46 14.06 11.70
N ILE B 413 -17.68 14.58 11.84
CA ILE B 413 -17.85 15.94 12.35
C ILE B 413 -17.35 16.05 13.78
N LEU B 414 -17.68 15.05 14.61
CA LEU B 414 -17.16 15.06 15.98
C LEU B 414 -15.64 14.96 16.00
N LEU B 415 -15.06 14.22 15.06
CA LEU B 415 -13.60 14.12 14.99
C LEU B 415 -12.98 15.46 14.64
N ILE B 416 -13.56 16.17 13.67
CA ILE B 416 -13.09 17.52 13.34
C ILE B 416 -13.21 18.44 14.55
N ILE B 417 -14.35 18.36 15.25
CA ILE B 417 -14.54 19.18 16.43
C ILE B 417 -13.50 18.85 17.48
N ALA B 418 -13.14 17.58 17.62
CA ALA B 418 -12.12 17.20 18.58
C ALA B 418 -10.78 17.81 18.23
N SER B 419 -10.41 17.79 16.95
CA SER B 419 -9.16 18.41 16.53
C SER B 419 -9.16 19.91 16.86
N VAL B 420 -10.26 20.58 16.51
CA VAL B 420 -10.34 22.02 16.76
C VAL B 420 -10.27 22.29 18.26
N ILE B 421 -10.93 21.47 19.07
CA ILE B 421 -10.91 21.66 20.52
C ILE B 421 -9.50 21.50 21.06
N GLY B 422 -8.77 20.49 20.58
CA GLY B 422 -7.40 20.33 21.03
C GLY B 422 -6.55 21.54 20.72
N ILE B 423 -6.66 22.04 19.48
CA ILE B 423 -5.88 23.22 19.10
C ILE B 423 -6.24 24.40 19.99
N ILE B 424 -7.54 24.63 20.19
CA ILE B 424 -7.99 25.80 20.94
C ILE B 424 -7.59 25.69 22.40
N VAL B 425 -7.64 24.50 22.99
CA VAL B 425 -7.27 24.36 24.39
C VAL B 425 -5.77 24.59 24.56
N TYR B 426 -4.94 24.09 23.64
CA TYR B 426 -3.52 24.38 23.75
C TYR B 426 -3.26 25.89 23.65
N ARG B 427 -3.91 26.55 22.68
CA ARG B 427 -3.70 27.98 22.50
C ARG B 427 -4.16 28.75 23.74
N LEU B 428 -5.31 28.38 24.30
CA LEU B 428 -5.81 29.07 25.49
C LEU B 428 -4.89 28.86 26.68
N SER B 429 -4.38 27.64 26.86
CA SER B 429 -3.44 27.40 27.94
C SER B 429 -2.22 28.31 27.81
N VAL B 430 -1.65 28.36 26.60
CA VAL B 430 -0.49 29.23 26.38
C VAL B 430 -0.85 30.68 26.66
N PHE B 431 -2.02 31.11 26.20
CA PHE B 431 -2.42 32.50 26.38
C PHE B 431 -2.53 32.86 27.85
N ILE B 432 -3.20 32.01 28.64
CA ILE B 432 -3.37 32.33 30.06
C ILE B 432 -2.04 32.29 30.80
N VAL B 433 -1.19 31.31 30.48
CA VAL B 433 0.10 31.24 31.14
C VAL B 433 0.93 32.49 30.84
N PHE B 434 0.92 32.92 29.57
CA PHE B 434 1.66 34.13 29.21
C PHE B 434 1.09 35.36 29.90
N SER B 435 -0.24 35.46 29.94
CA SER B 435 -0.86 36.64 30.57
C SER B 435 -0.53 36.70 32.06
N THR B 436 -0.54 35.56 32.74
CA THR B 436 -0.23 35.55 34.17
C THR B 436 1.21 35.93 34.44
N THR B 437 2.06 35.97 33.41
CA THR B 437 3.47 36.30 33.62
C THR B 437 3.61 37.66 34.28
N LEU B 438 4.45 37.73 35.31
CA LEU B 438 4.64 38.95 36.09
C LEU B 438 3.30 39.54 36.51
N LEU B 452 15.96 25.91 33.98
CA LEU B 452 15.78 27.01 34.92
C LEU B 452 15.35 28.29 34.21
N THR B 453 15.43 28.28 32.89
CA THR B 453 15.09 29.47 32.12
C THR B 453 13.61 29.79 32.31
N PRO B 454 13.24 31.06 32.54
CA PRO B 454 11.81 31.38 32.70
C PRO B 454 10.99 31.00 31.48
N GLN B 455 11.57 31.09 30.29
CA GLN B 455 10.85 30.66 29.10
C GLN B 455 10.56 29.18 29.23
N MET B 456 11.59 28.40 29.58
CA MET B 456 11.39 26.96 29.73
C MET B 456 10.31 26.67 30.77
N ALA B 457 10.30 27.43 31.87
CA ALA B 457 9.27 27.23 32.89
C ALA B 457 7.89 27.52 32.32
N THR B 458 7.76 28.58 31.54
CA THR B 458 6.47 28.88 30.92
C THR B 458 6.03 27.78 29.96
N SER B 459 6.97 27.29 29.15
CA SER B 459 6.63 26.19 28.24
C SER B 459 6.18 24.96 29.01
N ILE B 460 6.88 24.64 30.10
CA ILE B 460 6.52 23.47 30.90
C ILE B 460 5.15 23.66 31.52
N THR B 461 4.84 24.87 32.01
CA THR B 461 3.54 25.11 32.60
C THR B 461 2.42 24.96 31.57
N ALA B 462 2.62 25.53 30.38
CA ALA B 462 1.60 25.41 29.34
C ALA B 462 1.42 23.95 28.93
N SER B 463 2.52 23.20 28.80
CA SER B 463 2.42 21.79 28.46
C SER B 463 1.68 21.02 29.55
N ILE B 464 1.94 21.35 30.82
CA ILE B 464 1.26 20.67 31.92
C ILE B 464 -0.24 20.91 31.85
N ILE B 465 -0.64 22.16 31.63
CA ILE B 465 -2.05 22.47 31.53
C ILE B 465 -2.68 21.73 30.36
N SER B 466 -2.00 21.74 29.21
CA SER B 466 -2.55 21.06 28.04
C SER B 466 -2.69 19.56 28.29
N PHE B 467 -1.70 18.96 28.93
CA PHE B 467 -1.77 17.53 29.23
C PHE B 467 -2.91 17.23 30.17
N ILE B 468 -3.13 18.09 31.17
CA ILE B 468 -4.25 17.90 32.08
C ILE B 468 -5.57 17.92 31.31
N ILE B 469 -5.74 18.90 30.43
CA ILE B 469 -6.99 19.00 29.70
C ILE B 469 -7.16 17.82 28.75
N ILE B 470 -6.07 17.34 28.15
CA ILE B 470 -6.14 16.17 27.29
C ILE B 470 -6.59 14.95 28.08
N MET B 471 -6.03 14.76 29.27
CA MET B 471 -6.45 13.64 30.10
C MET B 471 -7.93 13.77 30.48
N ILE B 472 -8.40 14.99 30.72
CA ILE B 472 -9.81 15.18 31.03
C ILE B 472 -10.67 14.78 29.83
N LEU B 473 -10.32 15.26 28.64
CA LEU B 473 -11.15 15.01 27.46
C LEU B 473 -11.03 13.57 26.94
N ASN B 474 -10.02 12.83 27.38
CA ASN B 474 -9.88 11.45 26.92
C ASN B 474 -11.10 10.61 27.31
N THR B 475 -11.54 10.73 28.56
CA THR B 475 -12.69 9.95 28.99
C THR B 475 -13.97 10.37 28.27
N ILE B 476 -14.14 11.66 28.02
CA ILE B 476 -15.30 12.13 27.28
C ILE B 476 -15.29 11.53 25.87
N TYR B 477 -14.14 11.54 25.22
CA TYR B 477 -14.06 10.97 23.87
C TYR B 477 -14.33 9.47 23.90
N GLU B 478 -13.83 8.77 24.92
CA GLU B 478 -14.14 7.35 25.05
C GLU B 478 -15.64 7.13 25.15
N LYS B 479 -16.31 7.88 26.02
CA LYS B 479 -17.75 7.70 26.20
C LYS B 479 -18.51 7.99 24.92
N VAL B 480 -18.14 9.06 24.21
CA VAL B 480 -18.84 9.40 22.98
C VAL B 480 -18.60 8.34 21.92
N ALA B 481 -17.39 7.76 21.86
CA ALA B 481 -17.17 6.66 20.93
C ALA B 481 -18.05 5.46 21.28
N ILE B 482 -18.18 5.17 22.58
CA ILE B 482 -19.06 4.08 23.00
C ILE B 482 -20.49 4.34 22.53
N MET B 483 -20.98 5.55 22.75
CA MET B 483 -22.35 5.86 22.33
C MET B 483 -22.52 5.75 20.82
N ILE B 484 -21.55 6.28 20.06
CA ILE B 484 -21.67 6.24 18.60
C ILE B 484 -21.69 4.80 18.11
N THR B 485 -20.80 3.96 18.63
CA THR B 485 -20.79 2.57 18.18
C THR B 485 -22.01 1.80 18.66
N ASN B 486 -22.56 2.12 19.82
CA ASN B 486 -23.72 1.40 20.33
C ASN B 486 -24.99 1.75 19.59
N PHE B 487 -25.14 3.01 19.17
CA PHE B 487 -26.34 3.40 18.44
C PHE B 487 -26.45 2.62 17.14
N GLU B 488 -25.34 2.42 16.44
CA GLU B 488 -25.34 1.54 15.29
C GLU B 488 -25.60 0.10 15.74
N LEU B 489 -25.88 -0.76 14.76
CA LEU B 489 -26.21 -2.16 15.01
C LEU B 489 -25.10 -3.06 14.50
N PRO B 490 -24.02 -3.26 15.26
CA PRO B 490 -22.99 -4.21 14.82
C PRO B 490 -23.58 -5.60 14.65
N ARG B 491 -23.13 -6.28 13.59
CA ARG B 491 -23.66 -7.62 13.31
C ARG B 491 -23.28 -8.59 14.41
N THR B 492 -22.00 -8.63 14.78
CA THR B 492 -21.49 -9.58 15.75
C THR B 492 -20.47 -8.91 16.64
N GLN B 493 -19.94 -9.66 17.61
CA GLN B 493 -19.00 -9.11 18.56
C GLN B 493 -17.77 -8.56 17.84
N THR B 494 -17.26 -9.28 16.84
CA THR B 494 -16.08 -8.83 16.13
C THR B 494 -16.33 -7.51 15.42
N ASP B 495 -17.50 -7.34 14.80
CA ASP B 495 -17.80 -6.10 14.11
C ASP B 495 -17.86 -4.93 15.08
N TYR B 496 -18.52 -5.11 16.23
CA TYR B 496 -18.55 -4.05 17.24
C TYR B 496 -17.13 -3.73 17.72
N GLU B 497 -16.33 -4.76 17.96
CA GLU B 497 -14.97 -4.54 18.42
C GLU B 497 -14.16 -3.75 17.41
N ASN B 498 -14.30 -4.08 16.12
CA ASN B 498 -13.52 -3.38 15.10
C ASN B 498 -14.00 -1.95 14.91
N SER B 499 -15.31 -1.73 14.94
CA SER B 499 -15.82 -0.36 14.83
C SER B 499 -15.34 0.48 16.01
N LEU B 500 -15.39 -0.09 17.23
CA LEU B 500 -14.87 0.62 18.39
C LEU B 500 -13.38 0.86 18.27
N THR B 501 -12.63 -0.12 17.75
CA THR B 501 -11.21 0.08 17.54
C THR B 501 -10.97 1.29 16.67
N MET B 502 -11.62 1.35 15.52
CA MET B 502 -11.40 2.46 14.60
C MET B 502 -11.79 3.78 15.25
N LYS B 503 -12.97 3.85 15.85
CA LYS B 503 -13.45 5.12 16.38
C LYS B 503 -12.59 5.59 17.55
N MET B 504 -12.29 4.68 18.48
CA MET B 504 -11.44 5.04 19.61
C MET B 504 -10.06 5.48 19.15
N PHE B 505 -9.47 4.77 18.19
CA PHE B 505 -8.14 5.16 17.74
C PHE B 505 -8.16 6.52 17.08
N LEU B 506 -9.15 6.80 16.24
CA LEU B 506 -9.21 8.12 15.61
C LEU B 506 -9.40 9.22 16.65
N PHE B 507 -10.29 9.00 17.60
CA PHE B 507 -10.52 10.02 18.62
C PHE B 507 -9.26 10.28 19.43
N GLN B 508 -8.54 9.27 19.85
CA GLN B 508 -7.38 9.49 20.66
C GLN B 508 -6.24 10.00 19.79
N PHE B 509 -6.14 9.60 18.55
CA PHE B 509 -5.15 10.17 17.67
C PHE B 509 -5.31 11.68 17.58
N VAL B 510 -6.52 12.13 17.26
CA VAL B 510 -6.76 13.57 17.17
C VAL B 510 -6.49 14.24 18.51
N ASN B 511 -7.07 13.69 19.58
CA ASN B 511 -6.93 14.29 20.90
C ASN B 511 -5.48 14.47 21.32
N TYR B 512 -4.65 13.46 21.10
CA TYR B 512 -3.27 13.52 21.56
C TYR B 512 -2.39 14.34 20.62
N TYR B 513 -2.60 14.25 19.30
CA TYR B 513 -1.67 14.79 18.35
C TYR B 513 -2.10 16.12 17.74
N SER B 514 -3.28 16.65 18.08
CA SER B 514 -3.68 17.91 17.50
C SER B 514 -2.72 19.02 17.90
N SER B 515 -2.38 19.10 19.19
CA SER B 515 -1.48 20.15 19.65
C SER B 515 -0.09 19.97 19.05
N CYS B 516 0.41 18.74 18.99
CA CYS B 516 1.74 18.50 18.44
C CYS B 516 1.78 18.89 16.96
N PHE B 517 0.77 18.51 16.19
CA PHE B 517 0.74 18.88 14.78
C PHE B 517 0.61 20.38 14.61
N TYR B 518 -0.18 21.04 15.46
CA TYR B 518 -0.28 22.49 15.39
C TYR B 518 1.08 23.12 15.59
N ILE B 519 1.79 22.74 16.65
CA ILE B 519 3.11 23.29 16.92
C ILE B 519 4.04 23.02 15.75
N ALA B 520 3.98 21.80 15.20
CA ALA B 520 4.91 21.41 14.16
C ALA B 520 4.70 22.20 12.87
N PHE B 521 3.45 22.37 12.45
CA PHE B 521 3.17 22.85 11.10
C PHE B 521 2.42 24.17 11.04
N PHE B 522 1.41 24.37 11.88
CA PHE B 522 0.53 25.52 11.75
C PHE B 522 0.90 26.67 12.68
N LYS B 523 1.98 26.54 13.46
CA LYS B 523 2.39 27.57 14.40
C LYS B 523 3.54 28.38 13.82
N GLY B 524 3.33 29.69 13.72
CA GLY B 524 4.39 30.56 13.23
C GLY B 524 4.83 30.27 11.81
N LYS B 525 3.89 29.94 10.93
CA LYS B 525 4.19 29.67 9.54
C LYS B 525 3.43 30.56 8.55
N PHE B 526 2.39 31.25 9.00
CA PHE B 526 1.59 32.12 8.14
C PHE B 526 1.37 33.47 8.81
N VAL B 527 2.44 34.03 9.35
CA VAL B 527 2.42 35.36 9.95
C VAL B 527 3.24 36.30 9.07
N GLY B 528 2.65 37.44 8.73
CA GLY B 528 3.27 38.37 7.81
C GLY B 528 4.33 39.20 8.50
N TYR B 529 4.80 40.22 7.78
CA TYR B 529 5.80 41.11 8.31
C TYR B 529 5.18 42.04 9.36
N PRO B 530 6.00 42.64 10.22
CA PRO B 530 5.44 43.44 11.32
C PRO B 530 4.52 44.55 10.85
N GLY B 531 4.76 45.11 9.67
CA GLY B 531 3.88 46.16 9.17
C GLY B 531 2.45 45.69 8.99
N ASP B 532 2.27 44.45 8.52
CA ASP B 532 0.96 43.89 8.22
C ASP B 532 0.87 42.49 8.81
N PRO B 533 0.70 42.37 10.12
CA PRO B 533 0.58 41.04 10.74
C PRO B 533 -0.72 40.37 10.33
N VAL B 534 -0.79 39.07 10.58
CA VAL B 534 -1.95 38.25 10.24
C VAL B 534 -2.82 38.11 11.49
N TYR B 535 -3.92 38.84 11.53
CA TYR B 535 -4.95 38.66 12.54
C TYR B 535 -6.04 37.76 11.96
N LEU B 536 -6.25 36.61 12.60
CA LEU B 536 -7.19 35.63 12.05
C LEU B 536 -8.55 36.24 11.81
N LEU B 537 -9.22 36.70 12.87
CA LEU B 537 -10.53 37.33 12.73
C LEU B 537 -10.68 38.55 13.63
N GLY B 538 -9.60 39.03 14.25
CA GLY B 538 -9.67 40.18 15.13
C GLY B 538 -9.18 39.86 16.52
N LYS B 539 -8.17 40.61 16.99
CA LYS B 539 -7.55 40.46 18.31
C LYS B 539 -6.73 39.19 18.43
N TYR B 540 -6.70 38.34 17.40
CA TYR B 540 -5.99 37.06 17.44
C TYR B 540 -4.78 37.18 16.52
N ARG B 541 -3.67 37.67 17.07
CA ARG B 541 -2.41 37.70 16.35
C ARG B 541 -1.80 36.31 16.36
N SER B 542 -1.41 35.82 15.18
CA SER B 542 -0.85 34.48 15.08
C SER B 542 0.47 34.39 15.84
N GLU B 543 0.64 33.29 16.57
CA GLU B 543 1.88 33.05 17.28
C GLU B 543 3.00 32.74 16.30
N GLU B 544 4.21 33.13 16.69
CA GLU B 544 5.39 32.86 15.88
C GLU B 544 6.56 32.51 16.79
N CYS B 545 7.58 31.91 16.19
CA CYS B 545 8.64 31.22 16.90
C CYS B 545 9.86 32.13 17.06
N ASP B 546 10.92 31.58 17.64
CA ASP B 546 12.19 32.27 17.74
C ASP B 546 13.00 32.05 16.47
N PRO B 547 14.13 32.75 16.32
CA PRO B 547 14.94 32.56 15.11
C PRO B 547 15.33 31.11 14.86
N GLY B 548 15.65 30.35 15.91
CA GLY B 548 16.02 28.96 15.72
C GLY B 548 14.86 28.11 15.23
N GLY B 549 13.68 28.33 15.78
CA GLY B 549 12.50 27.56 15.44
C GLY B 549 11.80 27.03 16.67
N CYS B 550 10.60 26.50 16.43
CA CYS B 550 9.80 25.89 17.49
C CYS B 550 10.12 24.42 17.70
N LEU B 551 11.27 23.96 17.23
CA LEU B 551 11.65 22.56 17.45
C LEU B 551 11.73 22.25 18.93
N LEU B 552 12.31 23.16 19.72
CA LEU B 552 12.43 22.91 21.15
C LEU B 552 11.06 22.94 21.83
N GLU B 553 10.18 23.84 21.41
CA GLU B 553 8.83 23.86 21.97
C GLU B 553 8.11 22.55 21.67
N LEU B 554 8.22 22.05 20.44
CA LEU B 554 7.61 20.78 20.10
C LEU B 554 8.21 19.64 20.92
N THR B 555 9.53 19.65 21.10
CA THR B 555 10.17 18.59 21.88
C THR B 555 9.67 18.61 23.32
N THR B 556 9.54 19.82 23.90
CA THR B 556 9.08 19.95 25.27
C THR B 556 7.67 19.44 25.41
N GLN B 557 6.80 19.86 24.50
CA GLN B 557 5.41 19.43 24.55
C GLN B 557 5.31 17.91 24.41
N LEU B 558 6.05 17.34 23.46
CA LEU B 558 5.97 15.92 23.20
C LEU B 558 6.48 15.12 24.39
N THR B 559 7.64 15.49 24.93
CA THR B 559 8.18 14.74 26.06
C THR B 559 7.28 14.85 27.29
N ILE B 560 6.73 16.05 27.54
CA ILE B 560 5.81 16.19 28.66
C ILE B 560 4.60 15.29 28.47
N ILE B 561 3.97 15.36 27.30
CA ILE B 561 2.80 14.54 27.04
C ILE B 561 3.11 13.07 27.26
N MET B 562 4.20 12.60 26.64
CA MET B 562 4.49 11.17 26.67
C MET B 562 4.83 10.70 28.08
N GLY B 563 5.72 11.41 28.77
CA GLY B 563 6.09 11.01 30.10
C GLY B 563 4.94 11.10 31.09
N GLY B 564 4.17 12.18 31.03
CA GLY B 564 3.02 12.31 31.92
C GLY B 564 1.98 11.23 31.66
N LYS B 565 1.80 10.78 30.43
CA LYS B 565 0.82 9.78 30.15
C LYS B 565 1.31 8.49 30.64
N ALA B 566 2.58 8.23 30.46
CA ALA B 566 3.12 6.99 31.01
C ALA B 566 2.91 6.92 32.52
N ILE B 567 3.32 7.98 33.23
CA ILE B 567 3.28 7.94 34.69
C ILE B 567 1.84 7.85 35.17
N TRP B 568 0.96 8.73 34.68
CA TRP B 568 -0.42 8.74 35.14
C TRP B 568 -1.12 7.43 34.80
N ASN B 569 -0.89 6.90 33.60
CA ASN B 569 -1.51 5.64 33.21
C ASN B 569 -1.06 4.52 34.12
N ASN B 570 0.24 4.45 34.42
CA ASN B 570 0.72 3.39 35.30
C ASN B 570 0.11 3.52 36.69
N ILE B 571 0.05 4.73 37.22
CA ILE B 571 -0.50 4.92 38.57
C ILE B 571 -1.97 4.52 38.59
N GLN B 572 -2.73 4.97 37.60
CA GLN B 572 -4.15 4.62 37.55
C GLN B 572 -4.36 3.12 37.42
N GLU B 573 -3.60 2.48 36.54
CA GLU B 573 -3.72 1.04 36.35
C GLU B 573 -3.43 0.31 37.65
N VAL B 574 -2.37 0.71 38.36
CA VAL B 574 -2.00 0.01 39.59
C VAL B 574 -3.06 0.24 40.67
N LEU B 575 -3.62 1.45 40.73
CA LEU B 575 -4.44 1.83 41.88
C LEU B 575 -5.91 1.48 41.72
N LEU B 576 -6.55 1.91 40.62
CA LEU B 576 -8.01 1.90 40.54
C LEU B 576 -8.61 0.53 40.88
N PRO B 577 -8.14 -0.59 40.31
CA PRO B 577 -8.67 -1.89 40.78
C PRO B 577 -8.41 -2.12 42.26
N TRP B 578 -7.25 -1.69 42.75
CA TRP B 578 -6.92 -1.90 44.16
C TRP B 578 -7.84 -1.09 45.06
N VAL B 579 -8.07 0.19 44.73
CA VAL B 579 -8.96 1.00 45.56
C VAL B 579 -10.39 0.49 45.48
N MET B 580 -10.80 0.00 44.30
CA MET B 580 -12.13 -0.59 44.20
C MET B 580 -12.26 -1.80 45.10
N ASN B 581 -11.24 -2.66 45.14
CA ASN B 581 -11.26 -3.82 46.01
C ASN B 581 -11.32 -3.40 47.48
N LEU B 582 -10.54 -2.38 47.86
CA LEU B 582 -10.57 -1.93 49.24
C LEU B 582 -11.92 -1.32 49.61
N ILE B 583 -12.56 -0.61 48.68
CA ILE B 583 -13.91 -0.11 48.96
C ILE B 583 -14.87 -1.27 49.12
N GLY B 584 -14.77 -2.28 48.26
CA GLY B 584 -15.63 -3.45 48.41
C GLY B 584 -15.46 -4.09 49.77
N ARG B 585 -14.22 -4.19 50.26
CA ARG B 585 -14.00 -4.71 51.60
C ARG B 585 -14.59 -3.80 52.66
N TYR B 586 -14.40 -2.48 52.50
CA TYR B 586 -14.93 -1.53 53.46
C TYR B 586 -16.45 -1.59 53.54
N LYS B 587 -17.11 -2.07 52.50
CA LYS B 587 -18.54 -2.30 52.60
C LYS B 587 -18.89 -3.41 53.60
N ARG B 588 -17.89 -4.03 54.22
CA ARG B 588 -18.06 -5.06 55.24
C ARG B 588 -17.14 -4.77 56.43
N VAL B 589 -17.19 -3.53 56.93
CA VAL B 589 -16.31 -3.08 58.00
C VAL B 589 -16.27 -4.04 59.19
N SER B 590 -17.28 -4.90 59.33
CA SER B 590 -17.27 -5.87 60.41
C SER B 590 -16.00 -6.71 60.35
N GLY B 591 -15.39 -6.92 61.51
CA GLY B 591 -14.13 -7.65 61.57
C GLY B 591 -14.28 -9.13 61.34
N SER B 592 -14.63 -9.50 60.10
CA SER B 592 -14.78 -10.91 59.77
C SER B 592 -13.51 -11.69 60.08
N GLU B 593 -12.44 -11.39 59.36
CA GLU B 593 -11.14 -12.02 59.58
C GLU B 593 -11.29 -13.53 59.80
N LYS B 594 -11.82 -14.20 58.78
CA LYS B 594 -12.07 -15.64 58.85
C LYS B 594 -11.71 -16.25 57.50
N ILE B 595 -12.08 -17.51 57.31
CA ILE B 595 -11.72 -18.28 56.13
C ILE B 595 -12.95 -18.39 55.23
N THR B 596 -12.80 -17.94 53.98
CA THR B 596 -13.84 -18.06 52.98
C THR B 596 -13.37 -18.99 51.86
N PRO B 597 -14.30 -19.61 51.14
CA PRO B 597 -13.90 -20.54 50.07
C PRO B 597 -13.35 -19.79 48.86
N ARG B 598 -12.72 -20.56 47.98
CA ARG B 598 -12.06 -19.97 46.81
C ARG B 598 -13.03 -19.11 46.01
N TRP B 599 -14.21 -19.66 45.69
CA TRP B 599 -15.14 -18.95 44.82
C TRP B 599 -15.59 -17.63 45.44
N GLU B 600 -15.88 -17.64 46.74
CA GLU B 600 -16.41 -16.44 47.38
C GLU B 600 -15.38 -15.31 47.33
N GLN B 601 -14.11 -15.62 47.61
CA GLN B 601 -13.09 -14.58 47.63
C GLN B 601 -12.66 -14.17 46.22
N ASP B 602 -12.78 -15.06 45.23
CA ASP B 602 -12.57 -14.63 43.85
C ASP B 602 -13.70 -13.75 43.36
N TYR B 603 -14.90 -13.93 43.91
CA TYR B 603 -16.02 -13.09 43.50
C TYR B 603 -15.81 -11.62 43.86
N HIS B 604 -14.93 -11.34 44.83
CA HIS B 604 -14.70 -9.97 45.28
C HIS B 604 -13.77 -9.19 44.37
N LEU B 605 -13.09 -9.84 43.43
CA LEU B 605 -12.21 -9.14 42.50
C LEU B 605 -13.06 -8.36 41.49
N GLN B 606 -12.38 -7.63 40.61
CA GLN B 606 -13.07 -6.82 39.62
C GLN B 606 -13.46 -7.66 38.42
N PRO B 607 -14.47 -7.23 37.65
CA PRO B 607 -14.99 -8.08 36.59
C PRO B 607 -14.16 -8.12 35.32
N MET B 608 -13.27 -7.14 35.09
CA MET B 608 -12.44 -7.12 33.88
C MET B 608 -13.34 -7.10 32.63
N GLY B 609 -14.01 -5.96 32.46
CA GLY B 609 -15.05 -5.83 31.46
C GLY B 609 -14.72 -6.48 30.13
N LYS B 610 -15.75 -6.88 29.39
CA LYS B 610 -15.58 -7.83 28.31
C LYS B 610 -14.73 -7.29 27.16
N LEU B 611 -14.45 -6.00 27.13
CA LEU B 611 -13.55 -5.47 26.10
C LEU B 611 -12.17 -6.11 26.20
N GLY B 612 -11.65 -6.24 27.41
CA GLY B 612 -10.42 -6.99 27.63
C GLY B 612 -9.19 -6.12 27.49
N LEU B 613 -8.24 -6.57 26.66
CA LEU B 613 -7.00 -5.87 26.42
C LEU B 613 -7.14 -4.75 25.40
N PHE B 614 -8.37 -4.32 25.13
CA PHE B 614 -8.59 -3.23 24.19
C PHE B 614 -7.83 -1.99 24.61
N TYR B 615 -7.94 -1.61 25.88
CA TYR B 615 -7.28 -0.38 26.35
C TYR B 615 -5.78 -0.55 26.44
N GLU B 616 -5.30 -1.74 26.78
CA GLU B 616 -3.86 -1.98 26.77
C GLU B 616 -3.29 -1.77 25.38
N TYR B 617 -3.93 -2.37 24.37
CA TYR B 617 -3.48 -2.19 23.00
C TYR B 617 -3.60 -0.73 22.59
N LEU B 618 -4.65 -0.05 23.01
CA LEU B 618 -4.83 1.36 22.64
C LEU B 618 -3.69 2.22 23.19
N GLU B 619 -3.34 2.02 24.46
CA GLU B 619 -2.28 2.82 25.05
C GLU B 619 -0.93 2.49 24.40
N MET B 620 -0.66 1.22 24.12
CA MET B 620 0.59 0.89 23.46
C MET B 620 0.64 1.45 22.03
N ILE B 621 -0.50 1.50 21.34
CA ILE B 621 -0.53 2.06 20.00
C ILE B 621 -0.28 3.56 20.05
N ILE B 622 -0.84 4.23 21.06
CA ILE B 622 -0.57 5.67 21.21
C ILE B 622 0.91 5.89 21.48
N GLN B 623 1.50 5.05 22.33
CA GLN B 623 2.93 5.19 22.61
C GLN B 623 3.76 4.96 21.34
N PHE B 624 3.40 3.97 20.54
CA PHE B 624 4.11 3.72 19.29
C PHE B 624 3.96 4.90 18.33
N GLY B 625 2.76 5.48 18.27
CA GLY B 625 2.56 6.66 17.45
C GLY B 625 3.45 7.81 17.88
N PHE B 626 3.55 8.04 19.19
CA PHE B 626 4.47 9.08 19.68
C PHE B 626 5.91 8.74 19.33
N VAL B 627 6.29 7.48 19.45
CA VAL B 627 7.67 7.08 19.19
C VAL B 627 8.05 7.36 17.74
N THR B 628 7.17 7.02 16.80
CA THR B 628 7.53 7.05 15.39
C THR B 628 7.16 8.34 14.67
N LEU B 629 6.00 8.92 14.97
CA LEU B 629 5.51 10.03 14.17
C LEU B 629 6.42 11.25 14.27
N PHE B 630 6.88 11.59 15.47
CA PHE B 630 7.61 12.82 15.71
C PHE B 630 9.07 12.59 16.06
N VAL B 631 9.64 11.45 15.67
CA VAL B 631 10.97 11.07 16.13
C VAL B 631 12.07 11.96 15.55
N ALA B 632 11.74 12.87 14.65
CA ALA B 632 12.73 13.81 14.15
C ALA B 632 12.91 15.01 15.05
N SER B 633 12.15 15.09 16.15
CA SER B 633 12.27 16.19 17.11
C SER B 633 12.64 15.71 18.50
N PHE B 634 12.85 14.41 18.70
CA PHE B 634 13.13 13.90 20.03
C PHE B 634 13.84 12.56 19.94
N PRO B 635 15.18 12.52 19.87
CA PRO B 635 15.88 11.23 19.80
C PRO B 635 15.70 10.37 21.03
N LEU B 636 15.31 10.95 22.16
CA LEU B 636 15.19 10.20 23.41
C LEU B 636 13.83 9.55 23.59
N ALA B 637 12.90 9.76 22.66
CA ALA B 637 11.58 9.14 22.80
C ALA B 637 11.66 7.63 22.93
N PRO B 638 12.48 6.91 22.16
CA PRO B 638 12.61 5.46 22.41
C PRO B 638 13.06 5.12 23.82
N LEU B 639 13.89 5.94 24.46
CA LEU B 639 14.31 5.65 25.82
C LEU B 639 13.14 5.75 26.79
N LEU B 640 12.37 6.83 26.69
CA LEU B 640 11.17 6.95 27.52
C LEU B 640 10.24 5.77 27.28
N ALA B 641 10.03 5.41 26.01
CA ALA B 641 9.16 4.29 25.70
C ALA B 641 9.69 2.99 26.28
N LEU B 642 11.01 2.80 26.27
CA LEU B 642 11.60 1.59 26.82
C LEU B 642 11.36 1.50 28.32
N VAL B 643 11.64 2.57 29.05
CA VAL B 643 11.40 2.53 30.50
C VAL B 643 9.92 2.32 30.78
N ASN B 644 9.07 3.00 30.02
CA ASN B 644 7.63 2.85 30.21
C ASN B 644 7.19 1.42 29.97
N ASN B 645 7.72 0.77 28.95
CA ASN B 645 7.32 -0.60 28.65
C ASN B 645 7.88 -1.59 29.67
N ILE B 646 9.10 -1.36 30.14
CA ILE B 646 9.65 -2.22 31.18
C ILE B 646 8.79 -2.15 32.43
N LEU B 647 8.28 -0.96 32.74
CA LEU B 647 7.35 -0.86 33.86
C LEU B 647 5.99 -1.47 33.52
N GLU B 648 5.54 -1.29 32.27
CA GLU B 648 4.20 -1.71 31.89
C GLU B 648 4.05 -3.22 31.92
N ILE B 649 5.09 -3.95 31.50
CA ILE B 649 5.04 -5.40 31.59
C ILE B 649 4.55 -5.81 32.97
N ARG B 650 5.23 -5.33 34.01
CA ARG B 650 4.94 -5.75 35.36
C ARG B 650 3.67 -5.09 35.91
N VAL B 651 3.36 -3.87 35.49
CA VAL B 651 2.10 -3.25 35.91
C VAL B 651 0.92 -4.10 35.44
N ASP B 652 0.91 -4.44 34.15
CA ASP B 652 -0.17 -5.24 33.60
C ASP B 652 -0.18 -6.62 34.22
N ALA B 653 0.98 -7.25 34.39
CA ALA B 653 1.01 -8.58 34.99
C ALA B 653 0.45 -8.55 36.41
N TRP B 654 0.82 -7.54 37.19
CA TRP B 654 0.36 -7.45 38.56
C TRP B 654 -1.14 -7.21 38.63
N LYS B 655 -1.64 -6.23 37.87
CA LYS B 655 -3.07 -5.97 37.90
C LYS B 655 -3.89 -7.13 37.36
N LEU B 656 -3.29 -7.95 36.49
CA LEU B 656 -4.01 -9.10 35.93
C LEU B 656 -4.02 -10.27 36.90
N THR B 657 -2.90 -10.51 37.60
CA THR B 657 -2.83 -11.64 38.51
C THR B 657 -3.51 -11.37 39.84
N THR B 658 -3.52 -10.13 40.31
CA THR B 658 -3.86 -9.85 41.70
C THR B 658 -5.17 -9.11 41.90
N GLN B 659 -5.69 -8.41 40.88
CA GLN B 659 -6.89 -7.61 41.05
C GLN B 659 -7.87 -7.81 39.90
N PHE B 660 -8.04 -9.05 39.45
CA PHE B 660 -9.03 -9.33 38.42
C PHE B 660 -9.42 -10.80 38.43
N ARG B 661 -10.70 -11.04 38.16
CA ARG B 661 -11.19 -12.40 38.00
C ARG B 661 -10.59 -13.02 36.74
N ARG B 662 -10.50 -14.35 36.75
CA ARG B 662 -9.92 -15.05 35.60
C ARG B 662 -10.72 -14.75 34.35
N MET B 663 -10.06 -14.15 33.36
CA MET B 663 -10.67 -13.99 32.05
C MET B 663 -10.83 -15.36 31.40
N VAL B 664 -11.98 -15.56 30.76
CA VAL B 664 -12.19 -16.85 30.09
C VAL B 664 -11.18 -16.98 28.95
N PRO B 665 -10.37 -18.04 28.90
CA PRO B 665 -9.37 -18.14 27.83
C PRO B 665 -10.01 -18.22 26.46
N GLU B 666 -9.31 -17.68 25.46
CA GLU B 666 -9.71 -17.83 24.07
C GLU B 666 -8.43 -17.88 23.24
N LYS B 667 -8.57 -17.67 21.93
CA LYS B 667 -7.44 -17.69 21.02
C LYS B 667 -7.55 -16.52 20.04
N ALA B 668 -6.39 -16.08 19.56
CA ALA B 668 -6.33 -15.02 18.56
C ALA B 668 -5.10 -15.22 17.70
N GLN B 669 -5.28 -15.00 16.39
CA GLN B 669 -4.16 -15.11 15.46
C GLN B 669 -3.14 -14.01 15.72
N ASP B 670 -3.61 -12.77 15.80
CA ASP B 670 -2.75 -11.60 15.86
C ASP B 670 -3.19 -10.68 16.99
N ILE B 671 -2.62 -9.47 17.04
CA ILE B 671 -3.04 -8.51 18.04
C ILE B 671 -4.50 -8.12 17.82
N GLY B 672 -4.91 -8.00 16.56
CA GLY B 672 -6.30 -7.72 16.24
C GLY B 672 -6.46 -6.69 15.16
N ALA B 673 -7.42 -5.79 15.33
CA ALA B 673 -7.62 -4.70 14.38
C ALA B 673 -6.52 -3.65 14.47
N TRP B 674 -5.63 -3.76 15.45
CA TRP B 674 -4.59 -2.77 15.63
C TRP B 674 -3.47 -2.89 14.62
N GLN B 675 -3.22 -4.08 14.08
CA GLN B 675 -2.11 -4.24 13.14
C GLN B 675 -2.27 -3.35 11.91
N PRO B 676 -3.43 -3.26 11.28
CA PRO B 676 -3.61 -2.22 10.24
C PRO B 676 -3.34 -0.82 10.76
N ILE B 677 -3.67 -0.54 12.01
CA ILE B 677 -3.38 0.77 12.59
C ILE B 677 -1.86 0.98 12.63
N MET B 678 -1.12 -0.04 13.02
CA MET B 678 0.34 0.07 13.05
C MET B 678 0.90 0.28 11.64
N GLN B 679 0.36 -0.42 10.65
CA GLN B 679 0.80 -0.19 9.28
C GLN B 679 0.53 1.25 8.85
N GLY B 680 -0.66 1.76 9.15
CA GLY B 680 -0.96 3.14 8.79
C GLY B 680 -0.06 4.14 9.48
N ILE B 681 0.23 3.89 10.75
CA ILE B 681 1.15 4.76 11.48
C ILE B 681 2.52 4.75 10.84
N ALA B 682 3.00 3.56 10.46
CA ALA B 682 4.30 3.48 9.81
C ALA B 682 4.31 4.25 8.49
N ILE B 683 3.25 4.12 7.70
CA ILE B 683 3.19 4.81 6.42
C ILE B 683 3.18 6.32 6.62
N LEU B 684 2.37 6.80 7.58
CA LEU B 684 2.30 8.23 7.83
C LEU B 684 3.55 8.78 8.48
N ALA B 685 4.34 7.93 9.14
CA ALA B 685 5.53 8.40 9.84
C ALA B 685 6.54 8.99 8.88
N VAL B 686 6.72 8.38 7.70
CA VAL B 686 7.71 8.89 6.76
C VAL B 686 7.38 10.31 6.36
N VAL B 687 6.14 10.55 5.94
CA VAL B 687 5.76 11.88 5.50
C VAL B 687 5.78 12.87 6.66
N THR B 688 5.34 12.45 7.84
CA THR B 688 5.35 13.37 8.97
C THR B 688 6.77 13.77 9.35
N ASN B 689 7.70 12.81 9.38
CA ASN B 689 9.09 13.12 9.71
C ASN B 689 9.71 14.02 8.64
N ALA B 690 9.42 13.74 7.37
CA ALA B 690 9.96 14.58 6.31
C ALA B 690 9.46 16.01 6.46
N MET B 691 8.16 16.18 6.72
CA MET B 691 7.62 17.53 6.87
C MET B 691 8.18 18.22 8.10
N ILE B 692 8.35 17.49 9.20
CA ILE B 692 9.01 18.07 10.38
C ILE B 692 10.38 18.60 9.99
N ILE B 693 11.26 17.72 9.51
CA ILE B 693 12.64 18.11 9.23
C ILE B 693 12.68 19.24 8.21
N ALA B 694 11.69 19.31 7.31
CA ALA B 694 11.74 20.32 6.27
C ALA B 694 11.21 21.67 6.75
N PHE B 695 10.17 21.68 7.57
CA PHE B 695 9.47 22.91 7.89
C PHE B 695 9.71 23.40 9.31
N THR B 696 9.57 22.54 10.32
CA THR B 696 9.71 23.05 11.69
C THR B 696 11.17 23.26 12.06
N SER B 697 12.06 22.42 11.56
CA SER B 697 13.48 22.59 11.79
C SER B 697 14.06 23.57 10.78
N ASP B 698 15.13 24.26 11.19
CA ASP B 698 15.83 25.21 10.34
C ASP B 698 17.14 24.62 9.82
N MET B 699 17.22 23.30 9.68
CA MET B 699 18.41 22.68 9.11
C MET B 699 18.60 23.08 7.65
N ILE B 700 17.51 23.07 6.88
CA ILE B 700 17.58 23.33 5.44
C ILE B 700 18.05 24.76 5.19
N PRO B 701 17.52 25.77 5.89
CA PRO B 701 18.09 27.12 5.73
C PRO B 701 19.57 27.19 6.04
N ARG B 702 20.04 26.48 7.07
CA ARG B 702 21.45 26.47 7.38
C ARG B 702 22.26 25.88 6.24
N LEU B 703 21.80 24.75 5.70
CA LEU B 703 22.50 24.13 4.58
C LEU B 703 22.51 25.05 3.37
N VAL B 704 21.38 25.71 3.09
CA VAL B 704 21.31 26.60 1.93
C VAL B 704 22.28 27.76 2.11
N TYR B 705 22.37 28.32 3.31
CA TYR B 705 23.32 29.40 3.55
C TYR B 705 24.75 28.91 3.37
N TYR B 706 25.06 27.73 3.90
CA TYR B 706 26.43 27.24 3.82
C TYR B 706 26.82 26.90 2.39
N TRP B 707 25.86 26.54 1.53
CA TRP B 707 26.19 26.05 0.20
C TRP B 707 25.97 27.07 -0.91
N SER B 708 25.10 28.06 -0.72
CA SER B 708 24.74 28.95 -1.82
C SER B 708 24.63 30.42 -1.44
N PHE B 709 25.00 30.81 -0.22
CA PHE B 709 24.97 32.22 0.15
C PHE B 709 26.20 32.66 0.94
N SER B 710 27.16 31.77 1.18
CA SER B 710 28.45 32.13 1.77
C SER B 710 29.52 32.23 0.69
N ILE B 711 29.15 32.72 -0.49
CA ILE B 711 30.05 32.75 -1.64
C ILE B 711 30.03 34.14 -2.24
N PRO B 712 31.04 34.48 -3.04
CA PRO B 712 31.18 35.87 -3.51
C PRO B 712 29.95 36.36 -4.24
N PRO B 713 29.28 35.51 -5.05
CA PRO B 713 28.09 36.01 -5.76
C PRO B 713 27.04 36.63 -4.84
N TYR B 714 26.82 36.04 -3.67
CA TYR B 714 25.90 36.58 -2.68
C TYR B 714 26.59 36.91 -1.36
N GLY B 715 27.40 36.00 -0.84
CA GLY B 715 28.15 36.23 0.37
C GLY B 715 29.51 36.86 0.08
N ASP B 716 30.38 36.81 1.09
CA ASP B 716 31.71 37.35 0.99
C ASP B 716 32.82 36.36 1.29
N HIS B 717 32.52 35.27 2.01
CA HIS B 717 33.55 34.31 2.37
C HIS B 717 34.12 33.64 1.14
N THR B 718 35.45 33.51 1.10
CA THR B 718 36.09 32.83 -0.02
C THR B 718 35.68 31.36 -0.09
N TYR B 719 35.60 30.71 1.07
CA TYR B 719 35.22 29.30 1.15
C TYR B 719 33.94 29.17 1.95
N TYR B 720 33.26 28.04 1.77
CA TYR B 720 32.02 27.78 2.50
C TYR B 720 32.28 27.78 4.00
N THR B 721 31.43 28.48 4.74
CA THR B 721 31.51 28.52 6.19
C THR B 721 30.21 29.11 6.72
N MET B 722 29.89 28.80 7.97
CA MET B 722 28.65 29.23 8.58
C MET B 722 28.75 30.60 9.25
N ASP B 723 29.87 31.29 9.08
CA ASP B 723 30.04 32.60 9.71
C ASP B 723 29.08 33.61 9.09
N GLY B 724 28.66 34.57 9.90
CA GLY B 724 27.76 35.61 9.45
C GLY B 724 26.39 35.08 9.09
N TYR B 725 26.08 33.86 9.53
CA TYR B 725 24.83 33.22 9.16
C TYR B 725 23.64 33.97 9.76
N ILE B 726 23.68 34.25 11.07
CA ILE B 726 22.53 34.83 11.74
C ILE B 726 22.25 36.23 11.19
N ASN B 727 23.27 37.06 11.13
CA ASN B 727 23.09 38.43 10.68
C ASN B 727 22.54 38.50 9.27
N ASN B 728 23.06 37.67 8.39
CA ASN B 728 22.64 37.71 6.99
C ASN B 728 21.27 37.10 6.79
N THR B 729 20.90 36.11 7.61
CA THR B 729 19.62 35.42 7.41
C THR B 729 18.45 36.33 7.74
N LEU B 730 18.52 37.05 8.86
CA LEU B 730 17.39 37.85 9.33
C LEU B 730 16.98 38.90 8.28
N SER B 731 15.80 39.47 8.50
CA SER B 731 15.28 40.56 7.69
C SER B 731 15.28 41.85 8.50
N VAL B 732 14.82 42.93 7.87
CA VAL B 732 14.76 44.24 8.53
C VAL B 732 13.40 44.84 8.24
N PHE B 733 12.97 45.76 9.11
CA PHE B 733 11.69 46.43 8.97
C PHE B 733 11.80 47.85 9.50
N ASN B 734 11.33 48.80 8.70
CA ASN B 734 11.35 50.20 9.10
C ASN B 734 10.21 50.36 10.08
N ILE B 735 10.48 50.87 11.27
CA ILE B 735 9.44 50.89 12.28
C ILE B 735 8.33 51.86 11.91
N THR B 736 8.68 53.03 11.38
CA THR B 736 7.65 53.98 10.98
C THR B 736 6.86 53.49 9.78
N ASP B 737 7.31 52.42 9.12
CA ASP B 737 6.60 51.85 7.98
C ASP B 737 5.47 50.90 8.39
N PHE B 738 5.02 50.98 9.65
CA PHE B 738 3.86 50.23 10.09
C PHE B 738 2.59 50.88 9.56
N LYS B 739 1.95 50.24 8.58
CA LYS B 739 0.78 50.81 7.94
C LYS B 739 -0.47 50.51 8.77
N ASN B 740 -1.64 50.72 8.17
CA ASN B 740 -2.93 50.44 8.80
C ASN B 740 -3.24 51.47 9.87
N THR B 741 -4.50 51.89 9.95
CA THR B 741 -4.93 52.92 10.90
C THR B 741 -5.34 52.36 12.25
N ASP B 742 -5.57 51.05 12.35
CA ASP B 742 -5.93 50.44 13.62
C ASP B 742 -4.68 50.21 14.46
N LYS B 743 -4.69 50.72 15.69
CA LYS B 743 -3.56 50.59 16.61
C LYS B 743 -2.29 51.18 15.99
N GLU B 744 -2.36 52.51 15.78
CA GLU B 744 -1.28 53.22 15.12
C GLU B 744 0.02 53.26 15.93
N ASN B 745 -0.01 52.89 17.21
CA ASN B 745 1.15 53.01 18.08
C ASN B 745 1.40 51.68 18.80
N PRO B 746 1.73 50.62 18.05
CA PRO B 746 2.10 49.36 18.69
C PRO B 746 3.58 49.26 19.01
N TYR B 747 4.40 49.94 18.22
CA TYR B 747 5.85 49.81 18.28
C TYR B 747 6.55 51.12 18.67
N ILE B 748 6.06 52.25 18.18
CA ILE B 748 6.75 53.53 18.37
C ILE B 748 6.74 53.99 19.82
N GLY B 749 6.07 53.27 20.72
CA GLY B 749 5.99 53.72 22.10
C GLY B 749 7.36 53.90 22.74
N LEU B 750 8.26 52.94 22.52
CA LEU B 750 9.59 53.02 23.15
C LEU B 750 10.35 54.25 22.66
N GLY B 751 10.33 54.50 21.35
CA GLY B 751 11.05 55.64 20.81
C GLY B 751 12.54 55.59 21.05
N ASN B 752 13.14 54.41 20.87
CA ASN B 752 14.58 54.22 21.11
C ASN B 752 15.35 54.00 19.82
N TYR B 753 14.88 53.09 18.96
CA TYR B 753 15.51 52.86 17.66
C TYR B 753 14.48 53.06 16.55
N THR B 754 14.85 52.76 15.30
CA THR B 754 13.98 53.00 14.17
C THR B 754 13.83 51.81 13.22
N LEU B 755 14.43 50.67 13.53
CA LEU B 755 14.26 49.48 12.71
C LEU B 755 14.41 48.25 13.59
N CYS B 756 13.79 47.15 13.15
CA CYS B 756 13.77 45.92 13.93
C CYS B 756 13.96 44.73 13.00
N ARG B 757 14.56 43.66 13.55
CA ARG B 757 14.85 42.45 12.81
C ARG B 757 13.88 41.35 13.26
N TYR B 758 13.32 40.62 12.31
CA TYR B 758 12.40 39.53 12.59
C TYR B 758 12.77 38.30 11.77
N ARG B 759 12.42 37.13 12.29
CA ARG B 759 12.73 35.86 11.63
C ARG B 759 11.85 35.74 10.40
N ASP B 760 12.41 36.05 9.23
CA ASP B 760 11.70 35.94 7.97
C ASP B 760 12.70 36.24 6.86
N PHE B 761 12.38 35.75 5.67
CA PHE B 761 13.21 35.95 4.49
C PHE B 761 12.46 36.91 3.55
N ARG B 762 12.66 38.21 3.77
CA ARG B 762 11.97 39.23 3.00
C ARG B 762 12.95 40.34 2.66
N ASN B 763 12.62 41.09 1.62
CA ASN B 763 13.48 42.18 1.19
C ASN B 763 13.52 43.27 2.26
N PRO B 764 14.64 43.99 2.36
CA PRO B 764 14.73 45.05 3.36
C PRO B 764 13.96 46.28 2.93
N PRO B 765 13.82 47.27 3.81
CA PRO B 765 13.10 48.49 3.44
C PRO B 765 13.67 49.11 2.17
N GLY B 766 12.94 50.07 1.62
CA GLY B 766 13.28 50.55 0.29
C GLY B 766 13.10 49.43 -0.71
N HIS B 767 13.98 49.37 -1.70
CA HIS B 767 13.96 48.28 -2.66
C HIS B 767 12.71 48.35 -3.52
N PRO B 768 12.76 47.92 -4.79
CA PRO B 768 11.53 47.90 -5.59
C PRO B 768 10.44 47.03 -4.97
N GLN B 769 10.80 45.90 -4.37
CA GLN B 769 9.86 45.02 -3.68
C GLN B 769 10.20 45.07 -2.19
N GLU B 770 9.52 45.95 -1.48
CA GLU B 770 9.90 46.28 -0.11
C GLU B 770 9.93 45.05 0.79
N TYR B 771 8.78 44.42 1.02
CA TYR B 771 8.68 43.31 1.96
C TYR B 771 8.12 42.06 1.29
N LYS B 772 8.37 41.89 -0.01
CA LYS B 772 8.04 40.65 -0.69
C LYS B 772 9.20 39.68 -0.56
N HIS B 773 8.88 38.39 -0.58
CA HIS B 773 9.90 37.37 -0.36
C HIS B 773 11.03 37.52 -1.37
N ASN B 774 12.26 37.35 -0.90
CA ASN B 774 13.44 37.52 -1.71
C ASN B 774 13.91 36.18 -2.28
N ILE B 775 15.00 36.22 -3.02
CA ILE B 775 15.52 35.00 -3.66
C ILE B 775 15.86 33.96 -2.61
N TYR B 776 16.27 34.39 -1.41
CA TYR B 776 16.60 33.44 -0.36
C TYR B 776 15.38 32.62 0.04
N TYR B 777 14.23 33.27 0.18
CA TYR B 777 13.02 32.55 0.59
C TYR B 777 12.68 31.46 -0.41
N TRP B 778 12.71 31.79 -1.70
CA TRP B 778 12.29 30.83 -2.72
C TRP B 778 13.33 29.74 -2.89
N HIS B 779 14.62 30.10 -2.78
CA HIS B 779 15.66 29.06 -2.80
C HIS B 779 15.46 28.08 -1.66
N VAL B 780 15.16 28.59 -0.46
CA VAL B 780 14.99 27.71 0.69
C VAL B 780 13.72 26.87 0.53
N ILE B 781 12.66 27.45 -0.02
CA ILE B 781 11.42 26.71 -0.24
C ILE B 781 11.67 25.56 -1.21
N ALA B 782 12.37 25.86 -2.31
CA ALA B 782 12.67 24.81 -3.29
C ALA B 782 13.53 23.73 -2.65
N ALA B 783 14.51 24.12 -1.83
CA ALA B 783 15.34 23.12 -1.17
C ALA B 783 14.52 22.26 -0.22
N LYS B 784 13.61 22.88 0.53
CA LYS B 784 12.76 22.11 1.45
C LYS B 784 11.91 21.10 0.69
N LEU B 785 11.27 21.54 -0.39
CA LEU B 785 10.41 20.64 -1.16
C LEU B 785 11.23 19.52 -1.79
N ALA B 786 12.41 19.84 -2.33
CA ALA B 786 13.26 18.82 -2.91
C ALA B 786 13.69 17.81 -1.85
N PHE B 787 14.02 18.28 -0.66
CA PHE B 787 14.39 17.38 0.42
C PHE B 787 13.22 16.48 0.80
N ILE B 788 12.01 17.05 0.87
CA ILE B 788 10.83 16.24 1.17
C ILE B 788 10.69 15.13 0.14
N ILE B 789 10.77 15.48 -1.14
CA ILE B 789 10.60 14.49 -2.20
C ILE B 789 11.67 13.41 -2.09
N VAL B 790 12.94 13.84 -1.92
CA VAL B 790 14.04 12.89 -1.93
C VAL B 790 13.94 11.94 -0.75
N MET B 791 13.69 12.47 0.45
CA MET B 791 13.58 11.61 1.62
C MET B 791 12.39 10.67 1.50
N GLU B 792 11.24 11.18 1.10
CA GLU B 792 10.08 10.33 0.94
C GLU B 792 10.38 9.17 0.01
N HIS B 793 10.92 9.46 -1.18
CA HIS B 793 11.15 8.41 -2.16
C HIS B 793 12.21 7.43 -1.70
N ILE B 794 13.33 7.91 -1.15
CA ILE B 794 14.39 7.01 -0.74
C ILE B 794 13.93 6.12 0.41
N ILE B 795 13.26 6.70 1.40
CA ILE B 795 12.82 5.90 2.55
C ILE B 795 11.77 4.88 2.11
N TYR B 796 10.84 5.29 1.24
CA TYR B 796 9.84 4.34 0.77
C TYR B 796 10.48 3.21 0.00
N SER B 797 11.45 3.52 -0.87
CA SER B 797 12.12 2.48 -1.64
C SER B 797 12.90 1.53 -0.73
N VAL B 798 13.60 2.07 0.27
CA VAL B 798 14.37 1.23 1.17
C VAL B 798 13.43 0.35 2.00
N LYS B 799 12.30 0.89 2.42
CA LYS B 799 11.32 0.09 3.15
C LYS B 799 10.78 -1.02 2.27
N PHE B 800 10.47 -0.71 1.01
CA PHE B 800 9.96 -1.73 0.10
C PHE B 800 10.99 -2.84 -0.10
N PHE B 801 12.26 -2.48 -0.30
CA PHE B 801 13.28 -3.50 -0.51
C PHE B 801 13.55 -4.30 0.75
N ILE B 802 13.49 -3.67 1.93
CA ILE B 802 13.67 -4.42 3.18
C ILE B 802 12.53 -5.41 3.35
N SER B 803 11.29 -4.98 3.08
CA SER B 803 10.16 -5.89 3.19
C SER B 803 10.29 -7.05 2.20
N TYR B 804 10.69 -6.75 0.96
CA TYR B 804 10.82 -7.82 -0.03
C TYR B 804 11.91 -8.81 0.35
N ALA B 805 13.05 -8.31 0.84
CA ALA B 805 14.17 -9.19 1.15
C ALA B 805 13.83 -10.15 2.27
N ILE B 806 13.13 -9.68 3.29
CA ILE B 806 12.86 -10.48 4.49
C ILE B 806 11.99 -11.68 4.12
N PRO B 807 12.40 -12.92 4.45
CA PRO B 807 11.59 -14.08 4.05
C PRO B 807 10.25 -14.17 4.77
N ASP B 808 10.08 -13.48 5.90
CA ASP B 808 8.88 -13.43 6.71
C ASP B 808 8.70 -14.70 7.55
N VAL B 809 9.58 -15.69 7.43
CA VAL B 809 9.51 -16.90 8.25
C VAL B 809 10.93 -17.40 8.47
N SER B 810 11.23 -17.74 9.73
CA SER B 810 12.57 -18.17 10.07
C SER B 810 12.87 -19.55 9.48
N LYS B 811 14.17 -19.83 9.31
CA LYS B 811 14.56 -21.10 8.71
C LYS B 811 14.17 -22.28 9.58
N ILE B 812 14.29 -22.14 10.91
CA ILE B 812 13.88 -23.21 11.80
C ILE B 812 12.39 -23.49 11.64
N THR B 813 11.58 -22.43 11.56
CA THR B 813 10.14 -22.62 11.35
C THR B 813 9.87 -23.35 10.05
N LYS B 814 10.57 -22.96 8.97
CA LYS B 814 10.38 -23.64 7.69
C LYS B 814 10.74 -25.12 7.80
N SER B 815 11.83 -25.43 8.50
CA SER B 815 12.22 -26.83 8.66
C SER B 815 11.17 -27.62 9.43
N LYS B 816 10.68 -27.05 10.54
CA LYS B 816 9.71 -27.77 11.35
C LYS B 816 8.34 -27.81 10.68
N ILE B 817 7.89 -26.70 10.13
CA ILE B 817 6.57 -26.64 9.50
C ILE B 817 6.53 -27.56 8.29
#